data_5WNF
#
_entry.id   5WNF
#
_cell.length_a   162.905
_cell.length_b   82.292
_cell.length_c   169.739
_cell.angle_alpha   90.00
_cell.angle_beta   115.87
_cell.angle_gamma   90.00
#
_symmetry.space_group_name_H-M   'C 1 2 1'
#
loop_
_entity.id
_entity.type
_entity.pdbx_description
1 polymer 'Rho-associated protein kinase 1'
2 non-polymer 1-(4-amino-1,2,5-oxadiazol-3-yl)-5-methyl-N-({3-[(5-methyl-4,5,6,7-tetrahydro[1,3]thiazolo[5,4-c]pyridin-2-yl)carbamoyl]phenyl}methyl)-1H-1,2,3-triazole-4-carboxamide
3 non-polymer GLYCEROL
4 water water
#
_entity_poly.entity_id   1
_entity_poly.type   'polypeptide(L)'
_entity_poly.pdbx_seq_one_letter_code
;GSLHMSFETRFEKMDNLLRDPKSEVNSDCLLDGLDALVYDLDFPALRKNKNIDNFLSRYKDTINKIRDLRMKAEDYEVVK
VIGRGAFGEVQLVRHKSTRKVYAMKLLSKFEMIKRSDSAFFWEERDIMAFANSPWVVQLFYAFQDDRYLYMVMEYMPGGD
LVNLMSNYDVPEKWARFYTAEVVLALDAIHSMGFIHRDVKPDNMLLDKSGHLKLADFGTCMKMNKEGMVRCDTAVGTPDY
ISPEVLKSQGGDGYYGRECDWWSVGVFLYEMLVGDTPFYADSLVGTYSKIMNHKNSLTFPDDNDISKEAKNLICAFLTDR
EVRLGRNGVEEIKRHLFFKNDQWAWETLRDTVAPVVPDLSSDIDTSNFDDLEEDKGEEETFPIPKAFVGNQLPFVGFTYY
SNRRYLSSANPNDNR
;
_entity_poly.pdbx_strand_id   A,B,C,D
#
loop_
_chem_comp.id
_chem_comp.type
_chem_comp.name
_chem_comp.formula
B4V non-polymer 1-(4-amino-1,2,5-oxadiazol-3-yl)-5-methyl-N-({3-[(5-methyl-4,5,6,7-tetrahydro[1,3]thiazolo[5,4-c]pyridin-2-yl)carbamoyl]phenyl}methyl)-1H-1,2,3-triazole-4-carboxamide 'C21 H22 N10 O3 S'
GOL non-polymer GLYCEROL 'C3 H8 O3'
#
# COMPACT_ATOMS: atom_id res chain seq x y z
N PHE A 7 5.85 34.64 -11.71
CA PHE A 7 6.68 34.64 -12.91
C PHE A 7 8.11 34.18 -12.59
N GLU A 8 8.82 34.91 -11.70
CA GLU A 8 10.19 34.60 -11.27
C GLU A 8 10.25 33.45 -10.27
N THR A 9 9.21 33.32 -9.42
CA THR A 9 9.07 32.31 -8.37
C THR A 9 8.87 30.87 -8.92
N ARG A 10 8.73 30.69 -10.26
CA ARG A 10 8.49 29.40 -10.88
C ARG A 10 9.41 29.05 -12.07
N PHE A 11 9.77 30.06 -12.91
CA PHE A 11 10.60 29.91 -14.12
C PHE A 11 11.85 29.04 -13.96
N GLU A 12 12.58 29.19 -12.84
CA GLU A 12 13.81 28.45 -12.55
C GLU A 12 13.59 26.93 -12.49
N LYS A 13 12.61 26.48 -11.69
CA LYS A 13 12.25 25.07 -11.49
C LYS A 13 11.74 24.39 -12.76
N MET A 14 11.03 25.13 -13.63
CA MET A 14 10.46 24.64 -14.89
C MET A 14 11.53 24.32 -15.95
N ASP A 15 12.55 25.19 -16.09
CA ASP A 15 13.63 25.03 -17.06
C ASP A 15 14.56 23.86 -16.69
N ASN A 16 14.72 23.59 -15.37
CA ASN A 16 15.54 22.49 -14.85
C ASN A 16 14.93 21.15 -15.29
N LEU A 17 13.60 21.06 -15.24
CA LEU A 17 12.80 19.89 -15.60
C LEU A 17 12.95 19.47 -17.07
N LEU A 18 13.11 20.45 -17.98
CA LEU A 18 13.25 20.20 -19.42
C LEU A 18 14.66 19.82 -19.87
N ARG A 19 15.70 20.27 -19.14
CA ARG A 19 17.11 20.02 -19.46
C ARG A 19 17.71 18.78 -18.77
N ASP A 20 17.30 18.53 -17.51
CA ASP A 20 17.78 17.43 -16.66
C ASP A 20 17.65 16.05 -17.33
N PRO A 21 18.77 15.31 -17.57
CA PRO A 21 18.66 13.98 -18.22
C PRO A 21 17.93 12.93 -17.40
N LYS A 22 17.90 13.09 -16.05
CA LYS A 22 17.24 12.18 -15.12
C LYS A 22 15.73 12.51 -14.96
N SER A 23 15.28 13.64 -15.56
CA SER A 23 13.89 14.10 -15.51
C SER A 23 12.97 13.30 -16.41
N GLU A 24 11.74 13.06 -15.94
CA GLU A 24 10.70 12.30 -16.65
C GLU A 24 10.07 13.16 -17.77
N VAL A 25 10.24 14.49 -17.70
CA VAL A 25 9.66 15.43 -18.66
C VAL A 25 10.71 16.25 -19.43
N ASN A 26 11.89 15.66 -19.72
CA ASN A 26 12.90 16.34 -20.52
C ASN A 26 12.49 16.28 -22.01
N SER A 27 13.14 17.07 -22.87
CA SER A 27 12.85 17.18 -24.31
C SER A 27 12.62 15.84 -25.05
N ASP A 28 13.51 14.86 -24.84
CA ASP A 28 13.46 13.53 -25.45
C ASP A 28 12.26 12.71 -24.97
N CYS A 29 11.86 12.88 -23.69
CA CYS A 29 10.72 12.19 -23.10
C CYS A 29 9.40 12.76 -23.61
N LEU A 30 9.36 14.09 -23.84
CA LEU A 30 8.17 14.80 -24.33
C LEU A 30 7.91 14.47 -25.80
N LEU A 31 8.98 14.24 -26.57
CA LEU A 31 8.90 13.84 -27.98
C LEU A 31 8.36 12.42 -28.08
N ASP A 32 8.65 11.56 -27.07
CA ASP A 32 8.15 10.18 -26.98
C ASP A 32 6.64 10.17 -26.84
N GLY A 33 6.10 11.12 -26.07
CA GLY A 33 4.66 11.27 -25.83
C GLY A 33 3.89 11.53 -27.11
N LEU A 34 4.37 12.49 -27.92
CA LEU A 34 3.79 12.88 -29.20
C LEU A 34 3.94 11.75 -30.23
N ASP A 35 5.13 11.11 -30.25
CA ASP A 35 5.47 9.99 -31.13
C ASP A 35 4.55 8.79 -30.88
N ALA A 36 4.36 8.42 -29.59
CA ALA A 36 3.49 7.33 -29.14
C ALA A 36 2.05 7.60 -29.52
N LEU A 37 1.59 8.85 -29.33
CA LEU A 37 0.25 9.31 -29.66
C LEU A 37 -0.07 9.13 -31.15
N VAL A 38 0.89 9.50 -32.05
CA VAL A 38 0.76 9.36 -33.50
C VAL A 38 0.68 7.87 -33.89
N TYR A 39 1.50 7.00 -33.25
CA TYR A 39 1.51 5.56 -33.50
C TYR A 39 0.18 4.88 -33.09
N ASP A 40 -0.28 5.18 -31.85
CA ASP A 40 -1.49 4.61 -31.25
C ASP A 40 -2.83 5.11 -31.80
N LEU A 41 -2.84 6.28 -32.48
CA LEU A 41 -4.06 6.86 -33.03
C LEU A 41 -4.24 6.67 -34.54
N ASP A 42 -3.14 6.47 -35.29
CA ASP A 42 -3.18 6.35 -36.75
C ASP A 42 -3.66 4.99 -37.26
N PHE A 43 -4.99 4.78 -37.16
CA PHE A 43 -5.72 3.60 -37.62
C PHE A 43 -7.06 4.07 -38.17
N PRO A 44 -7.54 3.50 -39.31
CA PRO A 44 -8.80 3.98 -39.92
C PRO A 44 -10.03 4.03 -39.02
N ALA A 45 -10.18 3.07 -38.09
CA ALA A 45 -11.30 3.00 -37.14
C ALA A 45 -11.29 4.18 -36.16
N LEU A 46 -10.09 4.55 -35.67
CA LEU A 46 -9.88 5.64 -34.74
C LEU A 46 -9.96 7.01 -35.42
N ARG A 47 -9.56 7.06 -36.70
CA ARG A 47 -9.58 8.26 -37.55
C ARG A 47 -11.02 8.74 -37.86
N LYS A 48 -12.05 7.91 -37.55
CA LYS A 48 -13.46 8.26 -37.74
C LYS A 48 -13.85 9.39 -36.78
N ASN A 49 -13.12 9.51 -35.66
CA ASN A 49 -13.25 10.55 -34.63
C ASN A 49 -12.60 11.82 -35.19
N LYS A 50 -13.36 12.93 -35.25
CA LYS A 50 -12.93 14.24 -35.77
C LYS A 50 -11.70 14.79 -35.05
N ASN A 51 -11.66 14.64 -33.71
CA ASN A 51 -10.56 15.10 -32.85
C ASN A 51 -9.25 14.35 -33.15
N ILE A 52 -9.34 13.02 -33.35
CA ILE A 52 -8.19 12.15 -33.64
C ILE A 52 -7.67 12.41 -35.06
N ASP A 53 -8.59 12.52 -36.04
CA ASP A 53 -8.28 12.77 -37.45
C ASP A 53 -7.58 14.11 -37.68
N ASN A 54 -8.12 15.20 -37.10
CA ASN A 54 -7.57 16.54 -37.25
C ASN A 54 -6.21 16.71 -36.57
N PHE A 55 -5.99 16.06 -35.41
CA PHE A 55 -4.71 16.10 -34.69
C PHE A 55 -3.63 15.42 -35.53
N LEU A 56 -3.96 14.27 -36.17
CA LEU A 56 -3.05 13.51 -37.02
C LEU A 56 -2.70 14.27 -38.29
N SER A 57 -3.69 14.94 -38.93
CA SER A 57 -3.44 15.72 -40.15
C SER A 57 -2.52 16.91 -39.87
N ARG A 58 -2.53 17.41 -38.63
CA ARG A 58 -1.75 18.55 -38.18
C ARG A 58 -0.33 18.16 -37.72
N TYR A 59 -0.16 16.95 -37.11
CA TYR A 59 1.12 16.53 -36.55
C TYR A 59 1.86 15.37 -37.25
N LYS A 60 1.15 14.45 -37.93
CA LYS A 60 1.74 13.26 -38.59
C LYS A 60 2.94 13.57 -39.48
N ASP A 61 2.86 14.64 -40.31
CA ASP A 61 3.94 15.05 -41.20
C ASP A 61 5.18 15.56 -40.47
N THR A 62 5.00 16.39 -39.42
CA THR A 62 6.10 16.95 -38.62
C THR A 62 6.74 15.84 -37.73
N ILE A 63 5.94 14.84 -37.30
CA ILE A 63 6.42 13.69 -36.51
C ILE A 63 7.29 12.78 -37.40
N ASN A 64 6.96 12.69 -38.71
CA ASN A 64 7.72 11.94 -39.72
C ASN A 64 9.11 12.57 -39.90
N LYS A 65 9.20 13.92 -39.84
CA LYS A 65 10.44 14.68 -39.94
C LYS A 65 11.31 14.41 -38.70
N ILE A 66 10.67 14.38 -37.51
CA ILE A 66 11.28 14.10 -36.20
C ILE A 66 11.84 12.67 -36.14
N ARG A 67 11.07 11.69 -36.67
CA ARG A 67 11.46 10.28 -36.73
C ARG A 67 12.72 10.08 -37.57
N ASP A 68 12.88 10.90 -38.63
CA ASP A 68 14.03 10.89 -39.54
C ASP A 68 15.24 11.59 -38.91
N LEU A 69 15.02 12.69 -38.15
CA LEU A 69 16.07 13.45 -37.49
C LEU A 69 16.62 12.74 -36.25
N ARG A 70 15.75 12.14 -35.43
CA ARG A 70 16.12 11.44 -34.21
C ARG A 70 16.83 10.12 -34.49
N MET A 71 17.54 9.58 -33.47
CA MET A 71 18.25 8.31 -33.56
C MET A 71 17.29 7.17 -33.88
N LYS A 72 17.70 6.33 -34.83
CA LYS A 72 16.94 5.18 -35.33
C LYS A 72 17.88 4.00 -35.60
N ALA A 73 17.31 2.79 -35.74
CA ALA A 73 18.05 1.55 -36.01
C ALA A 73 18.89 1.60 -37.29
N GLU A 74 18.43 2.38 -38.30
CA GLU A 74 19.09 2.55 -39.61
C GLU A 74 20.44 3.29 -39.50
N ASP A 75 20.67 4.03 -38.38
CA ASP A 75 21.92 4.76 -38.11
C ASP A 75 23.06 3.80 -37.75
N TYR A 76 22.71 2.54 -37.47
CA TYR A 76 23.64 1.50 -37.04
C TYR A 76 23.76 0.37 -38.05
N GLU A 77 25.00 -0.10 -38.25
CA GLU A 77 25.34 -1.20 -39.14
C GLU A 77 25.51 -2.43 -38.25
N VAL A 78 24.66 -3.45 -38.44
CA VAL A 78 24.76 -4.68 -37.63
C VAL A 78 25.90 -5.56 -38.18
N VAL A 79 26.85 -5.88 -37.30
CA VAL A 79 28.04 -6.68 -37.61
C VAL A 79 27.77 -8.16 -37.32
N LYS A 80 27.23 -8.48 -36.13
CA LYS A 80 26.95 -9.86 -35.69
C LYS A 80 26.02 -9.87 -34.47
N VAL A 81 25.20 -10.94 -34.33
CA VAL A 81 24.35 -11.15 -33.16
C VAL A 81 25.27 -11.84 -32.14
N ILE A 82 25.54 -11.17 -31.01
CA ILE A 82 26.46 -11.65 -29.97
C ILE A 82 25.76 -12.12 -28.69
N GLY A 83 24.47 -11.81 -28.56
CA GLY A 83 23.67 -12.19 -27.40
C GLY A 83 22.20 -12.40 -27.70
N ARG A 84 21.50 -13.09 -26.80
CA ARG A 84 20.07 -13.38 -26.90
C ARG A 84 19.44 -13.54 -25.52
N GLY A 85 18.23 -13.02 -25.39
CA GLY A 85 17.44 -13.07 -24.17
C GLY A 85 16.00 -13.42 -24.47
N ALA A 86 15.15 -13.42 -23.44
CA ALA A 86 13.73 -13.76 -23.53
C ALA A 86 12.94 -12.86 -24.49
N PHE A 87 13.14 -11.53 -24.39
CA PHE A 87 12.41 -10.53 -25.18
C PHE A 87 13.23 -9.88 -26.31
N GLY A 88 14.39 -10.43 -26.64
CA GLY A 88 15.20 -9.88 -27.72
C GLY A 88 16.60 -10.44 -27.87
N GLU A 89 17.48 -9.65 -28.50
CA GLU A 89 18.89 -10.00 -28.78
C GLU A 89 19.83 -8.80 -28.64
N VAL A 90 21.14 -9.09 -28.52
CA VAL A 90 22.22 -8.10 -28.46
C VAL A 90 23.02 -8.22 -29.77
N GLN A 91 23.18 -7.10 -30.48
CA GLN A 91 23.92 -7.05 -31.74
C GLN A 91 25.15 -6.18 -31.61
N LEU A 92 26.27 -6.60 -32.23
CA LEU A 92 27.47 -5.78 -32.30
C LEU A 92 27.19 -4.82 -33.45
N VAL A 93 27.13 -3.52 -33.14
CA VAL A 93 26.81 -2.48 -34.12
C VAL A 93 27.95 -1.49 -34.29
N ARG A 94 27.92 -0.77 -35.42
CA ARG A 94 28.82 0.32 -35.74
C ARG A 94 27.96 1.48 -36.22
N HIS A 95 28.06 2.64 -35.54
CA HIS A 95 27.30 3.83 -35.91
C HIS A 95 27.84 4.32 -37.26
N LYS A 96 26.97 4.35 -38.29
CA LYS A 96 27.35 4.71 -39.67
C LYS A 96 28.01 6.09 -39.82
N SER A 97 27.63 7.07 -38.98
CA SER A 97 28.16 8.43 -39.01
C SER A 97 29.46 8.61 -38.21
N THR A 98 29.46 8.23 -36.91
CA THR A 98 30.62 8.38 -36.03
C THR A 98 31.67 7.28 -36.18
N ARG A 99 31.27 6.11 -36.72
CA ARG A 99 32.09 4.89 -36.95
C ARG A 99 32.43 4.16 -35.63
N LYS A 100 31.82 4.60 -34.50
CA LYS A 100 32.00 4.04 -33.16
C LYS A 100 31.30 2.68 -33.05
N VAL A 101 31.94 1.75 -32.31
CA VAL A 101 31.46 0.38 -32.10
C VAL A 101 30.79 0.20 -30.72
N TYR A 102 29.57 -0.36 -30.72
CA TYR A 102 28.77 -0.59 -29.51
C TYR A 102 28.08 -1.96 -29.54
N ALA A 103 27.45 -2.32 -28.41
CA ALA A 103 26.61 -3.51 -28.26
C ALA A 103 25.18 -2.96 -28.10
N MET A 104 24.28 -3.30 -29.04
CA MET A 104 22.90 -2.81 -29.03
C MET A 104 21.91 -3.89 -28.65
N LYS A 105 21.21 -3.67 -27.52
CA LYS A 105 20.19 -4.58 -27.03
C LYS A 105 18.82 -4.15 -27.57
N LEU A 106 18.07 -5.11 -28.11
CA LEU A 106 16.74 -4.91 -28.66
C LEU A 106 15.72 -5.62 -27.77
N LEU A 107 14.66 -4.92 -27.34
CA LEU A 107 13.60 -5.48 -26.52
C LEU A 107 12.27 -5.34 -27.24
N SER A 108 11.62 -6.49 -27.52
CA SER A 108 10.35 -6.58 -28.24
C SER A 108 9.19 -6.01 -27.43
N LYS A 109 8.53 -4.96 -27.97
CA LYS A 109 7.38 -4.32 -27.35
C LYS A 109 6.18 -5.25 -27.34
N PHE A 110 6.03 -6.09 -28.39
CA PHE A 110 4.95 -7.07 -28.50
C PHE A 110 5.01 -8.08 -27.36
N GLU A 111 6.20 -8.70 -27.14
CA GLU A 111 6.45 -9.67 -26.08
C GLU A 111 6.19 -9.09 -24.71
N MET A 112 6.64 -7.83 -24.46
CA MET A 112 6.46 -7.12 -23.19
C MET A 112 4.97 -6.89 -22.86
N ILE A 113 4.18 -6.44 -23.85
CA ILE A 113 2.73 -6.20 -23.71
C ILE A 113 1.98 -7.53 -23.50
N LYS A 114 2.34 -8.55 -24.30
CA LYS A 114 1.77 -9.91 -24.27
C LYS A 114 1.98 -10.57 -22.89
N ARG A 115 3.21 -10.48 -22.34
CA ARG A 115 3.58 -11.11 -21.07
C ARG A 115 3.32 -10.23 -19.85
N SER A 116 2.80 -8.99 -20.04
CA SER A 116 2.53 -7.98 -19.00
C SER A 116 3.81 -7.69 -18.19
N ASP A 117 4.93 -7.54 -18.92
CA ASP A 117 6.27 -7.31 -18.38
C ASP A 117 6.88 -6.10 -19.09
N SER A 118 6.30 -4.91 -18.86
CA SER A 118 6.73 -3.68 -19.52
C SER A 118 7.22 -2.58 -18.56
N ALA A 119 7.81 -2.96 -17.40
CA ALA A 119 8.35 -1.98 -16.45
C ALA A 119 9.70 -2.37 -15.82
N PHE A 120 10.31 -3.48 -16.28
CA PHE A 120 11.59 -4.00 -15.76
C PHE A 120 12.82 -3.19 -16.15
N PHE A 121 12.79 -2.58 -17.34
CA PHE A 121 13.89 -1.87 -17.98
C PHE A 121 14.21 -0.48 -17.40
N TRP A 122 13.33 0.10 -16.57
CA TRP A 122 13.53 1.44 -15.99
C TRP A 122 14.72 1.54 -15.08
N GLU A 123 14.89 0.56 -14.18
CA GLU A 123 16.00 0.52 -13.22
C GLU A 123 17.32 0.33 -13.97
N GLU A 124 17.32 -0.54 -15.00
CA GLU A 124 18.47 -0.83 -15.87
C GLU A 124 18.92 0.43 -16.60
N ARG A 125 17.97 1.18 -17.20
CA ARG A 125 18.20 2.43 -17.93
C ARG A 125 18.85 3.45 -16.99
N ASP A 126 18.33 3.58 -15.76
CA ASP A 126 18.83 4.50 -14.75
C ASP A 126 20.23 4.13 -14.24
N ILE A 127 20.46 2.82 -13.93
CA ILE A 127 21.74 2.31 -13.45
C ILE A 127 22.81 2.47 -14.53
N MET A 128 22.58 1.88 -15.72
CA MET A 128 23.54 1.93 -16.84
C MET A 128 23.86 3.33 -17.35
N ALA A 129 22.87 4.24 -17.35
CA ALA A 129 23.10 5.59 -17.82
C ALA A 129 23.76 6.48 -16.78
N PHE A 130 23.35 6.38 -15.49
CA PHE A 130 23.83 7.32 -14.48
C PHE A 130 24.73 6.74 -13.36
N ALA A 131 25.11 5.43 -13.40
CA ALA A 131 25.99 4.83 -12.37
C ALA A 131 27.36 5.50 -12.31
N ASN A 132 28.01 5.73 -13.49
CA ASN A 132 29.34 6.31 -13.64
C ASN A 132 30.35 5.52 -12.79
N SER A 133 30.24 4.18 -12.86
CA SER A 133 31.05 3.23 -12.10
C SER A 133 31.87 2.33 -13.04
N PRO A 134 33.14 1.98 -12.69
CA PRO A 134 33.90 1.07 -13.56
C PRO A 134 33.41 -0.38 -13.50
N TRP A 135 32.42 -0.66 -12.63
CA TRP A 135 31.81 -1.97 -12.40
C TRP A 135 30.50 -2.17 -13.14
N VAL A 136 29.98 -1.10 -13.79
CA VAL A 136 28.71 -1.09 -14.50
C VAL A 136 28.93 -0.75 -15.98
N VAL A 137 28.37 -1.59 -16.90
CA VAL A 137 28.42 -1.38 -18.36
C VAL A 137 27.63 -0.09 -18.65
N GLN A 138 28.25 0.86 -19.37
CA GLN A 138 27.66 2.16 -19.67
C GLN A 138 26.64 2.14 -20.81
N LEU A 139 25.53 2.89 -20.61
CA LEU A 139 24.49 3.10 -21.60
C LEU A 139 24.75 4.48 -22.20
N PHE A 140 25.05 4.53 -23.51
CA PHE A 140 25.30 5.79 -24.20
C PHE A 140 24.02 6.37 -24.74
N TYR A 141 23.18 5.54 -25.37
CA TYR A 141 21.92 5.97 -25.95
C TYR A 141 20.83 4.94 -25.75
N ALA A 142 19.60 5.43 -25.59
CA ALA A 142 18.39 4.64 -25.48
C ALA A 142 17.39 5.29 -26.43
N PHE A 143 16.83 4.51 -27.35
CA PHE A 143 15.86 5.00 -28.33
C PHE A 143 14.82 3.91 -28.62
N GLN A 144 13.82 4.21 -29.45
CA GLN A 144 12.73 3.29 -29.74
C GLN A 144 11.97 3.61 -31.02
N ASP A 145 11.27 2.59 -31.56
CA ASP A 145 10.33 2.68 -32.67
C ASP A 145 9.04 2.00 -32.21
N ASP A 146 8.07 1.77 -33.09
CA ASP A 146 6.79 1.12 -32.73
C ASP A 146 6.93 -0.37 -32.35
N ARG A 147 8.08 -1.00 -32.69
CA ARG A 147 8.32 -2.42 -32.46
C ARG A 147 9.31 -2.74 -31.34
N TYR A 148 10.40 -1.97 -31.22
CA TYR A 148 11.45 -2.25 -30.25
C TYR A 148 11.93 -1.08 -29.42
N LEU A 149 12.55 -1.41 -28.27
CA LEU A 149 13.30 -0.52 -27.39
C LEU A 149 14.76 -0.86 -27.74
N TYR A 150 15.60 0.16 -27.91
CA TYR A 150 17.01 -0.03 -28.28
C TYR A 150 17.92 0.55 -27.21
N MET A 151 18.95 -0.22 -26.83
CA MET A 151 19.93 0.19 -25.82
C MET A 151 21.34 0.09 -26.34
N VAL A 152 21.92 1.25 -26.69
CA VAL A 152 23.27 1.38 -27.22
C VAL A 152 24.24 1.44 -26.03
N MET A 153 24.86 0.30 -25.71
CA MET A 153 25.76 0.10 -24.57
C MET A 153 27.22 -0.07 -25.01
N GLU A 154 28.17 0.03 -24.05
CA GLU A 154 29.59 -0.19 -24.34
C GLU A 154 29.88 -1.65 -24.62
N TYR A 155 30.69 -1.91 -25.65
CA TYR A 155 31.06 -3.25 -26.03
C TYR A 155 32.12 -3.81 -25.07
N MET A 156 31.88 -5.04 -24.57
CA MET A 156 32.75 -5.77 -23.65
C MET A 156 33.38 -6.91 -24.45
N PRO A 157 34.56 -6.67 -25.08
CA PRO A 157 35.14 -7.67 -25.99
C PRO A 157 35.68 -8.97 -25.37
N GLY A 158 35.82 -9.01 -24.04
CA GLY A 158 36.30 -10.19 -23.33
C GLY A 158 35.29 -11.31 -23.17
N GLY A 159 34.02 -11.02 -23.44
CA GLY A 159 32.93 -11.97 -23.30
C GLY A 159 32.46 -12.13 -21.88
N ASP A 160 31.61 -13.14 -21.63
CA ASP A 160 31.09 -13.41 -20.29
C ASP A 160 31.90 -14.47 -19.55
N LEU A 161 31.65 -14.61 -18.23
CA LEU A 161 32.36 -15.55 -17.37
C LEU A 161 31.94 -17.02 -17.57
N VAL A 162 30.78 -17.27 -18.22
CA VAL A 162 30.29 -18.62 -18.56
C VAL A 162 31.23 -19.17 -19.64
N ASN A 163 31.58 -18.30 -20.61
CA ASN A 163 32.48 -18.60 -21.72
C ASN A 163 33.91 -18.82 -21.22
N LEU A 164 34.35 -18.05 -20.21
CA LEU A 164 35.68 -18.17 -19.59
C LEU A 164 35.80 -19.52 -18.86
N MET A 165 34.78 -19.87 -18.07
CA MET A 165 34.71 -21.12 -17.30
C MET A 165 34.67 -22.36 -18.19
N SER A 166 34.14 -22.23 -19.42
CA SER A 166 34.05 -23.31 -20.40
C SER A 166 35.33 -23.47 -21.20
N ASN A 167 36.11 -22.38 -21.34
CA ASN A 167 37.38 -22.34 -22.08
C ASN A 167 38.63 -22.50 -21.20
N TYR A 168 38.47 -22.42 -19.87
CA TYR A 168 39.59 -22.52 -18.94
C TYR A 168 39.27 -23.39 -17.72
N ASP A 169 40.30 -24.08 -17.20
CA ASP A 169 40.21 -24.84 -15.95
C ASP A 169 40.67 -23.81 -14.92
N VAL A 170 39.69 -23.05 -14.38
CA VAL A 170 39.87 -21.92 -13.47
C VAL A 170 40.57 -22.32 -12.15
N PRO A 171 41.84 -21.86 -11.93
CA PRO A 171 42.50 -22.12 -10.64
C PRO A 171 41.94 -21.21 -9.54
N GLU A 172 42.26 -21.48 -8.27
CA GLU A 172 41.76 -20.70 -7.14
C GLU A 172 42.20 -19.22 -7.14
N LYS A 173 43.40 -18.91 -7.68
CA LYS A 173 43.93 -17.55 -7.78
C LYS A 173 43.05 -16.69 -8.70
N TRP A 174 42.56 -17.28 -9.81
CA TRP A 174 41.67 -16.64 -10.78
C TRP A 174 40.29 -16.48 -10.15
N ALA A 175 39.78 -17.55 -9.49
CA ALA A 175 38.50 -17.57 -8.80
C ALA A 175 38.45 -16.48 -7.73
N ARG A 176 39.56 -16.27 -6.99
CA ARG A 176 39.72 -15.23 -5.96
C ARG A 176 39.57 -13.83 -6.58
N PHE A 177 40.18 -13.60 -7.77
CA PHE A 177 40.13 -12.33 -8.50
C PHE A 177 38.71 -11.99 -8.93
N TYR A 178 38.02 -12.90 -9.65
CA TYR A 178 36.67 -12.68 -10.17
C TYR A 178 35.62 -12.57 -9.05
N THR A 179 35.75 -13.35 -7.96
CA THR A 179 34.83 -13.28 -6.82
C THR A 179 34.92 -11.90 -6.14
N ALA A 180 36.14 -11.39 -5.96
CA ALA A 180 36.42 -10.08 -5.36
C ALA A 180 35.90 -8.93 -6.22
N GLU A 181 35.99 -9.08 -7.56
CA GLU A 181 35.48 -8.08 -8.51
C GLU A 181 33.96 -8.01 -8.44
N VAL A 182 33.29 -9.19 -8.31
CA VAL A 182 31.83 -9.33 -8.17
C VAL A 182 31.38 -8.69 -6.85
N VAL A 183 32.11 -8.96 -5.74
CA VAL A 183 31.87 -8.40 -4.41
C VAL A 183 31.89 -6.86 -4.47
N LEU A 184 32.91 -6.27 -5.14
CA LEU A 184 33.04 -4.82 -5.33
C LEU A 184 31.97 -4.25 -6.25
N ALA A 185 31.62 -4.98 -7.34
CA ALA A 185 30.59 -4.59 -8.31
C ALA A 185 29.22 -4.56 -7.65
N LEU A 186 28.90 -5.59 -6.83
CA LEU A 186 27.63 -5.70 -6.11
C LEU A 186 27.51 -4.66 -5.00
N ASP A 187 28.63 -4.34 -4.32
CA ASP A 187 28.66 -3.32 -3.28
C ASP A 187 28.37 -1.93 -3.84
N ALA A 188 28.80 -1.66 -5.09
CA ALA A 188 28.54 -0.40 -5.81
C ALA A 188 27.04 -0.27 -6.09
N ILE A 189 26.38 -1.39 -6.47
CA ILE A 189 24.95 -1.48 -6.73
C ILE A 189 24.16 -1.27 -5.44
N HIS A 190 24.58 -1.91 -4.31
CA HIS A 190 23.96 -1.78 -2.99
C HIS A 190 24.06 -0.32 -2.50
N SER A 191 25.20 0.35 -2.77
CA SER A 191 25.45 1.76 -2.44
C SER A 191 24.54 2.72 -3.21
N MET A 192 24.06 2.29 -4.40
CA MET A 192 23.12 3.04 -5.25
C MET A 192 21.67 2.87 -4.75
N GLY A 193 21.47 1.95 -3.81
CA GLY A 193 20.18 1.66 -3.18
C GLY A 193 19.41 0.52 -3.81
N PHE A 194 20.12 -0.36 -4.55
CA PHE A 194 19.50 -1.50 -5.23
C PHE A 194 19.98 -2.87 -4.77
N ILE A 195 19.08 -3.86 -4.86
CA ILE A 195 19.38 -5.29 -4.70
C ILE A 195 19.35 -5.75 -6.16
N HIS A 196 20.35 -6.51 -6.59
CA HIS A 196 20.46 -6.99 -7.96
C HIS A 196 19.42 -8.08 -8.26
N ARG A 197 19.40 -9.15 -7.45
CA ARG A 197 18.49 -10.30 -7.49
C ARG A 197 18.70 -11.24 -8.71
N ASP A 198 19.77 -11.05 -9.50
CA ASP A 198 20.07 -11.92 -10.65
C ASP A 198 21.57 -11.98 -10.93
N VAL A 199 22.33 -12.28 -9.88
CA VAL A 199 23.78 -12.42 -9.96
C VAL A 199 24.03 -13.81 -10.50
N LYS A 200 24.68 -13.86 -11.66
CA LYS A 200 25.05 -15.08 -12.38
C LYS A 200 26.18 -14.74 -13.36
N PRO A 201 27.08 -15.72 -13.70
CA PRO A 201 28.21 -15.42 -14.61
C PRO A 201 27.85 -14.99 -16.03
N ASP A 202 26.59 -15.19 -16.45
CA ASP A 202 26.08 -14.81 -17.77
C ASP A 202 26.04 -13.28 -17.92
N ASN A 203 25.76 -12.57 -16.81
CA ASN A 203 25.65 -11.11 -16.69
C ASN A 203 26.98 -10.42 -16.34
N MET A 204 28.02 -11.22 -16.12
CA MET A 204 29.35 -10.74 -15.76
C MET A 204 30.21 -10.70 -17.01
N LEU A 205 30.48 -9.50 -17.53
CA LEU A 205 31.26 -9.33 -18.75
C LEU A 205 32.65 -8.74 -18.49
N LEU A 206 33.60 -9.01 -19.40
CA LEU A 206 34.99 -8.53 -19.30
C LEU A 206 35.29 -7.53 -20.42
N ASP A 207 36.00 -6.44 -20.07
CA ASP A 207 36.41 -5.39 -21.02
C ASP A 207 37.69 -5.77 -21.78
N LYS A 208 38.28 -4.83 -22.55
CA LYS A 208 39.52 -5.04 -23.32
C LYS A 208 40.75 -5.36 -22.44
N SER A 209 40.72 -5.00 -21.14
CA SER A 209 41.81 -5.26 -20.19
C SER A 209 41.56 -6.54 -19.34
N GLY A 210 40.38 -7.12 -19.48
CA GLY A 210 39.99 -8.34 -18.78
C GLY A 210 39.34 -8.14 -17.42
N HIS A 211 38.91 -6.90 -17.13
CA HIS A 211 38.25 -6.59 -15.85
C HIS A 211 36.74 -6.68 -15.94
N LEU A 212 36.13 -7.17 -14.86
CA LEU A 212 34.70 -7.43 -14.70
C LEU A 212 33.81 -6.19 -14.63
N LYS A 213 32.61 -6.30 -15.23
CA LYS A 213 31.53 -5.31 -15.24
C LYS A 213 30.21 -6.07 -15.26
N LEU A 214 29.20 -5.61 -14.49
CA LEU A 214 27.87 -6.20 -14.49
C LEU A 214 27.14 -5.59 -15.70
N ALA A 215 26.44 -6.43 -16.49
CA ALA A 215 25.79 -6.03 -17.75
C ALA A 215 24.28 -6.05 -17.78
N ASP A 216 23.63 -6.76 -16.84
CA ASP A 216 22.18 -6.86 -16.81
C ASP A 216 21.66 -6.44 -15.46
N PHE A 217 20.60 -5.60 -15.46
CA PHE A 217 19.99 -5.03 -14.25
C PHE A 217 18.44 -5.09 -14.32
N GLY A 218 17.92 -6.06 -15.08
CA GLY A 218 16.49 -6.26 -15.32
C GLY A 218 15.66 -6.68 -14.13
N THR A 219 16.31 -7.14 -13.05
CA THR A 219 15.63 -7.58 -11.83
C THR A 219 15.97 -6.68 -10.63
N CYS A 220 16.74 -5.59 -10.86
CA CYS A 220 17.17 -4.63 -9.83
C CYS A 220 15.96 -3.95 -9.19
N MET A 221 15.95 -3.86 -7.85
CA MET A 221 14.87 -3.25 -7.08
C MET A 221 15.41 -2.38 -5.96
N LYS A 222 14.86 -1.15 -5.79
CA LYS A 222 15.27 -0.20 -4.77
C LYS A 222 14.87 -0.64 -3.37
N MET A 223 15.85 -0.63 -2.45
CA MET A 223 15.67 -0.97 -1.04
C MET A 223 15.07 0.21 -0.31
N ASN A 224 14.38 -0.04 0.81
CA ASN A 224 13.83 1.01 1.67
C ASN A 224 14.95 1.48 2.63
N LYS A 225 14.64 2.35 3.60
CA LYS A 225 15.63 2.87 4.55
C LYS A 225 16.24 1.79 5.45
N GLU A 226 15.59 0.59 5.50
CA GLU A 226 15.98 -0.57 6.29
C GLU A 226 16.75 -1.61 5.46
N GLY A 227 16.99 -1.29 4.19
CA GLY A 227 17.71 -2.14 3.25
C GLY A 227 16.90 -3.34 2.80
N MET A 228 15.57 -3.22 2.90
CA MET A 228 14.65 -4.31 2.59
C MET A 228 13.82 -4.05 1.35
N VAL A 229 13.20 -5.11 0.85
CA VAL A 229 12.36 -5.15 -0.32
C VAL A 229 11.18 -6.12 -0.02
N ARG A 230 9.96 -5.76 -0.48
CA ARG A 230 8.74 -6.58 -0.37
C ARG A 230 8.36 -6.96 -1.79
N CYS A 231 8.37 -8.28 -2.08
CA CYS A 231 8.11 -8.81 -3.41
C CYS A 231 7.39 -10.16 -3.34
N ASP A 232 6.20 -10.25 -3.95
CA ASP A 232 5.39 -11.48 -3.97
C ASP A 232 5.75 -12.43 -5.12
N THR A 233 6.69 -12.02 -6.00
CA THR A 233 7.08 -12.84 -7.12
C THR A 233 8.60 -13.06 -7.17
N ALA A 234 8.99 -14.36 -7.17
CA ALA A 234 10.36 -14.85 -7.26
C ALA A 234 10.96 -14.37 -8.60
N VAL A 235 12.21 -13.87 -8.54
CA VAL A 235 12.99 -13.35 -9.68
C VAL A 235 14.39 -13.99 -9.66
N GLY A 236 15.07 -13.99 -10.81
CA GLY A 236 16.41 -14.54 -10.92
C GLY A 236 16.48 -15.76 -11.83
N THR A 237 17.47 -16.63 -11.57
CA THR A 237 17.70 -17.83 -12.39
C THR A 237 17.64 -19.09 -11.53
N PRO A 238 17.08 -20.21 -12.06
CA PRO A 238 16.88 -21.42 -11.23
C PRO A 238 18.08 -21.93 -10.43
N ASP A 239 19.29 -21.79 -10.94
CA ASP A 239 20.46 -22.32 -10.23
C ASP A 239 21.08 -21.41 -9.17
N TYR A 240 20.88 -20.08 -9.29
CA TYR A 240 21.50 -19.06 -8.43
C TYR A 240 20.57 -18.41 -7.42
N ILE A 241 19.26 -18.73 -7.49
CA ILE A 241 18.25 -18.15 -6.61
C ILE A 241 18.41 -18.62 -5.14
N SER A 242 18.35 -17.67 -4.21
CA SER A 242 18.44 -17.91 -2.77
C SER A 242 17.12 -18.49 -2.26
N PRO A 243 17.13 -19.28 -1.15
CA PRO A 243 15.85 -19.84 -0.64
C PRO A 243 14.77 -18.81 -0.34
N GLU A 244 15.13 -17.64 0.25
CA GLU A 244 14.15 -16.61 0.62
C GLU A 244 13.47 -15.93 -0.58
N VAL A 245 14.18 -15.70 -1.71
CA VAL A 245 13.50 -15.07 -2.85
C VAL A 245 12.80 -16.18 -3.66
N LEU A 246 13.26 -17.45 -3.56
CA LEU A 246 12.62 -18.59 -4.22
C LEU A 246 11.22 -18.89 -3.65
N LYS A 247 11.05 -18.77 -2.31
CA LYS A 247 9.77 -19.00 -1.64
C LYS A 247 8.89 -17.72 -1.58
N SER A 248 9.16 -16.71 -2.46
CA SER A 248 8.38 -15.48 -2.53
C SER A 248 6.93 -15.75 -2.94
N GLN A 249 6.01 -15.12 -2.23
CA GLN A 249 4.56 -15.17 -2.45
C GLN A 249 3.93 -14.00 -1.71
N GLY A 250 2.63 -13.80 -1.89
CA GLY A 250 1.87 -12.74 -1.22
C GLY A 250 1.90 -12.96 0.27
N GLY A 251 2.40 -11.95 0.98
CA GLY A 251 2.53 -11.98 2.44
C GLY A 251 3.80 -12.60 3.00
N ASP A 252 4.65 -13.19 2.12
CA ASP A 252 5.92 -13.83 2.52
C ASP A 252 6.99 -13.68 1.42
N GLY A 253 7.41 -12.42 1.25
CA GLY A 253 8.44 -12.02 0.30
C GLY A 253 9.13 -10.76 0.76
N TYR A 254 9.62 -10.76 1.99
CA TYR A 254 10.30 -9.63 2.62
C TYR A 254 11.79 -9.99 2.78
N TYR A 255 12.71 -9.33 2.03
CA TYR A 255 14.14 -9.68 2.10
C TYR A 255 15.12 -8.52 1.80
N GLY A 256 16.37 -8.69 2.25
CA GLY A 256 17.47 -7.73 2.11
C GLY A 256 18.53 -8.12 1.08
N ARG A 257 19.64 -7.34 1.01
CA ARG A 257 20.73 -7.46 0.04
C ARG A 257 21.52 -8.79 0.11
N GLU A 258 21.42 -9.52 1.25
CA GLU A 258 22.11 -10.79 1.49
C GLU A 258 21.73 -11.92 0.51
N CYS A 259 20.64 -11.73 -0.27
CA CYS A 259 20.22 -12.70 -1.29
C CYS A 259 21.21 -12.72 -2.47
N ASP A 260 21.91 -11.57 -2.70
CA ASP A 260 22.94 -11.39 -3.72
C ASP A 260 24.23 -12.10 -3.31
N TRP A 261 24.49 -12.19 -1.99
CA TRP A 261 25.66 -12.85 -1.45
C TRP A 261 25.56 -14.37 -1.56
N TRP A 262 24.31 -14.92 -1.53
CA TRP A 262 24.02 -16.34 -1.72
C TRP A 262 24.50 -16.71 -3.12
N SER A 263 24.11 -15.90 -4.13
CA SER A 263 24.44 -16.06 -5.54
C SER A 263 25.95 -16.03 -5.82
N VAL A 264 26.73 -15.29 -5.00
CA VAL A 264 28.21 -15.21 -5.07
C VAL A 264 28.80 -16.57 -4.66
N GLY A 265 28.22 -17.18 -3.63
CA GLY A 265 28.61 -18.50 -3.14
C GLY A 265 28.37 -19.59 -4.17
N VAL A 266 27.25 -19.49 -4.92
CA VAL A 266 26.86 -20.40 -6.01
C VAL A 266 27.87 -20.26 -7.17
N PHE A 267 28.21 -19.00 -7.52
CA PHE A 267 29.16 -18.64 -8.56
C PHE A 267 30.58 -19.12 -8.22
N LEU A 268 31.01 -18.97 -6.95
CA LEU A 268 32.33 -19.42 -6.48
C LEU A 268 32.44 -20.95 -6.52
N TYR A 269 31.36 -21.66 -6.12
CA TYR A 269 31.27 -23.12 -6.14
C TYR A 269 31.39 -23.61 -7.59
N GLU A 270 30.59 -23.02 -8.51
CA GLU A 270 30.55 -23.34 -9.92
C GLU A 270 31.92 -23.15 -10.59
N MET A 271 32.66 -22.10 -10.18
CA MET A 271 33.97 -21.77 -10.72
C MET A 271 35.04 -22.79 -10.36
N LEU A 272 35.00 -23.29 -9.10
CA LEU A 272 35.97 -24.24 -8.54
C LEU A 272 35.62 -25.71 -8.77
N VAL A 273 34.32 -26.04 -8.85
CA VAL A 273 33.86 -27.43 -9.03
C VAL A 273 33.59 -27.75 -10.51
N GLY A 274 33.01 -26.81 -11.25
CA GLY A 274 32.68 -26.98 -12.66
C GLY A 274 31.21 -27.26 -12.90
N ASP A 275 30.43 -27.34 -11.80
CA ASP A 275 28.99 -27.58 -11.78
C ASP A 275 28.35 -26.71 -10.70
N THR A 276 27.05 -26.41 -10.85
CA THR A 276 26.30 -25.63 -9.86
C THR A 276 26.03 -26.51 -8.63
N PRO A 277 26.02 -25.94 -7.40
CA PRO A 277 25.84 -26.79 -6.20
C PRO A 277 24.51 -27.53 -6.11
N PHE A 278 23.45 -26.94 -6.67
CA PHE A 278 22.11 -27.51 -6.59
C PHE A 278 21.61 -27.98 -7.95
N TYR A 279 22.54 -28.42 -8.83
CA TYR A 279 22.21 -28.94 -10.14
C TYR A 279 21.36 -30.21 -10.02
N ALA A 280 20.32 -30.27 -10.85
CA ALA A 280 19.38 -31.39 -10.97
C ALA A 280 18.88 -31.37 -12.39
N ASP A 281 18.64 -32.55 -12.95
CA ASP A 281 18.11 -32.73 -14.30
C ASP A 281 16.71 -32.08 -14.49
N SER A 282 15.90 -32.10 -13.42
CA SER A 282 14.59 -31.50 -13.36
C SER A 282 14.73 -30.19 -12.59
N LEU A 283 14.13 -29.12 -13.11
CA LEU A 283 14.07 -27.79 -12.51
C LEU A 283 13.46 -27.80 -11.09
N VAL A 284 12.42 -28.65 -10.87
CA VAL A 284 11.78 -28.82 -9.55
C VAL A 284 12.78 -29.53 -8.61
N GLY A 285 13.65 -30.40 -9.17
CA GLY A 285 14.69 -31.08 -8.42
C GLY A 285 15.69 -30.11 -7.81
N THR A 286 15.97 -29.01 -8.56
CA THR A 286 16.86 -27.90 -8.18
C THR A 286 16.19 -27.09 -7.06
N TYR A 287 14.86 -26.84 -7.19
CA TYR A 287 14.02 -26.13 -6.22
C TYR A 287 14.14 -26.82 -4.85
N SER A 288 14.03 -28.18 -4.82
CA SER A 288 14.13 -29.02 -3.63
C SER A 288 15.50 -28.92 -2.99
N LYS A 289 16.56 -28.95 -3.82
CA LYS A 289 17.95 -28.88 -3.39
C LYS A 289 18.28 -27.55 -2.73
N ILE A 290 17.82 -26.42 -3.30
CA ILE A 290 18.04 -25.08 -2.76
C ILE A 290 17.42 -24.96 -1.36
N MET A 291 16.15 -25.40 -1.21
CA MET A 291 15.41 -25.35 0.07
C MET A 291 16.03 -26.28 1.12
N ASN A 292 16.57 -27.42 0.68
CA ASN A 292 17.22 -28.44 1.50
C ASN A 292 18.75 -28.32 1.43
N HIS A 293 19.28 -27.06 1.30
CA HIS A 293 20.71 -26.76 1.22
C HIS A 293 21.54 -27.32 2.40
N LYS A 294 20.90 -27.48 3.58
CA LYS A 294 21.50 -28.03 4.80
C LYS A 294 22.02 -29.45 4.58
N ASN A 295 21.32 -30.24 3.73
CA ASN A 295 21.68 -31.64 3.43
C ASN A 295 22.13 -31.88 1.98
N SER A 296 21.76 -30.98 1.05
CA SER A 296 22.07 -31.12 -0.37
C SER A 296 23.45 -30.59 -0.78
N LEU A 297 24.01 -29.61 -0.05
CA LEU A 297 25.32 -29.03 -0.36
C LEU A 297 26.45 -30.02 -0.02
N THR A 298 27.09 -30.55 -1.06
CA THR A 298 28.18 -31.51 -0.94
C THR A 298 29.34 -31.14 -1.85
N PHE A 299 30.58 -31.32 -1.37
CA PHE A 299 31.78 -31.06 -2.16
C PHE A 299 32.32 -32.40 -2.70
N PRO A 300 32.77 -32.47 -3.97
CA PRO A 300 33.27 -33.76 -4.51
C PRO A 300 34.49 -34.32 -3.79
N ASP A 301 34.57 -35.67 -3.69
CA ASP A 301 35.63 -36.43 -3.02
C ASP A 301 37.04 -36.05 -3.48
N ASP A 302 37.26 -35.93 -4.80
CA ASP A 302 38.52 -35.50 -5.39
C ASP A 302 38.63 -33.97 -5.20
N ASN A 303 39.30 -33.55 -4.11
CA ASN A 303 39.43 -32.13 -3.74
C ASN A 303 40.75 -31.48 -4.15
N ASP A 304 40.63 -30.33 -4.83
CA ASP A 304 41.71 -29.48 -5.32
C ASP A 304 41.48 -28.06 -4.75
N ILE A 305 40.32 -27.88 -4.09
CA ILE A 305 39.81 -26.64 -3.51
C ILE A 305 40.14 -26.53 -2.02
N SER A 306 40.75 -25.40 -1.61
CA SER A 306 41.22 -25.11 -0.26
C SER A 306 40.14 -25.08 0.81
N LYS A 307 40.56 -25.22 2.08
CA LYS A 307 39.72 -25.19 3.27
C LYS A 307 38.97 -23.85 3.39
N GLU A 308 39.68 -22.73 3.14
CA GLU A 308 39.12 -21.39 3.22
C GLU A 308 38.17 -21.06 2.06
N ALA A 309 38.34 -21.75 0.90
CA ALA A 309 37.45 -21.61 -0.26
C ALA A 309 36.12 -22.27 0.05
N LYS A 310 36.15 -23.47 0.67
CA LYS A 310 34.98 -24.24 1.11
C LYS A 310 34.24 -23.49 2.22
N ASN A 311 34.99 -22.83 3.14
CA ASN A 311 34.44 -22.03 4.25
C ASN A 311 33.63 -20.84 3.75
N LEU A 312 34.10 -20.16 2.67
CA LEU A 312 33.42 -19.02 2.07
C LEU A 312 32.12 -19.44 1.42
N ILE A 313 32.15 -20.54 0.61
CA ILE A 313 30.99 -21.11 -0.08
C ILE A 313 29.91 -21.45 0.95
N CYS A 314 30.30 -22.11 2.05
CA CYS A 314 29.41 -22.51 3.15
C CYS A 314 28.89 -21.33 3.96
N ALA A 315 29.68 -20.25 4.10
CA ALA A 315 29.28 -19.05 4.81
C ALA A 315 28.19 -18.28 4.03
N PHE A 316 28.25 -18.31 2.68
CA PHE A 316 27.25 -17.69 1.80
C PHE A 316 26.05 -18.60 1.57
N LEU A 317 26.28 -19.92 1.48
CA LEU A 317 25.24 -20.93 1.20
C LEU A 317 24.63 -21.51 2.48
N THR A 318 24.02 -20.62 3.28
CA THR A 318 23.26 -20.90 4.50
C THR A 318 22.02 -20.03 4.53
N ASP A 319 21.26 -20.09 5.63
CA ASP A 319 20.07 -19.29 5.85
C ASP A 319 20.51 -17.86 6.14
N ARG A 320 19.76 -16.89 5.58
CA ARG A 320 20.02 -15.44 5.65
C ARG A 320 20.43 -14.89 7.02
N GLU A 321 19.84 -15.42 8.11
CA GLU A 321 20.13 -14.94 9.48
C GLU A 321 21.53 -15.32 9.98
N VAL A 322 22.19 -16.30 9.33
CA VAL A 322 23.54 -16.76 9.70
C VAL A 322 24.52 -16.65 8.52
N ARG A 323 24.09 -16.00 7.43
CA ARG A 323 24.86 -15.84 6.19
C ARG A 323 25.83 -14.67 6.25
N LEU A 324 27.05 -14.86 5.71
CA LEU A 324 28.10 -13.84 5.60
C LEU A 324 27.60 -12.72 4.68
N GLY A 325 27.71 -11.49 5.16
CA GLY A 325 27.25 -10.31 4.45
C GLY A 325 26.15 -9.59 5.18
N ARG A 326 25.44 -10.31 6.10
CA ARG A 326 24.34 -9.77 6.92
C ARG A 326 24.74 -8.53 7.73
N ASN A 327 26.03 -8.43 8.13
CA ASN A 327 26.55 -7.30 8.89
C ASN A 327 27.47 -6.38 8.06
N GLY A 328 27.22 -6.34 6.75
CA GLY A 328 28.00 -5.51 5.83
C GLY A 328 29.00 -6.26 4.97
N VAL A 329 29.52 -5.55 3.95
CA VAL A 329 30.47 -6.07 2.98
C VAL A 329 31.88 -6.28 3.58
N GLU A 330 32.21 -5.57 4.69
CA GLU A 330 33.52 -5.66 5.34
C GLU A 330 33.85 -7.04 5.88
N GLU A 331 32.86 -7.78 6.42
CA GLU A 331 33.06 -9.14 6.93
C GLU A 331 33.38 -10.14 5.80
N ILE A 332 32.89 -9.86 4.56
CA ILE A 332 33.15 -10.66 3.35
C ILE A 332 34.60 -10.39 2.92
N LYS A 333 35.01 -9.10 2.90
CA LYS A 333 36.35 -8.66 2.52
C LYS A 333 37.43 -9.21 3.45
N ARG A 334 37.11 -9.31 4.75
CA ARG A 334 38.00 -9.82 5.81
C ARG A 334 38.16 -11.35 5.82
N HIS A 335 37.44 -12.09 4.95
CA HIS A 335 37.53 -13.56 4.89
C HIS A 335 38.92 -13.99 4.43
N LEU A 336 39.43 -15.10 5.00
CA LEU A 336 40.75 -15.66 4.72
C LEU A 336 40.96 -16.12 3.28
N PHE A 337 39.86 -16.40 2.54
CA PHE A 337 39.90 -16.81 1.14
C PHE A 337 40.48 -15.68 0.28
N PHE A 338 40.15 -14.42 0.62
CA PHE A 338 40.62 -13.25 -0.12
C PHE A 338 42.03 -12.80 0.27
N LYS A 339 42.62 -13.39 1.33
CA LYS A 339 43.97 -13.07 1.79
C LYS A 339 45.00 -13.57 0.75
N ASN A 340 45.69 -12.62 0.10
CA ASN A 340 46.68 -12.84 -0.93
C ASN A 340 47.73 -11.71 -0.95
N ASP A 341 48.85 -11.95 -1.66
CA ASP A 341 49.94 -10.97 -1.79
C ASP A 341 50.04 -10.40 -3.23
N GLN A 342 49.03 -10.69 -4.08
CA GLN A 342 48.99 -10.24 -5.48
C GLN A 342 48.27 -8.89 -5.66
N TRP A 343 47.12 -8.69 -4.97
CA TRP A 343 46.31 -7.48 -5.08
C TRP A 343 45.73 -7.01 -3.73
N ALA A 344 45.18 -5.78 -3.74
CA ALA A 344 44.48 -5.14 -2.61
C ALA A 344 43.09 -4.71 -3.08
N TRP A 345 42.09 -4.77 -2.18
CA TRP A 345 40.68 -4.43 -2.44
C TRP A 345 40.46 -3.07 -3.10
N GLU A 346 41.17 -2.03 -2.64
CA GLU A 346 41.04 -0.65 -3.12
C GLU A 346 41.74 -0.39 -4.48
N THR A 347 42.65 -1.28 -4.90
CA THR A 347 43.40 -1.13 -6.16
C THR A 347 43.31 -2.39 -7.07
N LEU A 348 42.31 -3.26 -6.82
CA LEU A 348 42.08 -4.51 -7.54
C LEU A 348 41.84 -4.33 -9.06
N ARG A 349 41.05 -3.31 -9.46
CA ARG A 349 40.76 -3.06 -10.88
C ARG A 349 41.94 -2.42 -11.64
N ASP A 350 43.05 -2.10 -10.94
CA ASP A 350 44.26 -1.53 -11.53
C ASP A 350 45.32 -2.60 -11.80
N THR A 351 45.24 -3.76 -11.11
CA THR A 351 46.14 -4.91 -11.27
C THR A 351 45.81 -5.64 -12.60
N VAL A 352 46.76 -6.42 -13.13
CA VAL A 352 46.55 -7.15 -14.39
C VAL A 352 45.65 -8.37 -14.15
N ALA A 353 44.59 -8.47 -14.98
CA ALA A 353 43.58 -9.51 -14.98
C ALA A 353 44.17 -10.88 -15.35
N PRO A 354 43.57 -12.01 -14.88
CA PRO A 354 44.12 -13.34 -15.23
C PRO A 354 44.07 -13.65 -16.73
N VAL A 355 43.00 -13.20 -17.42
CA VAL A 355 42.80 -13.38 -18.86
C VAL A 355 42.64 -12.00 -19.51
N VAL A 356 43.59 -11.63 -20.37
CA VAL A 356 43.56 -10.37 -21.12
C VAL A 356 43.20 -10.71 -22.58
N PRO A 357 42.10 -10.14 -23.12
CA PRO A 357 41.68 -10.49 -24.48
C PRO A 357 42.65 -10.10 -25.61
N ASP A 358 42.94 -11.07 -26.50
CA ASP A 358 43.79 -10.87 -27.67
C ASP A 358 42.85 -10.44 -28.80
N LEU A 359 42.84 -9.12 -29.08
CA LEU A 359 41.94 -8.55 -30.08
C LEU A 359 42.64 -8.09 -31.35
N SER A 360 42.15 -8.55 -32.51
CA SER A 360 42.69 -8.26 -33.83
C SER A 360 42.09 -7.00 -34.47
N SER A 361 40.84 -6.67 -34.11
CA SER A 361 40.11 -5.48 -34.61
C SER A 361 39.11 -4.95 -33.57
N ASP A 362 38.49 -3.80 -33.87
CA ASP A 362 37.47 -3.17 -33.01
C ASP A 362 36.12 -3.90 -33.06
N ILE A 363 35.98 -4.86 -33.98
CA ILE A 363 34.78 -5.69 -34.20
C ILE A 363 35.09 -7.20 -33.99
N ASP A 364 36.13 -7.51 -33.20
CA ASP A 364 36.56 -8.88 -32.87
C ASP A 364 35.54 -9.50 -31.90
N THR A 365 34.89 -10.59 -32.32
CA THR A 365 33.87 -11.31 -31.53
C THR A 365 34.25 -12.76 -31.21
N SER A 366 35.58 -13.06 -31.17
CA SER A 366 36.11 -14.40 -30.88
C SER A 366 35.74 -14.91 -29.48
N ASN A 367 35.51 -13.99 -28.52
CA ASN A 367 35.13 -14.31 -27.15
C ASN A 367 33.61 -14.50 -26.97
N PHE A 368 32.86 -14.48 -28.09
CA PHE A 368 31.40 -14.67 -28.15
C PHE A 368 31.05 -15.81 -29.09
N ASP A 369 30.23 -16.77 -28.62
CA ASP A 369 29.78 -17.91 -29.41
C ASP A 369 28.80 -17.48 -30.51
N ASP A 370 28.79 -18.24 -31.63
CA ASP A 370 27.93 -17.97 -32.78
C ASP A 370 26.46 -18.18 -32.47
N LEU A 371 25.61 -17.29 -33.03
CA LEU A 371 24.16 -17.32 -32.87
C LEU A 371 23.43 -17.16 -34.22
N GLU A 372 22.16 -17.61 -34.27
CA GLU A 372 21.25 -17.51 -35.43
C GLU A 372 20.84 -16.02 -35.61
N GLU A 373 20.71 -15.56 -36.87
CA GLU A 373 20.31 -14.16 -37.13
C GLU A 373 18.82 -14.04 -37.49
N ASP A 374 18.39 -14.74 -38.57
CA ASP A 374 17.01 -14.71 -39.06
C ASP A 374 16.23 -15.98 -38.72
N LYS A 375 15.18 -15.80 -37.91
CA LYS A 375 14.25 -16.84 -37.44
C LYS A 375 12.91 -16.72 -38.21
N GLY A 376 12.99 -16.20 -39.43
CA GLY A 376 11.85 -15.97 -40.32
C GLY A 376 11.24 -14.61 -40.05
N GLU A 377 10.05 -14.62 -39.41
CA GLU A 377 9.32 -13.41 -39.03
C GLU A 377 8.77 -13.55 -37.60
N GLU A 378 8.78 -12.45 -36.84
CA GLU A 378 8.32 -12.42 -35.45
C GLU A 378 6.79 -12.20 -35.36
N GLU A 379 6.35 -11.30 -34.47
CA GLU A 379 4.94 -10.97 -34.22
C GLU A 379 4.74 -9.48 -34.04
N THR A 380 3.58 -8.96 -34.47
CA THR A 380 3.23 -7.54 -34.38
C THR A 380 1.84 -7.37 -33.74
N PHE A 381 1.54 -6.16 -33.24
CA PHE A 381 0.25 -5.87 -32.62
C PHE A 381 -0.87 -5.88 -33.67
N PRO A 382 -2.03 -6.50 -33.36
CA PRO A 382 -3.15 -6.46 -34.32
C PRO A 382 -3.71 -5.04 -34.43
N ILE A 383 -4.36 -4.72 -35.57
CA ILE A 383 -4.96 -3.39 -35.80
C ILE A 383 -6.05 -3.13 -34.76
N PRO A 384 -5.92 -2.06 -33.93
CA PRO A 384 -6.93 -1.78 -32.90
C PRO A 384 -8.25 -1.30 -33.46
N LYS A 385 -9.36 -1.72 -32.82
CA LYS A 385 -10.73 -1.35 -33.18
C LYS A 385 -11.18 -0.15 -32.32
N ALA A 386 -10.40 0.12 -31.26
CA ALA A 386 -10.54 1.22 -30.28
C ALA A 386 -9.14 1.54 -29.73
N PHE A 387 -8.99 2.67 -29.01
CA PHE A 387 -7.71 3.08 -28.44
C PHE A 387 -7.23 2.09 -27.36
N VAL A 388 -6.03 1.52 -27.57
CA VAL A 388 -5.42 0.56 -26.63
C VAL A 388 -4.18 1.17 -25.94
N GLY A 389 -3.47 2.06 -26.63
CA GLY A 389 -2.29 2.75 -26.13
C GLY A 389 -1.11 1.86 -25.81
N ASN A 390 -0.74 0.96 -26.74
CA ASN A 390 0.37 0.01 -26.59
C ASN A 390 1.76 0.65 -26.50
N GLN A 391 1.89 1.93 -26.93
CA GLN A 391 3.16 2.67 -26.90
C GLN A 391 3.35 3.47 -25.60
N LEU A 392 2.27 3.66 -24.82
CA LEU A 392 2.26 4.41 -23.54
C LEU A 392 3.24 3.91 -22.48
N PRO A 393 3.41 2.58 -22.19
CA PRO A 393 4.39 2.19 -21.14
C PRO A 393 5.86 2.44 -21.48
N PHE A 394 6.14 2.89 -22.72
CA PHE A 394 7.49 3.12 -23.23
C PHE A 394 7.83 4.62 -23.40
N VAL A 395 6.87 5.52 -23.07
CA VAL A 395 7.03 6.98 -23.12
C VAL A 395 8.05 7.38 -22.05
N GLY A 396 9.11 8.06 -22.47
CA GLY A 396 10.18 8.51 -21.58
C GLY A 396 11.42 7.63 -21.55
N PHE A 397 11.47 6.60 -22.42
CA PHE A 397 12.61 5.68 -22.50
C PHE A 397 13.82 6.28 -23.21
N THR A 398 13.58 7.17 -24.20
CA THR A 398 14.62 7.81 -24.99
C THR A 398 15.62 8.57 -24.10
N TYR A 399 16.92 8.32 -24.33
CA TYR A 399 18.05 8.92 -23.62
C TYR A 399 19.21 9.10 -24.58
N TYR A 400 19.88 10.26 -24.52
CA TYR A 400 21.04 10.55 -25.36
C TYR A 400 22.23 11.03 -24.50
N SER A 401 22.21 12.31 -24.07
CA SER A 401 23.24 12.98 -23.26
C SER A 401 24.71 12.69 -23.70
N MET B 5 20.35 15.46 -42.16
CA MET B 5 21.32 14.35 -42.17
C MET B 5 22.76 14.83 -42.46
N SER B 6 23.80 14.32 -41.73
CA SER B 6 23.74 13.31 -40.66
C SER B 6 24.45 13.81 -39.38
N PHE B 7 24.51 12.95 -38.33
CA PHE B 7 25.13 13.18 -37.01
C PHE B 7 26.46 13.99 -37.10
N GLU B 8 26.55 15.18 -36.46
CA GLU B 8 25.54 15.78 -35.58
C GLU B 8 24.84 17.02 -36.20
N THR B 9 24.74 17.09 -37.55
CA THR B 9 24.03 18.20 -38.22
C THR B 9 22.51 18.00 -38.08
N ARG B 10 22.07 16.72 -38.04
CA ARG B 10 20.65 16.38 -37.84
C ARG B 10 20.24 16.61 -36.38
N PHE B 11 21.23 16.68 -35.46
CA PHE B 11 21.04 16.98 -34.04
C PHE B 11 20.85 18.48 -33.89
N GLU B 12 21.56 19.28 -34.73
CA GLU B 12 21.43 20.74 -34.77
C GLU B 12 20.04 21.09 -35.29
N LYS B 13 19.63 20.45 -36.41
CA LYS B 13 18.33 20.62 -37.07
C LYS B 13 17.19 20.19 -36.12
N MET B 14 17.44 19.19 -35.25
CA MET B 14 16.46 18.71 -34.26
C MET B 14 16.34 19.70 -33.10
N ASP B 15 17.47 20.27 -32.64
CA ASP B 15 17.51 21.26 -31.56
C ASP B 15 16.87 22.59 -31.98
N ASN B 16 16.89 22.91 -33.29
CA ASN B 16 16.27 24.11 -33.87
C ASN B 16 14.75 23.98 -33.74
N LEU B 17 14.21 22.79 -34.12
CA LEU B 17 12.78 22.43 -34.04
C LEU B 17 12.21 22.58 -32.62
N LEU B 18 13.05 22.35 -31.59
CA LEU B 18 12.66 22.43 -30.18
C LEU B 18 12.67 23.85 -29.61
N ARG B 19 13.52 24.74 -30.16
CA ARG B 19 13.67 26.12 -29.70
C ARG B 19 12.83 27.15 -30.46
N ASP B 20 12.65 26.95 -31.78
CA ASP B 20 11.90 27.82 -32.70
C ASP B 20 10.46 28.09 -32.22
N PRO B 21 10.08 29.37 -31.95
CA PRO B 21 8.70 29.67 -31.48
C PRO B 21 7.61 29.37 -32.49
N LYS B 22 7.95 29.38 -33.80
CA LYS B 22 7.04 29.11 -34.92
C LYS B 22 6.88 27.60 -35.19
N SER B 23 7.71 26.78 -34.53
CA SER B 23 7.70 25.32 -34.67
C SER B 23 6.52 24.66 -33.98
N GLU B 24 5.95 23.63 -34.61
CA GLU B 24 4.82 22.86 -34.09
C GLU B 24 5.26 21.90 -32.97
N VAL B 25 6.58 21.62 -32.89
CA VAL B 25 7.14 20.70 -31.91
C VAL B 25 8.14 21.36 -30.93
N ASN B 26 7.90 22.64 -30.58
CA ASN B 26 8.76 23.31 -29.60
C ASN B 26 8.37 22.83 -28.19
N SER B 27 9.19 23.11 -27.17
CA SER B 27 9.01 22.69 -25.77
C SER B 27 7.59 22.86 -25.22
N ASP B 28 6.98 24.04 -25.44
CA ASP B 28 5.63 24.38 -24.98
C ASP B 28 4.54 23.60 -25.69
N CYS B 29 4.74 23.25 -26.96
CA CYS B 29 3.81 22.46 -27.75
C CYS B 29 3.84 20.99 -27.33
N LEU B 30 5.05 20.50 -26.99
CA LEU B 30 5.26 19.11 -26.57
C LEU B 30 4.67 18.87 -25.18
N LEU B 31 4.69 19.90 -24.32
CA LEU B 31 4.10 19.84 -22.98
C LEU B 31 2.59 19.81 -23.07
N ASP B 32 2.01 20.44 -24.12
CA ASP B 32 0.57 20.44 -24.41
C ASP B 32 0.09 19.02 -24.73
N GLY B 33 0.91 18.27 -25.47
CA GLY B 33 0.62 16.89 -25.86
C GLY B 33 0.44 15.98 -24.66
N LEU B 34 1.41 16.04 -23.72
CA LEU B 34 1.41 15.27 -22.48
C LEU B 34 0.26 15.71 -21.56
N ASP B 35 0.04 17.04 -21.46
CA ASP B 35 -1.02 17.67 -20.66
C ASP B 35 -2.40 17.21 -21.13
N ALA B 36 -2.65 17.25 -22.46
CA ALA B 36 -3.89 16.83 -23.12
C ALA B 36 -4.15 15.35 -22.87
N LEU B 37 -3.09 14.53 -23.00
CA LEU B 37 -3.13 13.08 -22.78
C LEU B 37 -3.57 12.74 -21.36
N VAL B 38 -3.05 13.43 -20.33
CA VAL B 38 -3.41 13.25 -18.92
C VAL B 38 -4.89 13.64 -18.68
N TYR B 39 -5.36 14.75 -19.31
CA TYR B 39 -6.75 15.21 -19.19
C TYR B 39 -7.73 14.20 -19.82
N ASP B 40 -7.45 13.76 -21.07
CA ASP B 40 -8.28 12.85 -21.86
C ASP B 40 -8.30 11.39 -21.43
N LEU B 41 -7.30 10.94 -20.65
CA LEU B 41 -7.20 9.55 -20.21
C LEU B 41 -7.63 9.31 -18.76
N ASP B 42 -7.56 10.34 -17.90
CA ASP B 42 -7.86 10.23 -16.48
C ASP B 42 -9.37 10.17 -16.16
N PHE B 43 -9.97 9.00 -16.44
CA PHE B 43 -11.37 8.67 -16.18
C PHE B 43 -11.43 7.19 -15.76
N PRO B 44 -12.27 6.83 -14.75
CA PRO B 44 -12.28 5.44 -14.26
C PRO B 44 -12.51 4.33 -15.30
N ALA B 45 -13.33 4.59 -16.33
CA ALA B 45 -13.63 3.64 -17.40
C ALA B 45 -12.40 3.34 -18.26
N LEU B 46 -11.61 4.40 -18.55
CA LEU B 46 -10.39 4.32 -19.35
C LEU B 46 -9.22 3.74 -18.56
N ARG B 47 -9.21 3.98 -17.24
CA ARG B 47 -8.20 3.50 -16.29
C ARG B 47 -8.24 1.97 -16.11
N LYS B 48 -9.29 1.29 -16.62
CA LYS B 48 -9.45 -0.17 -16.58
C LYS B 48 -8.38 -0.83 -17.48
N ASN B 49 -7.88 -0.07 -18.48
CA ASN B 49 -6.81 -0.45 -19.40
C ASN B 49 -5.48 -0.30 -18.65
N LYS B 50 -4.69 -1.38 -18.58
CA LYS B 50 -3.38 -1.45 -17.89
C LYS B 50 -2.39 -0.40 -18.40
N ASN B 51 -2.33 -0.20 -19.74
CA ASN B 51 -1.46 0.76 -20.41
C ASN B 51 -1.79 2.21 -20.02
N ILE B 52 -3.10 2.54 -19.96
CA ILE B 52 -3.60 3.88 -19.61
C ILE B 52 -3.37 4.16 -18.12
N ASP B 53 -3.68 3.18 -17.25
CA ASP B 53 -3.53 3.27 -15.80
C ASP B 53 -2.07 3.47 -15.37
N ASN B 54 -1.15 2.67 -15.90
CA ASN B 54 0.27 2.73 -15.57
C ASN B 54 0.94 4.02 -16.05
N PHE B 55 0.55 4.54 -17.25
CA PHE B 55 1.08 5.79 -17.80
C PHE B 55 0.66 6.97 -16.90
N LEU B 56 -0.61 6.95 -16.43
CA LEU B 56 -1.16 7.98 -15.56
C LEU B 56 -0.49 7.98 -14.19
N SER B 57 -0.25 6.79 -13.59
CA SER B 57 0.43 6.67 -12.29
C SER B 57 1.88 7.17 -12.36
N ARG B 58 2.47 7.09 -13.55
CA ARG B 58 3.84 7.49 -13.87
C ARG B 58 3.98 8.98 -14.20
N TYR B 59 2.95 9.62 -14.79
CA TYR B 59 3.04 11.02 -15.23
C TYR B 59 2.10 12.04 -14.57
N LYS B 60 0.93 11.60 -14.05
CA LYS B 60 -0.09 12.49 -13.45
C LYS B 60 0.47 13.46 -12.39
N ASP B 61 1.34 12.97 -11.48
CA ASP B 61 1.94 13.78 -10.44
C ASP B 61 2.91 14.85 -10.97
N THR B 62 3.76 14.49 -11.95
CA THR B 62 4.74 15.41 -12.55
C THR B 62 4.02 16.43 -13.45
N ILE B 63 2.88 16.05 -14.07
CA ILE B 63 2.06 16.94 -14.91
C ILE B 63 1.35 17.99 -14.02
N ASN B 64 1.01 17.61 -12.77
CA ASN B 64 0.40 18.49 -11.77
C ASN B 64 1.39 19.58 -11.36
N LYS B 65 2.70 19.23 -11.27
CA LYS B 65 3.80 20.14 -10.94
C LYS B 65 3.97 21.14 -12.08
N ILE B 66 3.92 20.65 -13.33
CA ILE B 66 4.03 21.41 -14.58
C ILE B 66 2.88 22.42 -14.72
N ARG B 67 1.65 21.99 -14.41
CA ARG B 67 0.43 22.82 -14.45
C ARG B 67 0.52 24.01 -13.49
N ASP B 68 1.21 23.80 -12.34
CA ASP B 68 1.44 24.81 -11.30
C ASP B 68 2.58 25.76 -11.70
N LEU B 69 3.64 25.23 -12.36
CA LEU B 69 4.79 26.02 -12.80
C LEU B 69 4.49 26.87 -14.03
N ARG B 70 3.75 26.32 -15.01
CA ARG B 70 3.39 27.02 -16.25
C ARG B 70 2.35 28.10 -16.03
N MET B 71 2.20 29.02 -17.02
CA MET B 71 1.24 30.11 -16.99
C MET B 71 -0.19 29.58 -16.89
N LYS B 72 -0.96 30.18 -15.98
CA LYS B 72 -2.35 29.84 -15.68
C LYS B 72 -3.18 31.09 -15.43
N ALA B 73 -4.52 30.96 -15.47
CA ALA B 73 -5.47 32.05 -15.25
C ALA B 73 -5.31 32.75 -13.89
N GLU B 74 -4.87 31.99 -12.86
CA GLU B 74 -4.64 32.47 -11.49
C GLU B 74 -3.49 33.49 -11.39
N ASP B 75 -2.60 33.54 -12.39
CA ASP B 75 -1.47 34.48 -12.47
C ASP B 75 -1.96 35.89 -12.80
N TYR B 76 -3.22 36.01 -13.24
CA TYR B 76 -3.84 37.27 -13.66
C TYR B 76 -4.99 37.69 -12.76
N GLU B 77 -5.06 38.99 -12.48
CA GLU B 77 -6.10 39.62 -11.68
C GLU B 77 -7.07 40.26 -12.67
N VAL B 78 -8.34 39.80 -12.68
CA VAL B 78 -9.35 40.35 -13.59
C VAL B 78 -9.88 41.69 -13.02
N VAL B 79 -9.75 42.75 -13.82
CA VAL B 79 -10.16 44.12 -13.47
C VAL B 79 -11.60 44.38 -13.94
N LYS B 80 -11.91 44.07 -15.22
CA LYS B 80 -13.24 44.29 -15.82
C LYS B 80 -13.39 43.50 -17.12
N VAL B 81 -14.63 43.10 -17.47
CA VAL B 81 -14.95 42.44 -18.74
C VAL B 81 -15.17 43.60 -19.72
N ILE B 82 -14.29 43.70 -20.73
CA ILE B 82 -14.30 44.80 -21.72
C ILE B 82 -14.81 44.38 -23.11
N GLY B 83 -14.93 43.06 -23.34
CA GLY B 83 -15.39 42.52 -24.61
C GLY B 83 -16.12 41.19 -24.47
N ARG B 84 -16.88 40.82 -25.51
CA ARG B 84 -17.64 39.57 -25.57
C ARG B 84 -17.81 39.13 -27.02
N GLY B 85 -17.70 37.83 -27.23
CA GLY B 85 -17.87 37.19 -28.53
C GLY B 85 -18.71 35.94 -28.43
N ALA B 86 -18.80 35.18 -29.54
CA ALA B 86 -19.59 33.96 -29.62
C ALA B 86 -19.12 32.85 -28.68
N PHE B 87 -17.80 32.59 -28.63
CA PHE B 87 -17.21 31.52 -27.81
C PHE B 87 -16.49 31.99 -26.54
N GLY B 88 -16.65 33.26 -26.16
CA GLY B 88 -16.02 33.77 -24.95
C GLY B 88 -16.11 35.27 -24.72
N GLU B 89 -15.17 35.78 -23.92
CA GLU B 89 -15.08 37.19 -23.52
C GLU B 89 -13.63 37.69 -23.41
N VAL B 90 -13.46 39.02 -23.43
CA VAL B 90 -12.18 39.71 -23.28
C VAL B 90 -12.20 40.42 -21.92
N GLN B 91 -11.20 40.14 -21.08
CA GLN B 91 -11.08 40.75 -19.75
C GLN B 91 -9.84 41.62 -19.66
N LEU B 92 -9.94 42.77 -18.97
CA LEU B 92 -8.80 43.63 -18.70
C LEU B 92 -8.14 42.96 -17.49
N VAL B 93 -6.90 42.48 -17.67
CA VAL B 93 -6.17 41.77 -16.63
C VAL B 93 -4.88 42.49 -16.24
N ARG B 94 -4.37 42.14 -15.05
CA ARG B 94 -3.09 42.62 -14.53
C ARG B 94 -2.36 41.39 -14.04
N HIS B 95 -1.15 41.13 -14.58
CA HIS B 95 -0.32 40.01 -14.16
C HIS B 95 0.13 40.27 -12.73
N LYS B 96 -0.24 39.38 -11.79
CA LYS B 96 0.03 39.52 -10.35
C LYS B 96 1.52 39.68 -10.00
N SER B 97 2.43 39.05 -10.78
CA SER B 97 3.87 39.09 -10.54
C SER B 97 4.57 40.30 -11.19
N THR B 98 4.36 40.52 -12.50
CA THR B 98 5.00 41.61 -13.25
C THR B 98 4.29 42.96 -13.10
N ARG B 99 2.99 42.94 -12.73
CA ARG B 99 2.09 44.10 -12.54
C ARG B 99 1.69 44.75 -13.88
N LYS B 100 2.05 44.11 -15.01
CA LYS B 100 1.75 44.55 -16.37
C LYS B 100 0.27 44.35 -16.70
N VAL B 101 -0.31 45.31 -17.45
CA VAL B 101 -1.72 45.34 -17.85
C VAL B 101 -1.92 44.85 -19.29
N TYR B 102 -2.84 43.88 -19.48
CA TYR B 102 -3.15 43.27 -20.77
C TYR B 102 -4.66 43.08 -20.96
N ALA B 103 -5.06 42.67 -22.17
CA ALA B 103 -6.42 42.30 -22.53
C ALA B 103 -6.35 40.78 -22.79
N MET B 104 -7.08 39.99 -21.99
CA MET B 104 -7.08 38.53 -22.10
C MET B 104 -8.36 37.98 -22.69
N LYS B 105 -8.25 37.33 -23.85
CA LYS B 105 -9.37 36.69 -24.54
C LYS B 105 -9.48 35.24 -24.11
N LEU B 106 -10.70 34.81 -23.74
CA LEU B 106 -11.00 33.45 -23.31
C LEU B 106 -11.89 32.80 -24.37
N LEU B 107 -11.52 31.59 -24.83
CA LEU B 107 -12.29 30.84 -25.82
C LEU B 107 -12.69 29.50 -25.22
N SER B 108 -14.01 29.25 -25.12
CA SER B 108 -14.60 28.03 -24.56
C SER B 108 -14.34 26.81 -25.43
N LYS B 109 -13.65 25.81 -24.85
CA LYS B 109 -13.34 24.54 -25.52
C LYS B 109 -14.60 23.72 -25.76
N PHE B 110 -15.57 23.80 -24.81
CA PHE B 110 -16.85 23.10 -24.90
C PHE B 110 -17.61 23.54 -26.15
N GLU B 111 -17.71 24.87 -26.39
CA GLU B 111 -18.39 25.43 -27.56
C GLU B 111 -17.66 25.10 -28.86
N MET B 112 -16.31 25.13 -28.84
CA MET B 112 -15.47 24.80 -30.00
C MET B 112 -15.63 23.34 -30.44
N ILE B 113 -15.78 22.42 -29.48
CA ILE B 113 -15.97 20.98 -29.72
C ILE B 113 -17.40 20.73 -30.25
N LYS B 114 -18.40 21.29 -29.57
CA LYS B 114 -19.84 21.22 -29.84
C LYS B 114 -20.19 21.66 -31.28
N ARG B 115 -19.74 22.86 -31.68
CA ARG B 115 -20.04 23.47 -32.99
C ARG B 115 -19.13 23.00 -34.14
N SER B 116 -18.12 22.14 -33.85
CA SER B 116 -17.11 21.63 -34.79
C SER B 116 -16.34 22.81 -35.42
N ASP B 117 -16.01 23.81 -34.58
CA ASP B 117 -15.31 25.04 -34.93
C ASP B 117 -14.15 25.23 -33.94
N SER B 118 -13.06 24.47 -34.17
CA SER B 118 -11.88 24.47 -33.30
C SER B 118 -10.56 24.59 -34.08
N ALA B 119 -10.51 25.46 -35.11
CA ALA B 119 -9.33 25.70 -35.93
C ALA B 119 -9.09 27.19 -36.28
N PHE B 120 -10.12 28.03 -36.07
CA PHE B 120 -10.11 29.47 -36.38
C PHE B 120 -9.01 30.28 -35.66
N PHE B 121 -8.62 29.83 -34.47
CA PHE B 121 -7.64 30.48 -33.59
C PHE B 121 -6.18 30.31 -34.04
N TRP B 122 -5.87 29.34 -34.94
CA TRP B 122 -4.50 29.08 -35.41
C TRP B 122 -3.90 30.21 -36.26
N GLU B 123 -4.71 30.78 -37.17
CA GLU B 123 -4.29 31.88 -38.05
C GLU B 123 -4.10 33.16 -37.21
N GLU B 124 -5.03 33.41 -36.28
CA GLU B 124 -5.03 34.53 -35.35
C GLU B 124 -3.80 34.47 -34.44
N ARG B 125 -3.48 33.28 -33.88
CA ARG B 125 -2.32 33.03 -33.02
C ARG B 125 -1.03 33.34 -33.78
N ASP B 126 -0.93 32.89 -35.04
CA ASP B 126 0.23 33.10 -35.90
C ASP B 126 0.40 34.57 -36.30
N ILE B 127 -0.69 35.24 -36.71
CA ILE B 127 -0.68 36.65 -37.10
C ILE B 127 -0.33 37.53 -35.89
N MET B 128 -1.11 37.47 -34.80
CA MET B 128 -0.89 38.27 -33.59
C MET B 128 0.47 38.06 -32.91
N ALA B 129 0.97 36.82 -32.92
CA ALA B 129 2.25 36.50 -32.29
C ALA B 129 3.48 36.82 -33.14
N PHE B 130 3.39 36.66 -34.48
CA PHE B 130 4.56 36.83 -35.35
C PHE B 130 4.46 37.95 -36.41
N ALA B 131 3.38 38.76 -36.43
CA ALA B 131 3.25 39.87 -37.39
C ALA B 131 4.36 40.91 -37.24
N ASN B 132 4.65 41.33 -35.98
CA ASN B 132 5.63 42.36 -35.62
C ASN B 132 5.34 43.65 -36.43
N SER B 133 4.05 44.01 -36.49
CA SER B 133 3.53 45.15 -37.23
C SER B 133 2.83 46.16 -36.31
N PRO B 134 3.00 47.48 -36.54
CA PRO B 134 2.28 48.46 -35.70
C PRO B 134 0.77 48.51 -35.99
N TRP B 135 0.31 47.74 -37.00
CA TRP B 135 -1.08 47.65 -37.45
C TRP B 135 -1.82 46.44 -36.89
N VAL B 136 -1.11 45.53 -36.21
CA VAL B 136 -1.65 44.29 -35.65
C VAL B 136 -1.47 44.29 -34.12
N VAL B 137 -2.56 44.00 -33.37
CA VAL B 137 -2.56 43.89 -31.91
C VAL B 137 -1.66 42.69 -31.57
N GLN B 138 -0.65 42.91 -30.71
CA GLN B 138 0.33 41.90 -30.34
C GLN B 138 -0.16 40.87 -29.33
N LEU B 139 0.19 39.60 -29.56
CA LEU B 139 -0.07 38.48 -28.67
C LEU B 139 1.22 38.23 -27.90
N PHE B 140 1.20 38.41 -26.58
CA PHE B 140 2.37 38.19 -25.75
C PHE B 140 2.44 36.74 -25.29
N TYR B 141 1.30 36.21 -24.82
CA TYR B 141 1.21 34.84 -24.33
C TYR B 141 -0.08 34.18 -24.76
N ALA B 142 0.00 32.89 -24.99
CA ALA B 142 -1.12 32.02 -25.32
C ALA B 142 -0.95 30.79 -24.41
N PHE B 143 -1.98 30.47 -23.64
CA PHE B 143 -1.97 29.32 -22.73
C PHE B 143 -3.35 28.70 -22.67
N GLN B 144 -3.51 27.60 -21.93
CA GLN B 144 -4.77 26.86 -21.85
C GLN B 144 -4.88 25.95 -20.63
N ASP B 145 -6.12 25.59 -20.28
CA ASP B 145 -6.49 24.59 -19.28
C ASP B 145 -7.50 23.63 -19.95
N ASP B 146 -8.14 22.73 -19.20
CA ASP B 146 -9.12 21.79 -19.78
C ASP B 146 -10.41 22.44 -20.27
N ARG B 147 -10.68 23.71 -19.87
CA ARG B 147 -11.90 24.43 -20.20
C ARG B 147 -11.73 25.55 -21.23
N TYR B 148 -10.64 26.33 -21.15
CA TYR B 148 -10.44 27.48 -22.04
C TYR B 148 -9.08 27.59 -22.68
N LEU B 149 -9.04 28.37 -23.79
CA LEU B 149 -7.85 28.83 -24.48
C LEU B 149 -7.74 30.29 -24.02
N TYR B 150 -6.54 30.74 -23.66
CA TYR B 150 -6.31 32.09 -23.17
C TYR B 150 -5.34 32.84 -24.08
N MET B 151 -5.67 34.09 -24.41
CA MET B 151 -4.84 34.93 -25.27
C MET B 151 -4.52 36.26 -24.62
N VAL B 152 -3.31 36.38 -24.08
CA VAL B 152 -2.80 37.58 -23.41
C VAL B 152 -2.28 38.54 -24.50
N MET B 153 -3.11 39.53 -24.85
CA MET B 153 -2.84 40.52 -25.91
C MET B 153 -2.57 41.91 -25.34
N GLU B 154 -2.05 42.83 -26.18
CA GLU B 154 -1.82 44.22 -25.75
C GLU B 154 -3.14 44.97 -25.60
N TYR B 155 -3.26 45.76 -24.53
CA TYR B 155 -4.45 46.54 -24.26
C TYR B 155 -4.51 47.77 -25.16
N MET B 156 -5.67 48.00 -25.80
CA MET B 156 -5.94 49.11 -26.70
C MET B 156 -6.91 50.05 -25.95
N PRO B 157 -6.39 51.04 -25.19
CA PRO B 157 -7.26 51.86 -24.34
C PRO B 157 -8.21 52.84 -25.03
N GLY B 158 -8.02 53.07 -26.33
CA GLY B 158 -8.86 53.97 -27.12
C GLY B 158 -10.22 53.43 -27.51
N GLY B 159 -10.40 52.11 -27.35
CA GLY B 159 -11.64 51.42 -27.70
C GLY B 159 -11.76 51.14 -29.18
N ASP B 160 -12.94 50.71 -29.64
CA ASP B 160 -13.17 50.41 -31.05
C ASP B 160 -13.79 51.59 -31.82
N LEU B 161 -13.81 51.48 -33.16
CA LEU B 161 -14.32 52.53 -34.05
C LEU B 161 -15.85 52.63 -34.07
N VAL B 162 -16.57 51.58 -33.59
CA VAL B 162 -18.04 51.58 -33.47
C VAL B 162 -18.40 52.57 -32.36
N ASN B 163 -17.63 52.55 -31.26
CA ASN B 163 -17.75 53.42 -30.10
C ASN B 163 -17.42 54.88 -30.47
N LEU B 164 -16.41 55.08 -31.33
CA LEU B 164 -16.00 56.41 -31.82
C LEU B 164 -17.10 57.03 -32.69
N MET B 165 -17.66 56.23 -33.62
CA MET B 165 -18.73 56.63 -34.54
C MET B 165 -20.03 56.96 -33.81
N SER B 166 -20.26 56.34 -32.64
CA SER B 166 -21.45 56.58 -31.81
C SER B 166 -21.30 57.80 -30.90
N ASN B 167 -20.04 58.16 -30.55
CA ASN B 167 -19.71 59.28 -29.69
C ASN B 167 -19.31 60.57 -30.45
N TYR B 168 -19.09 60.46 -31.77
CA TYR B 168 -18.68 61.59 -32.60
C TYR B 168 -19.39 61.65 -33.94
N ASP B 169 -19.62 62.87 -34.45
CA ASP B 169 -20.17 63.12 -35.78
C ASP B 169 -18.91 63.25 -36.63
N VAL B 170 -18.43 62.11 -37.16
CA VAL B 170 -17.18 61.95 -37.90
C VAL B 170 -17.11 62.83 -39.19
N PRO B 171 -16.22 63.86 -39.21
CA PRO B 171 -16.05 64.64 -40.44
C PRO B 171 -15.21 63.87 -41.46
N GLU B 172 -15.15 64.36 -42.73
CA GLU B 172 -14.41 63.70 -43.80
C GLU B 172 -12.89 63.60 -43.55
N LYS B 173 -12.29 64.59 -42.85
CA LYS B 173 -10.87 64.61 -42.51
C LYS B 173 -10.50 63.44 -41.60
N TRP B 174 -11.38 63.11 -40.64
CA TRP B 174 -11.23 61.99 -39.69
C TRP B 174 -11.43 60.68 -40.45
N ALA B 175 -12.50 60.61 -41.29
CA ALA B 175 -12.83 59.46 -42.13
C ALA B 175 -11.65 59.10 -43.04
N ARG B 176 -10.98 60.12 -43.63
CA ARG B 176 -9.80 59.99 -44.49
C ARG B 176 -8.64 59.33 -43.73
N PHE B 177 -8.43 59.74 -42.46
CA PHE B 177 -7.37 59.21 -41.58
C PHE B 177 -7.58 57.73 -41.28
N TYR B 178 -8.77 57.35 -40.75
CA TYR B 178 -9.09 55.98 -40.36
C TYR B 178 -9.15 55.03 -41.56
N THR B 179 -9.66 55.48 -42.72
CA THR B 179 -9.73 54.66 -43.95
C THR B 179 -8.31 54.31 -44.43
N ALA B 180 -7.39 55.30 -44.41
CA ALA B 180 -5.99 55.15 -44.81
C ALA B 180 -5.21 54.21 -43.89
N GLU B 181 -5.53 54.23 -42.57
CA GLU B 181 -4.91 53.36 -41.57
C GLU B 181 -5.37 51.91 -41.79
N VAL B 182 -6.65 51.72 -42.17
CA VAL B 182 -7.24 50.41 -42.48
C VAL B 182 -6.60 49.85 -43.77
N VAL B 183 -6.42 50.70 -44.79
CA VAL B 183 -5.78 50.37 -46.08
C VAL B 183 -4.35 49.85 -45.82
N LEU B 184 -3.57 50.56 -44.98
CA LEU B 184 -2.20 50.18 -44.61
C LEU B 184 -2.16 48.91 -43.75
N ALA B 185 -3.13 48.78 -42.80
CA ALA B 185 -3.27 47.62 -41.92
C ALA B 185 -3.60 46.35 -42.71
N LEU B 186 -4.53 46.46 -43.68
CA LEU B 186 -4.94 45.36 -44.55
C LEU B 186 -3.85 44.95 -45.52
N ASP B 187 -3.05 45.93 -46.01
CA ASP B 187 -1.94 45.66 -46.93
C ASP B 187 -0.84 44.86 -46.22
N ALA B 188 -0.65 45.10 -44.91
CA ALA B 188 0.31 44.37 -44.07
C ALA B 188 -0.11 42.90 -43.96
N ILE B 189 -1.43 42.65 -43.80
CA ILE B 189 -2.05 41.32 -43.71
C ILE B 189 -1.90 40.58 -45.05
N HIS B 190 -2.17 41.27 -46.18
CA HIS B 190 -2.03 40.72 -47.54
C HIS B 190 -0.58 40.32 -47.81
N SER B 191 0.39 41.15 -47.34
CA SER B 191 1.84 40.93 -47.47
C SER B 191 2.29 39.70 -46.69
N MET B 192 1.55 39.33 -45.64
CA MET B 192 1.82 38.14 -44.82
C MET B 192 1.28 36.86 -45.49
N GLY B 193 0.49 37.05 -46.54
CA GLY B 193 -0.10 35.97 -47.33
C GLY B 193 -1.50 35.59 -46.89
N PHE B 194 -2.22 36.51 -46.23
CA PHE B 194 -3.57 36.28 -45.71
C PHE B 194 -4.64 37.21 -46.31
N ILE B 195 -5.91 36.78 -46.21
CA ILE B 195 -7.10 37.53 -46.62
C ILE B 195 -8.02 37.56 -45.38
N HIS B 196 -8.28 38.76 -44.85
CA HIS B 196 -9.04 39.00 -43.63
C HIS B 196 -10.45 38.41 -43.62
N ARG B 197 -11.30 38.78 -44.61
CA ARG B 197 -12.70 38.34 -44.80
C ARG B 197 -13.70 38.81 -43.69
N ASP B 198 -13.28 39.73 -42.77
CA ASP B 198 -14.15 40.26 -41.72
C ASP B 198 -13.74 41.69 -41.31
N VAL B 199 -13.52 42.56 -42.32
CA VAL B 199 -13.12 43.95 -42.09
C VAL B 199 -14.33 44.77 -41.62
N LYS B 200 -14.40 45.03 -40.31
CA LYS B 200 -15.49 45.79 -39.68
C LYS B 200 -14.98 46.72 -38.55
N PRO B 201 -15.65 47.87 -38.28
CA PRO B 201 -15.16 48.78 -37.22
C PRO B 201 -15.10 48.21 -35.80
N ASP B 202 -15.77 47.07 -35.55
CA ASP B 202 -15.80 46.37 -34.27
C ASP B 202 -14.41 45.79 -33.96
N ASN B 203 -13.71 45.33 -35.02
CA ASN B 203 -12.37 44.71 -34.99
C ASN B 203 -11.23 45.72 -35.25
N MET B 204 -11.56 47.04 -35.23
CA MET B 204 -10.60 48.13 -35.42
C MET B 204 -10.47 48.84 -34.07
N LEU B 205 -9.33 48.65 -33.39
CA LEU B 205 -9.09 49.26 -32.08
C LEU B 205 -8.04 50.37 -32.14
N LEU B 206 -8.10 51.30 -31.16
CA LEU B 206 -7.18 52.43 -31.06
C LEU B 206 -6.30 52.31 -29.80
N ASP B 207 -5.01 52.63 -29.94
CA ASP B 207 -4.03 52.58 -28.85
C ASP B 207 -4.06 53.87 -28.00
N LYS B 208 -3.09 54.05 -27.07
CA LYS B 208 -2.98 55.23 -26.20
C LYS B 208 -2.78 56.55 -26.95
N SER B 209 -2.26 56.49 -28.20
CA SER B 209 -2.01 57.65 -29.05
C SER B 209 -3.15 57.92 -30.06
N GLY B 210 -4.11 57.00 -30.13
CA GLY B 210 -5.27 57.09 -31.01
C GLY B 210 -5.10 56.50 -32.38
N HIS B 211 -4.05 55.69 -32.59
CA HIS B 211 -3.78 55.05 -33.88
C HIS B 211 -4.40 53.66 -33.98
N LEU B 212 -4.90 53.33 -35.17
CA LEU B 212 -5.59 52.07 -35.51
C LEU B 212 -4.69 50.83 -35.52
N LYS B 213 -5.29 49.71 -35.09
CA LYS B 213 -4.74 48.35 -35.07
C LYS B 213 -5.88 47.37 -35.28
N LEU B 214 -5.67 46.32 -36.10
CA LEU B 214 -6.66 45.27 -36.31
C LEU B 214 -6.52 44.29 -35.13
N ALA B 215 -7.64 43.90 -34.51
CA ALA B 215 -7.62 43.05 -33.31
C ALA B 215 -8.18 41.63 -33.46
N ASP B 216 -8.98 41.38 -34.49
CA ASP B 216 -9.57 40.05 -34.69
C ASP B 216 -9.16 39.48 -36.04
N PHE B 217 -8.72 38.21 -36.07
CA PHE B 217 -8.25 37.51 -37.26
C PHE B 217 -8.83 36.09 -37.35
N GLY B 218 -10.02 35.91 -36.77
CA GLY B 218 -10.74 34.65 -36.71
C GLY B 218 -11.26 34.10 -38.03
N THR B 219 -11.31 34.94 -39.08
CA THR B 219 -11.78 34.54 -40.41
C THR B 219 -10.66 34.59 -41.47
N CYS B 220 -9.40 34.84 -41.04
CA CYS B 220 -8.23 34.91 -41.94
C CYS B 220 -7.90 33.59 -42.62
N MET B 221 -7.50 33.65 -43.90
CA MET B 221 -7.15 32.49 -44.73
C MET B 221 -5.89 32.72 -45.56
N LYS B 222 -4.97 31.73 -45.58
CA LYS B 222 -3.71 31.74 -46.32
C LYS B 222 -3.94 31.64 -47.85
N MET B 223 -3.38 32.61 -48.59
CA MET B 223 -3.47 32.82 -50.04
C MET B 223 -2.93 31.68 -50.92
N ASN B 224 -3.76 30.63 -51.11
CA ASN B 224 -3.59 29.38 -51.88
C ASN B 224 -2.16 29.12 -52.43
N LYS B 225 -2.00 28.99 -53.77
CA LYS B 225 -0.72 28.73 -54.43
C LYS B 225 0.06 30.03 -54.57
N GLU B 226 -0.57 31.06 -55.15
CA GLU B 226 0.01 32.38 -55.40
C GLU B 226 -0.78 33.49 -54.72
N GLY B 227 -2.10 33.27 -54.55
CA GLY B 227 -2.97 34.24 -53.90
C GLY B 227 -4.43 34.17 -54.29
N MET B 228 -5.07 32.98 -54.14
CA MET B 228 -6.48 32.82 -54.50
C MET B 228 -7.31 31.99 -53.49
N VAL B 229 -7.82 32.64 -52.42
CA VAL B 229 -8.67 32.02 -51.41
C VAL B 229 -9.89 32.89 -51.08
N THR B 237 -20.39 38.39 -39.25
CA THR B 237 -19.77 38.76 -40.52
C THR B 237 -20.67 39.72 -41.39
N PRO B 238 -22.04 39.70 -41.36
CA PRO B 238 -22.78 40.68 -42.19
C PRO B 238 -22.78 42.07 -41.55
N ASP B 239 -22.99 43.18 -42.29
CA ASP B 239 -23.32 43.31 -43.72
C ASP B 239 -22.09 43.58 -44.61
N TYR B 240 -20.91 43.78 -43.98
CA TYR B 240 -19.62 44.08 -44.62
C TYR B 240 -19.15 43.02 -45.63
N ILE B 241 -19.86 41.87 -45.71
CA ILE B 241 -19.59 40.74 -46.61
C ILE B 241 -19.77 41.15 -48.09
N SER B 242 -18.82 40.74 -48.95
CA SER B 242 -18.82 41.04 -50.39
C SER B 242 -19.65 40.02 -51.20
N PRO B 243 -20.12 40.36 -52.43
CA PRO B 243 -20.93 39.40 -53.21
C PRO B 243 -20.23 38.09 -53.58
N GLU B 244 -18.90 38.12 -53.78
CA GLU B 244 -18.11 36.93 -54.14
C GLU B 244 -18.02 35.92 -52.98
N VAL B 245 -17.96 36.43 -51.73
CA VAL B 245 -17.90 35.62 -50.50
C VAL B 245 -19.33 35.12 -50.19
N LEU B 246 -20.34 35.98 -50.43
CA LEU B 246 -21.77 35.69 -50.24
C LEU B 246 -22.32 34.68 -51.27
N LYS B 247 -21.45 34.19 -52.20
CA LYS B 247 -21.75 33.23 -53.28
C LYS B 247 -22.79 33.76 -54.26
N TYR B 254 -13.03 30.15 -56.47
CA TYR B 254 -12.20 30.88 -55.51
C TYR B 254 -11.97 32.35 -55.90
N TYR B 255 -11.81 33.22 -54.89
CA TYR B 255 -11.61 34.69 -55.02
C TYR B 255 -10.25 35.18 -54.47
N GLY B 256 -10.00 36.49 -54.59
CA GLY B 256 -8.76 37.13 -54.13
C GLY B 256 -8.92 38.06 -52.94
N ARG B 257 -7.91 38.93 -52.71
CA ARG B 257 -7.84 39.91 -51.62
C ARG B 257 -8.81 41.10 -51.76
N GLU B 258 -9.33 41.34 -52.98
CA GLU B 258 -10.26 42.45 -53.31
C GLU B 258 -11.58 42.41 -52.52
N CYS B 259 -11.90 41.27 -51.86
CA CYS B 259 -13.09 41.14 -51.03
C CYS B 259 -12.97 41.99 -49.76
N ASP B 260 -11.72 42.23 -49.31
CA ASP B 260 -11.40 43.05 -48.14
C ASP B 260 -11.54 44.53 -48.48
N TRP B 261 -11.32 44.91 -49.75
CA TRP B 261 -11.47 46.28 -50.23
C TRP B 261 -12.92 46.69 -50.32
N TRP B 262 -13.83 45.72 -50.56
CA TRP B 262 -15.29 45.93 -50.59
C TRP B 262 -15.71 46.43 -49.19
N SER B 263 -15.26 45.72 -48.13
CA SER B 263 -15.53 46.01 -46.72
C SER B 263 -15.03 47.39 -46.27
N VAL B 264 -13.97 47.92 -46.93
CA VAL B 264 -13.40 49.24 -46.67
C VAL B 264 -14.40 50.31 -47.18
N GLY B 265 -15.00 50.05 -48.35
CA GLY B 265 -16.02 50.89 -48.96
C GLY B 265 -17.27 50.98 -48.11
N VAL B 266 -17.67 49.85 -47.49
CA VAL B 266 -18.82 49.73 -46.58
C VAL B 266 -18.53 50.55 -45.31
N PHE B 267 -17.32 50.42 -44.76
CA PHE B 267 -16.84 51.13 -43.57
C PHE B 267 -16.77 52.64 -43.80
N LEU B 268 -16.29 53.08 -44.99
CA LEU B 268 -16.19 54.49 -45.36
C LEU B 268 -17.59 55.12 -45.51
N TYR B 269 -18.53 54.38 -46.12
CA TYR B 269 -19.93 54.80 -46.30
C TYR B 269 -20.57 54.98 -44.92
N GLU B 270 -20.43 53.97 -44.03
CA GLU B 270 -20.98 53.96 -42.68
C GLU B 270 -20.46 55.13 -41.84
N MET B 271 -19.18 55.49 -42.00
CA MET B 271 -18.53 56.57 -41.28
C MET B 271 -19.06 57.95 -41.67
N LEU B 272 -19.35 58.16 -42.97
CA LEU B 272 -19.82 59.43 -43.52
C LEU B 272 -21.35 59.59 -43.52
N VAL B 273 -22.10 58.48 -43.65
CA VAL B 273 -23.57 58.50 -43.70
C VAL B 273 -24.19 58.27 -42.31
N GLY B 274 -23.62 57.35 -41.54
CA GLY B 274 -24.11 57.01 -40.20
C GLY B 274 -24.89 55.70 -40.18
N ASP B 275 -25.05 55.07 -41.35
CA ASP B 275 -25.74 53.80 -41.57
C ASP B 275 -24.97 52.99 -42.61
N THR B 276 -25.11 51.65 -42.57
CA THR B 276 -24.46 50.76 -43.54
C THR B 276 -25.18 50.87 -44.90
N PRO B 277 -24.46 50.75 -46.05
CA PRO B 277 -25.12 50.93 -47.35
C PRO B 277 -26.22 49.91 -47.68
N PHE B 278 -26.10 48.68 -47.17
CA PHE B 278 -27.06 47.61 -47.44
C PHE B 278 -27.86 47.23 -46.20
N TYR B 279 -28.11 48.20 -45.31
CA TYR B 279 -28.89 48.00 -44.09
C TYR B 279 -30.33 47.62 -44.40
N ALA B 280 -30.83 46.63 -43.67
CA ALA B 280 -32.19 46.13 -43.73
C ALA B 280 -32.54 45.59 -42.35
N ASP B 281 -33.80 45.79 -41.92
CA ASP B 281 -34.32 45.32 -40.63
C ASP B 281 -34.30 43.81 -40.52
N SER B 282 -34.47 43.11 -41.66
CA SER B 282 -34.40 41.66 -41.78
C SER B 282 -33.04 41.35 -42.40
N LEU B 283 -32.29 40.40 -41.80
CA LEU B 283 -30.97 39.98 -42.27
C LEU B 283 -30.98 39.44 -43.70
N VAL B 284 -32.10 38.81 -44.11
CA VAL B 284 -32.33 38.25 -45.45
C VAL B 284 -32.38 39.39 -46.49
N GLY B 285 -32.94 40.53 -46.09
CA GLY B 285 -33.04 41.74 -46.91
C GLY B 285 -31.70 42.34 -47.26
N THR B 286 -30.74 42.26 -46.31
CA THR B 286 -29.35 42.74 -46.45
C THR B 286 -28.62 41.89 -47.50
N TYR B 287 -28.82 40.55 -47.46
CA TYR B 287 -28.26 39.54 -48.38
C TYR B 287 -28.59 39.89 -49.83
N SER B 288 -29.87 40.25 -50.09
CA SER B 288 -30.38 40.62 -51.41
C SER B 288 -29.80 41.96 -51.89
N LYS B 289 -29.72 42.96 -50.98
CA LYS B 289 -29.18 44.31 -51.24
C LYS B 289 -27.71 44.24 -51.69
N ILE B 290 -26.90 43.39 -51.04
CA ILE B 290 -25.48 43.19 -51.38
C ILE B 290 -25.34 42.64 -52.81
N MET B 291 -26.13 41.61 -53.17
CA MET B 291 -26.13 40.99 -54.49
C MET B 291 -26.64 41.94 -55.57
N ASN B 292 -27.60 42.80 -55.21
CA ASN B 292 -28.21 43.80 -56.09
C ASN B 292 -27.63 45.20 -55.84
N HIS B 293 -26.31 45.28 -55.50
CA HIS B 293 -25.58 46.52 -55.21
C HIS B 293 -25.64 47.56 -56.35
N LYS B 294 -25.81 47.09 -57.61
CA LYS B 294 -25.94 47.90 -58.82
C LYS B 294 -27.13 48.86 -58.73
N ASN B 295 -28.24 48.42 -58.07
CA ASN B 295 -29.46 49.21 -57.92
C ASN B 295 -29.78 49.60 -56.48
N SER B 296 -29.22 48.89 -55.48
CA SER B 296 -29.49 49.16 -54.06
C SER B 296 -28.60 50.24 -53.42
N LEU B 297 -27.39 50.49 -53.97
CA LEU B 297 -26.50 51.51 -53.43
C LEU B 297 -27.02 52.93 -53.75
N THR B 298 -27.47 53.64 -52.70
CA THR B 298 -28.01 55.00 -52.80
C THR B 298 -27.43 55.89 -51.70
N ILE B 305 -19.53 64.13 -47.64
CA ILE B 305 -20.51 64.57 -48.65
C ILE B 305 -19.83 64.99 -49.98
N SER B 306 -18.49 64.85 -50.06
CA SER B 306 -17.68 65.20 -51.23
C SER B 306 -17.87 64.24 -52.41
N LYS B 307 -17.53 64.73 -53.62
CA LYS B 307 -17.60 63.99 -54.89
C LYS B 307 -16.58 62.85 -54.91
N GLU B 308 -15.35 63.11 -54.45
CA GLU B 308 -14.26 62.13 -54.41
C GLU B 308 -14.45 61.06 -53.34
N ALA B 309 -15.23 61.37 -52.27
CA ALA B 309 -15.56 60.42 -51.20
C ALA B 309 -16.56 59.41 -51.75
N LYS B 310 -17.57 59.89 -52.52
CA LYS B 310 -18.60 59.08 -53.18
C LYS B 310 -17.96 58.19 -54.25
N ASN B 311 -16.96 58.74 -54.99
CA ASN B 311 -16.22 58.02 -56.04
C ASN B 311 -15.44 56.83 -55.49
N LEU B 312 -14.83 56.97 -54.29
CA LEU B 312 -14.08 55.90 -53.63
C LEU B 312 -15.01 54.78 -53.18
N ILE B 313 -16.14 55.13 -52.53
CA ILE B 313 -17.17 54.19 -52.05
C ILE B 313 -17.68 53.36 -53.23
N CYS B 314 -17.99 54.02 -54.37
CA CYS B 314 -18.46 53.39 -55.60
C CYS B 314 -17.38 52.54 -56.30
N ALA B 315 -16.09 52.93 -56.17
CA ALA B 315 -14.96 52.20 -56.75
C ALA B 315 -14.73 50.87 -56.03
N PHE B 316 -14.99 50.84 -54.71
CA PHE B 316 -14.87 49.65 -53.87
C PHE B 316 -16.12 48.78 -53.98
N LEU B 317 -17.23 49.38 -54.43
CA LEU B 317 -18.51 48.71 -54.64
C LEU B 317 -18.72 48.36 -56.10
N VAL B 329 -3.59 48.27 -52.41
CA VAL B 329 -2.68 48.48 -53.53
C VAL B 329 -2.44 49.97 -53.78
N GLU B 330 -1.45 50.29 -54.64
CA GLU B 330 -1.03 51.63 -55.04
C GLU B 330 -2.13 52.46 -55.71
N GLU B 331 -3.05 51.80 -56.47
CA GLU B 331 -4.17 52.47 -57.14
C GLU B 331 -5.18 53.05 -56.13
N ILE B 332 -5.29 52.42 -54.93
CA ILE B 332 -6.16 52.86 -53.82
C ILE B 332 -5.53 54.11 -53.21
N LYS B 333 -4.21 54.07 -52.95
CA LYS B 333 -3.42 55.16 -52.36
C LYS B 333 -3.39 56.42 -53.24
N ARG B 334 -3.43 56.22 -54.58
CA ARG B 334 -3.42 57.29 -55.58
C ARG B 334 -4.77 57.98 -55.79
N HIS B 335 -5.86 57.48 -55.15
CA HIS B 335 -7.20 58.07 -55.27
C HIS B 335 -7.23 59.50 -54.70
N LEU B 336 -8.00 60.40 -55.35
CA LEU B 336 -8.13 61.81 -54.98
C LEU B 336 -8.73 62.05 -53.58
N PHE B 337 -9.45 61.08 -53.01
CA PHE B 337 -10.03 61.19 -51.66
C PHE B 337 -8.92 61.29 -50.61
N PHE B 338 -7.83 60.51 -50.78
CA PHE B 338 -6.69 60.49 -49.88
C PHE B 338 -5.72 61.68 -50.07
N LYS B 339 -5.96 62.51 -51.10
CA LYS B 339 -5.14 63.70 -51.37
C LYS B 339 -5.42 64.77 -50.30
N ASN B 340 -4.41 65.06 -49.47
CA ASN B 340 -4.48 66.02 -48.36
C ASN B 340 -3.10 66.62 -48.06
N ASP B 341 -3.07 67.70 -47.27
CA ASP B 341 -1.85 68.40 -46.87
C ASP B 341 -1.51 68.19 -45.38
N GLN B 342 -2.25 67.28 -44.70
CA GLN B 342 -2.08 66.98 -43.26
C GLN B 342 -1.08 65.85 -43.00
N TRP B 343 -1.15 64.75 -43.80
CA TRP B 343 -0.29 63.58 -43.65
C TRP B 343 0.17 62.95 -44.97
N ALA B 344 1.14 62.02 -44.88
CA ALA B 344 1.68 61.24 -46.00
C ALA B 344 1.56 59.75 -45.64
N TRP B 345 1.32 58.89 -46.65
CA TRP B 345 1.14 57.44 -46.52
C TRP B 345 2.24 56.71 -45.72
N GLU B 346 3.50 57.07 -45.98
CA GLU B 346 4.69 56.46 -45.34
C GLU B 346 4.94 56.94 -43.90
N THR B 347 4.34 58.06 -43.48
CA THR B 347 4.52 58.63 -42.13
C THR B 347 3.18 58.92 -41.41
N LEU B 348 2.08 58.28 -41.88
CA LEU B 348 0.72 58.43 -41.35
C LEU B 348 0.58 58.05 -39.86
N ARG B 349 1.21 56.96 -39.42
CA ARG B 349 1.13 56.50 -38.03
C ARG B 349 1.98 57.35 -37.05
N ASP B 350 2.75 58.31 -37.58
CA ASP B 350 3.59 59.22 -36.79
C ASP B 350 2.89 60.57 -36.53
N THR B 351 1.90 60.92 -37.37
CA THR B 351 1.10 62.14 -37.26
C THR B 351 0.11 62.02 -36.10
N VAL B 352 -0.41 63.16 -35.57
CA VAL B 352 -1.36 63.15 -34.45
C VAL B 352 -2.75 62.71 -34.94
N ALA B 353 -3.31 61.71 -34.23
CA ALA B 353 -4.62 61.11 -34.49
C ALA B 353 -5.76 62.11 -34.22
N PRO B 354 -6.95 61.95 -34.89
CA PRO B 354 -8.05 62.89 -34.63
C PRO B 354 -8.59 62.86 -33.20
N VAL B 355 -8.62 61.67 -32.59
CA VAL B 355 -9.06 61.45 -31.20
C VAL B 355 -7.93 60.78 -30.43
N VAL B 356 -7.39 61.49 -29.42
CA VAL B 356 -6.34 60.98 -28.54
C VAL B 356 -6.99 60.67 -27.18
N PRO B 357 -6.90 59.41 -26.71
CA PRO B 357 -7.56 59.05 -25.44
C PRO B 357 -7.05 59.75 -24.19
N ASP B 358 -7.99 60.28 -23.39
CA ASP B 358 -7.72 60.94 -22.11
C ASP B 358 -7.74 59.85 -21.04
N LEU B 359 -6.56 59.40 -20.62
CA LEU B 359 -6.44 58.29 -19.66
C LEU B 359 -5.96 58.74 -18.29
N SER B 360 -6.71 58.34 -17.24
CA SER B 360 -6.43 58.67 -15.84
C SER B 360 -5.52 57.64 -15.14
N SER B 361 -5.57 56.37 -15.59
CA SER B 361 -4.77 55.27 -15.04
C SER B 361 -4.45 54.21 -16.12
N ASP B 362 -3.61 53.23 -15.78
CA ASP B 362 -3.22 52.13 -16.66
C ASP B 362 -4.35 51.08 -16.83
N ILE B 363 -5.43 51.21 -16.03
CA ILE B 363 -6.61 50.34 -16.03
C ILE B 363 -7.91 51.15 -16.36
N ASP B 364 -7.76 52.28 -17.08
CA ASP B 364 -8.85 53.15 -17.51
C ASP B 364 -9.62 52.47 -18.64
N THR B 365 -10.93 52.20 -18.42
CA THR B 365 -11.81 51.53 -19.39
C THR B 365 -13.00 52.40 -19.83
N SER B 366 -12.86 53.74 -19.75
CA SER B 366 -13.89 54.72 -20.12
C SER B 366 -14.31 54.63 -21.60
N ASN B 367 -13.40 54.17 -22.48
CA ASN B 367 -13.64 54.01 -23.92
C ASN B 367 -14.29 52.66 -24.27
N PHE B 368 -14.65 51.87 -23.24
CA PHE B 368 -15.31 50.57 -23.35
C PHE B 368 -16.61 50.56 -22.56
N ASP B 369 -17.72 50.15 -23.22
CA ASP B 369 -19.04 50.06 -22.61
C ASP B 369 -19.15 48.86 -21.65
N ASP B 370 -20.20 48.85 -20.81
CA ASP B 370 -20.49 47.76 -19.87
C ASP B 370 -21.98 47.66 -19.57
N PHE B 381 -17.67 18.47 -21.55
CA PHE B 381 -18.34 18.35 -20.26
C PHE B 381 -18.70 16.91 -19.83
N PRO B 382 -19.25 15.98 -20.68
CA PRO B 382 -19.60 14.66 -20.14
C PRO B 382 -18.42 13.71 -19.94
N ILE B 383 -18.50 12.88 -18.89
CA ILE B 383 -17.46 11.90 -18.58
C ILE B 383 -17.43 10.85 -19.71
N PRO B 384 -16.27 10.68 -20.40
CA PRO B 384 -16.20 9.72 -21.50
C PRO B 384 -16.25 8.26 -21.06
N LYS B 385 -16.93 7.42 -21.86
CA LYS B 385 -17.06 5.98 -21.64
C LYS B 385 -15.97 5.23 -22.43
N ALA B 386 -15.33 5.96 -23.37
CA ALA B 386 -14.22 5.54 -24.23
C ALA B 386 -13.39 6.79 -24.58
N PHE B 387 -12.19 6.61 -25.17
CA PHE B 387 -11.32 7.73 -25.54
C PHE B 387 -11.96 8.58 -26.64
N VAL B 388 -12.15 9.90 -26.35
CA VAL B 388 -12.74 10.86 -27.29
C VAL B 388 -11.70 11.89 -27.76
N GLY B 389 -10.72 12.20 -26.91
CA GLY B 389 -9.63 13.14 -27.20
C GLY B 389 -10.05 14.57 -27.45
N ASN B 390 -10.91 15.13 -26.58
CA ASN B 390 -11.43 16.50 -26.68
C ASN B 390 -10.37 17.61 -26.55
N GLN B 391 -9.20 17.28 -25.98
CA GLN B 391 -8.09 18.23 -25.80
C GLN B 391 -7.11 18.25 -26.99
N LEU B 392 -7.18 17.23 -27.87
CA LEU B 392 -6.31 17.07 -29.06
C LEU B 392 -6.34 18.26 -30.06
N PRO B 393 -7.49 18.89 -30.43
CA PRO B 393 -7.43 20.03 -31.37
C PRO B 393 -6.82 21.33 -30.81
N PHE B 394 -6.36 21.29 -29.54
CA PHE B 394 -5.78 22.43 -28.84
C PHE B 394 -4.29 22.24 -28.49
N VAL B 395 -3.71 21.07 -28.85
CA VAL B 395 -2.29 20.73 -28.64
C VAL B 395 -1.45 21.64 -29.56
N GLY B 396 -0.50 22.35 -28.96
CA GLY B 396 0.38 23.27 -29.65
C GLY B 396 -0.04 24.73 -29.65
N PHE B 397 -1.10 25.06 -28.88
CA PHE B 397 -1.62 26.43 -28.77
C PHE B 397 -0.75 27.31 -27.88
N THR B 398 -0.13 26.73 -26.84
CA THR B 398 0.71 27.45 -25.88
C THR B 398 1.88 28.18 -26.58
N TYR B 399 2.05 29.47 -26.22
CA TYR B 399 3.07 30.36 -26.75
C TYR B 399 3.48 31.36 -25.68
N TYR B 400 4.80 31.51 -25.48
CA TYR B 400 5.37 32.47 -24.55
C TYR B 400 6.45 33.25 -25.30
N SER B 401 6.25 34.57 -25.49
CA SER B 401 7.23 35.43 -26.16
C SER B 401 8.40 35.66 -25.20
N ASN B 402 9.64 35.52 -25.71
CA ASN B 402 10.92 35.66 -24.99
C ASN B 402 11.14 34.55 -23.95
N HIS C 4 -16.78 -10.44 43.99
CA HIS C 4 -15.88 -11.54 43.67
C HIS C 4 -15.81 -12.65 44.75
N MET C 5 -16.64 -12.62 45.82
CA MET C 5 -16.53 -13.67 46.83
C MET C 5 -17.11 -15.01 46.38
N SER C 6 -18.43 -15.04 46.08
CA SER C 6 -19.14 -16.25 45.66
C SER C 6 -18.57 -16.84 44.39
N PHE C 7 -18.55 -18.19 44.33
CA PHE C 7 -18.06 -19.00 43.22
C PHE C 7 -18.68 -18.59 41.88
N GLU C 8 -20.02 -18.49 41.83
CA GLU C 8 -20.82 -18.13 40.66
C GLU C 8 -20.68 -16.65 40.26
N THR C 9 -20.49 -15.75 41.26
CA THR C 9 -20.31 -14.31 41.08
C THR C 9 -19.00 -14.04 40.34
N ARG C 10 -17.95 -14.79 40.71
CA ARG C 10 -16.62 -14.70 40.08
C ARG C 10 -16.68 -14.95 38.59
N PHE C 11 -17.51 -15.93 38.16
CA PHE C 11 -17.72 -16.29 36.76
C PHE C 11 -18.48 -15.21 36.01
N GLU C 12 -19.52 -14.62 36.65
CA GLU C 12 -20.38 -13.56 36.10
C GLU C 12 -19.54 -12.31 35.83
N LYS C 13 -18.74 -11.88 36.83
CA LYS C 13 -17.84 -10.72 36.77
C LYS C 13 -16.80 -10.87 35.67
N MET C 14 -16.31 -12.11 35.51
CA MET C 14 -15.36 -12.58 34.52
C MET C 14 -16.03 -12.53 33.14
N ASP C 15 -17.30 -12.94 33.06
CA ASP C 15 -18.11 -12.95 31.84
C ASP C 15 -18.44 -11.52 31.35
N ASN C 16 -18.69 -10.57 32.29
CA ASN C 16 -18.99 -9.17 31.98
C ASN C 16 -17.85 -8.52 31.20
N LEU C 17 -16.61 -8.81 31.61
CA LEU C 17 -15.33 -8.33 31.07
C LEU C 17 -15.06 -8.83 29.64
N LEU C 18 -15.54 -10.05 29.32
CA LEU C 18 -15.36 -10.69 28.00
C LEU C 18 -16.32 -10.21 26.92
N ARG C 19 -17.53 -9.75 27.33
CA ARG C 19 -18.59 -9.30 26.42
C ARG C 19 -18.61 -7.80 26.16
N ASP C 20 -18.29 -6.98 27.20
CA ASP C 20 -18.28 -5.51 27.13
C ASP C 20 -17.40 -4.96 25.98
N PRO C 21 -17.98 -4.21 25.00
CA PRO C 21 -17.16 -3.69 23.88
C PRO C 21 -16.12 -2.64 24.29
N LYS C 22 -16.35 -1.95 25.42
CA LYS C 22 -15.45 -0.93 25.95
C LYS C 22 -14.33 -1.55 26.84
N SER C 23 -14.42 -2.88 27.12
CA SER C 23 -13.45 -3.64 27.93
C SER C 23 -12.14 -3.90 27.18
N GLU C 24 -11.02 -3.85 27.93
CA GLU C 24 -9.66 -4.08 27.40
C GLU C 24 -9.40 -5.56 27.17
N VAL C 25 -10.20 -6.44 27.79
CA VAL C 25 -10.05 -7.90 27.70
C VAL C 25 -11.27 -8.61 27.07
N ASN C 26 -11.94 -7.95 26.12
CA ASN C 26 -13.05 -8.60 25.41
C ASN C 26 -12.49 -9.57 24.36
N SER C 27 -13.32 -10.46 23.80
CA SER C 27 -12.94 -11.50 22.83
C SER C 27 -12.02 -11.02 21.68
N ASP C 28 -12.33 -9.86 21.06
CA ASP C 28 -11.55 -9.28 19.94
C ASP C 28 -10.17 -8.78 20.39
N CYS C 29 -10.09 -8.27 21.61
CA CYS C 29 -8.83 -7.79 22.20
C CYS C 29 -7.92 -8.95 22.56
N LEU C 30 -8.49 -10.07 23.03
CA LEU C 30 -7.76 -11.27 23.42
C LEU C 30 -7.19 -11.98 22.20
N LEU C 31 -7.90 -11.91 21.06
CA LEU C 31 -7.44 -12.48 19.80
C LEU C 31 -6.26 -11.68 19.25
N ASP C 32 -6.22 -10.36 19.55
CA ASP C 32 -5.13 -9.46 19.17
C ASP C 32 -3.85 -9.87 19.87
N GLY C 33 -3.94 -10.29 21.13
CA GLY C 33 -2.82 -10.72 21.95
C GLY C 33 -2.10 -11.92 21.34
N LEU C 34 -2.89 -12.95 20.98
CA LEU C 34 -2.41 -14.19 20.35
C LEU C 34 -1.85 -13.91 18.96
N ASP C 35 -2.55 -13.06 18.17
CA ASP C 35 -2.17 -12.64 16.82
C ASP C 35 -0.83 -11.90 16.84
N ALA C 36 -0.65 -10.93 17.76
CA ALA C 36 0.58 -10.14 17.96
C ALA C 36 1.74 -11.06 18.35
N LEU C 37 1.48 -12.02 19.25
CA LEU C 37 2.45 -13.01 19.72
C LEU C 37 3.00 -13.85 18.58
N VAL C 38 2.13 -14.33 17.66
CA VAL C 38 2.51 -15.12 16.49
C VAL C 38 3.36 -14.28 15.52
N TYR C 39 3.01 -12.99 15.33
CA TYR C 39 3.75 -12.06 14.46
C TYR C 39 5.16 -11.78 15.01
N ASP C 40 5.25 -11.43 16.31
CA ASP C 40 6.49 -11.07 17.00
C ASP C 40 7.46 -12.21 17.29
N LEU C 41 6.98 -13.47 17.26
CA LEU C 41 7.81 -14.64 17.56
C LEU C 41 8.25 -15.45 16.33
N ASP C 42 7.50 -15.38 15.22
CA ASP C 42 7.76 -16.15 14.01
C ASP C 42 8.92 -15.61 13.15
N PHE C 43 10.15 -15.84 13.64
CA PHE C 43 11.41 -15.48 13.00
C PHE C 43 12.40 -16.60 13.29
N PRO C 44 13.21 -17.04 12.30
CA PRO C 44 14.13 -18.18 12.53
C PRO C 44 15.08 -18.07 13.72
N ALA C 45 15.56 -16.85 14.05
CA ALA C 45 16.46 -16.60 15.20
C ALA C 45 15.76 -16.88 16.53
N LEU C 46 14.48 -16.47 16.64
CA LEU C 46 13.65 -16.64 17.84
C LEU C 46 13.15 -18.07 17.97
N ARG C 47 12.94 -18.76 16.83
CA ARG C 47 12.48 -20.14 16.74
C ARG C 47 13.52 -21.15 17.27
N LYS C 48 14.78 -20.70 17.52
CA LYS C 48 15.86 -21.52 18.08
C LYS C 48 15.53 -21.89 19.54
N ASN C 49 14.67 -21.08 20.20
CA ASN C 49 14.16 -21.27 21.55
C ASN C 49 13.04 -22.33 21.45
N LYS C 50 13.17 -23.43 22.23
CA LYS C 50 12.23 -24.55 22.27
C LYS C 50 10.79 -24.11 22.62
N ASN C 51 10.65 -23.20 23.60
CA ASN C 51 9.36 -22.67 24.06
C ASN C 51 8.64 -21.87 22.97
N ILE C 52 9.40 -21.04 22.21
CA ILE C 52 8.88 -20.22 21.12
C ILE C 52 8.48 -21.09 19.92
N ASP C 53 9.36 -22.05 19.55
CA ASP C 53 9.14 -22.97 18.44
C ASP C 53 7.92 -23.85 18.63
N ASN C 54 7.78 -24.48 19.80
CA ASN C 54 6.67 -25.38 20.11
C ASN C 54 5.32 -24.67 20.21
N PHE C 55 5.29 -23.42 20.76
CA PHE C 55 4.08 -22.59 20.84
C PHE C 55 3.59 -22.25 19.43
N LEU C 56 4.53 -21.90 18.52
CA LEU C 56 4.21 -21.56 17.14
C LEU C 56 3.72 -22.76 16.35
N SER C 57 4.31 -23.94 16.54
CA SER C 57 3.88 -25.16 15.85
C SER C 57 2.46 -25.59 16.31
N ARG C 58 2.09 -25.20 17.54
CA ARG C 58 0.82 -25.46 18.20
C ARG C 58 -0.27 -24.45 17.82
N TYR C 59 0.08 -23.17 17.56
CA TYR C 59 -0.90 -22.12 17.29
C TYR C 59 -0.87 -21.44 15.93
N LYS C 60 0.29 -21.41 15.23
CA LYS C 60 0.46 -20.73 13.92
C LYS C 60 -0.62 -21.10 12.89
N ASP C 61 -0.97 -22.40 12.77
CA ASP C 61 -1.98 -22.87 11.83
C ASP C 61 -3.39 -22.39 12.16
N THR C 62 -3.78 -22.44 13.46
CA THR C 62 -5.11 -22.00 13.92
C THR C 62 -5.22 -20.46 13.86
N ILE C 63 -4.10 -19.73 14.03
CA ILE C 63 -4.05 -18.25 13.94
C ILE C 63 -4.21 -17.82 12.47
N ASN C 64 -3.71 -18.66 11.53
CA ASN C 64 -3.85 -18.45 10.08
C ASN C 64 -5.34 -18.57 9.67
N LYS C 65 -6.07 -19.49 10.29
CA LYS C 65 -7.51 -19.63 10.07
C LYS C 65 -8.29 -18.41 10.60
N ILE C 66 -7.91 -17.96 11.79
CA ILE C 66 -8.47 -16.78 12.46
C ILE C 66 -8.23 -15.51 11.62
N ARG C 67 -7.01 -15.35 11.07
CA ARG C 67 -6.62 -14.25 10.21
C ARG C 67 -7.46 -14.20 8.93
N ASP C 68 -7.89 -15.38 8.42
CA ASP C 68 -8.73 -15.53 7.23
C ASP C 68 -10.20 -15.24 7.56
N LEU C 69 -10.67 -15.66 8.76
CA LEU C 69 -12.05 -15.46 9.22
C LEU C 69 -12.32 -14.01 9.65
N ARG C 70 -11.35 -13.39 10.36
CA ARG C 70 -11.48 -12.00 10.84
C ARG C 70 -11.32 -11.00 9.71
N MET C 71 -11.75 -9.75 9.97
CA MET C 71 -11.67 -8.66 9.01
C MET C 71 -10.23 -8.34 8.66
N LYS C 72 -9.98 -8.18 7.35
CA LYS C 72 -8.68 -7.89 6.76
C LYS C 72 -8.82 -6.89 5.61
N ALA C 73 -7.70 -6.27 5.19
CA ALA C 73 -7.67 -5.28 4.10
C ALA C 73 -8.18 -5.82 2.77
N GLU C 74 -8.01 -7.14 2.52
CA GLU C 74 -8.44 -7.83 1.30
C GLU C 74 -9.97 -7.87 1.14
N ASP C 75 -10.73 -7.66 2.24
CA ASP C 75 -12.20 -7.63 2.25
C ASP C 75 -12.72 -6.36 1.61
N TYR C 76 -11.83 -5.37 1.40
CA TYR C 76 -12.17 -4.05 0.87
C TYR C 76 -11.51 -3.79 -0.48
N GLU C 77 -12.27 -3.17 -1.37
CA GLU C 77 -11.84 -2.77 -2.71
C GLU C 77 -11.53 -1.27 -2.64
N VAL C 78 -10.27 -0.88 -2.87
CA VAL C 78 -9.88 0.53 -2.84
C VAL C 78 -10.32 1.22 -4.15
N VAL C 79 -11.11 2.28 -4.02
CA VAL C 79 -11.65 3.06 -5.13
C VAL C 79 -10.73 4.26 -5.44
N LYS C 80 -10.34 5.05 -4.41
CA LYS C 80 -9.50 6.25 -4.56
C LYS C 80 -8.93 6.69 -3.21
N VAL C 81 -7.74 7.31 -3.21
CA VAL C 81 -7.12 7.90 -2.02
C VAL C 81 -7.74 9.31 -1.92
N ILE C 82 -8.51 9.55 -0.84
CA ILE C 82 -9.24 10.81 -0.63
C ILE C 82 -8.64 11.70 0.47
N GLY C 83 -7.71 11.15 1.25
CA GLY C 83 -7.04 11.86 2.34
C GLY C 83 -5.65 11.37 2.64
N ARG C 84 -4.86 12.20 3.34
CA ARG C 84 -3.48 11.91 3.74
C ARG C 84 -3.13 12.64 5.02
N GLY C 85 -2.37 11.95 5.87
CA GLY C 85 -1.90 12.46 7.16
C GLY C 85 -0.45 12.09 7.38
N ALA C 86 0.08 12.43 8.57
CA ALA C 86 1.48 12.18 8.94
C ALA C 86 1.88 10.71 8.91
N PHE C 87 1.03 9.82 9.49
CA PHE C 87 1.30 8.38 9.60
C PHE C 87 0.49 7.49 8.65
N GLY C 88 -0.18 8.07 7.67
CA GLY C 88 -0.95 7.29 6.70
C GLY C 88 -1.83 8.06 5.75
N GLU C 89 -2.87 7.37 5.23
CA GLU C 89 -3.82 7.92 4.27
C GLU C 89 -5.25 7.40 4.50
N VAL C 90 -6.25 8.10 3.90
CA VAL C 90 -7.66 7.73 3.92
C VAL C 90 -8.05 7.30 2.50
N GLN C 91 -8.61 6.10 2.37
CA GLN C 91 -9.04 5.54 1.10
C GLN C 91 -10.54 5.36 1.06
N LEU C 92 -11.16 5.64 -0.09
CA LEU C 92 -12.58 5.37 -0.29
C LEU C 92 -12.61 3.88 -0.66
N VAL C 93 -13.26 3.08 0.19
CA VAL C 93 -13.34 1.63 0.01
C VAL C 93 -14.77 1.14 -0.15
N ARG C 94 -14.90 -0.06 -0.71
CA ARG C 94 -16.16 -0.77 -0.86
C ARG C 94 -15.93 -2.18 -0.35
N HIS C 95 -16.72 -2.61 0.67
CA HIS C 95 -16.63 -3.95 1.23
C HIS C 95 -17.10 -4.94 0.16
N LYS C 96 -16.22 -5.85 -0.26
CA LYS C 96 -16.48 -6.82 -1.33
C LYS C 96 -17.71 -7.71 -1.12
N SER C 97 -18.03 -8.05 0.15
CA SER C 97 -19.17 -8.90 0.51
C SER C 97 -20.49 -8.15 0.66
N THR C 98 -20.52 -7.09 1.49
CA THR C 98 -21.73 -6.30 1.77
C THR C 98 -22.04 -5.24 0.69
N ARG C 99 -21.01 -4.83 -0.09
CA ARG C 99 -21.04 -3.82 -1.16
C ARG C 99 -21.19 -2.39 -0.60
N LYS C 100 -21.10 -2.24 0.75
CA LYS C 100 -21.18 -0.97 1.48
C LYS C 100 -19.93 -0.13 1.26
N VAL C 101 -20.12 1.19 1.15
CA VAL C 101 -19.06 2.18 0.89
C VAL C 101 -18.66 2.90 2.19
N TYR C 102 -17.34 2.91 2.47
CA TYR C 102 -16.75 3.54 3.66
C TYR C 102 -15.49 4.33 3.32
N ALA C 103 -14.96 5.06 4.32
CA ALA C 103 -13.68 5.78 4.27
C ALA C 103 -12.79 5.03 5.24
N MET C 104 -11.69 4.44 4.73
CA MET C 104 -10.77 3.66 5.55
C MET C 104 -9.46 4.39 5.80
N LYS C 105 -9.18 4.68 7.08
CA LYS C 105 -7.94 5.34 7.50
C LYS C 105 -6.91 4.26 7.85
N LEU C 106 -5.70 4.42 7.32
CA LEU C 106 -4.57 3.52 7.54
C LEU C 106 -3.52 4.26 8.35
N LEU C 107 -3.04 3.65 9.44
CA LEU C 107 -2.00 4.22 10.30
C LEU C 107 -0.82 3.26 10.34
N SER C 108 0.35 3.74 9.90
CA SER C 108 1.59 2.97 9.82
C SER C 108 2.13 2.64 11.20
N LYS C 109 2.26 1.35 11.52
CA LYS C 109 2.81 0.87 12.79
C LYS C 109 4.30 1.21 12.89
N PHE C 110 5.03 1.21 11.76
CA PHE C 110 6.45 1.56 11.72
C PHE C 110 6.66 2.97 12.26
N GLU C 111 5.88 3.95 11.76
CA GLU C 111 5.94 5.36 12.15
C GLU C 111 5.61 5.57 13.63
N MET C 112 4.61 4.83 14.14
CA MET C 112 4.18 4.90 15.54
C MET C 112 5.24 4.34 16.49
N ILE C 113 5.95 3.28 16.08
CA ILE C 113 7.02 2.67 16.90
C ILE C 113 8.29 3.52 16.85
N LYS C 114 8.74 3.90 15.64
CA LYS C 114 9.93 4.72 15.37
C LYS C 114 9.87 6.06 16.11
N ARG C 115 8.74 6.78 15.99
CA ARG C 115 8.51 8.10 16.55
C ARG C 115 7.92 8.10 17.97
N SER C 116 7.86 6.91 18.63
CA SER C 116 7.30 6.73 19.98
C SER C 116 5.97 7.51 20.13
N ASP C 117 5.03 7.25 19.20
CA ASP C 117 3.75 7.93 19.11
C ASP C 117 2.66 6.87 18.83
N SER C 118 2.34 6.06 19.86
CA SER C 118 1.37 4.97 19.75
C SER C 118 0.26 4.97 20.80
N ALA C 119 -0.23 6.16 21.19
CA ALA C 119 -1.29 6.30 22.19
C ALA C 119 -2.49 7.11 21.72
N PHE C 120 -2.28 8.04 20.75
CA PHE C 120 -3.28 8.96 20.21
C PHE C 120 -4.54 8.29 19.61
N PHE C 121 -4.37 7.10 19.03
CA PHE C 121 -5.45 6.37 18.37
C PHE C 121 -6.43 5.75 19.35
N TRP C 122 -6.06 5.65 20.64
CA TRP C 122 -6.92 5.09 21.68
C TRP C 122 -8.10 5.99 22.00
N GLU C 123 -7.91 7.32 21.96
CA GLU C 123 -8.97 8.29 22.26
C GLU C 123 -9.95 8.42 21.11
N GLU C 124 -9.41 8.53 19.89
CA GLU C 124 -10.13 8.60 18.62
C GLU C 124 -11.01 7.35 18.42
N ARG C 125 -10.46 6.15 18.69
CA ARG C 125 -11.15 4.86 18.62
C ARG C 125 -12.35 4.87 19.56
N ASP C 126 -12.17 5.35 20.80
CA ASP C 126 -13.20 5.43 21.83
C ASP C 126 -14.30 6.43 21.48
N ILE C 127 -13.93 7.64 21.00
CA ILE C 127 -14.87 8.69 20.60
C ILE C 127 -15.67 8.23 19.38
N MET C 128 -15.00 7.91 18.27
CA MET C 128 -15.66 7.50 17.03
C MET C 128 -16.53 6.24 17.14
N ALA C 129 -16.11 5.27 17.96
CA ALA C 129 -16.85 4.01 18.17
C ALA C 129 -17.99 4.09 19.16
N PHE C 130 -17.85 4.90 20.24
CA PHE C 130 -18.88 4.94 21.28
C PHE C 130 -19.57 6.30 21.50
N ALA C 131 -19.30 7.33 20.66
CA ALA C 131 -19.95 8.65 20.79
C ALA C 131 -21.46 8.58 20.60
N ASN C 132 -21.91 7.86 19.54
CA ASN C 132 -23.32 7.72 19.14
C ASN C 132 -23.96 9.11 18.98
N SER C 133 -23.21 10.01 18.32
CA SER C 133 -23.59 11.41 18.11
C SER C 133 -23.68 11.76 16.63
N PRO C 134 -24.67 12.58 16.20
CA PRO C 134 -24.74 12.97 14.78
C PRO C 134 -23.64 13.99 14.40
N TRP C 135 -22.83 14.43 15.38
CA TRP C 135 -21.75 15.39 15.23
C TRP C 135 -20.36 14.76 15.11
N VAL C 136 -20.29 13.43 15.31
CA VAL C 136 -19.05 12.66 15.30
C VAL C 136 -19.13 11.62 14.18
N VAL C 137 -18.07 11.55 13.32
CA VAL C 137 -17.96 10.56 12.25
C VAL C 137 -17.86 9.18 12.94
N GLN C 138 -18.74 8.25 12.54
CA GLN C 138 -18.84 6.93 13.16
C GLN C 138 -17.78 5.96 12.68
N LEU C 139 -17.22 5.20 13.64
CA LEU C 139 -16.27 4.12 13.41
C LEU C 139 -17.08 2.83 13.44
N PHE C 140 -17.16 2.11 12.31
CA PHE C 140 -17.89 0.87 12.23
C PHE C 140 -16.99 -0.30 12.61
N TYR C 141 -15.77 -0.31 12.07
CA TYR C 141 -14.81 -1.38 12.34
C TYR C 141 -13.42 -0.83 12.50
N ALA C 142 -12.66 -1.45 13.38
CA ALA C 142 -11.25 -1.18 13.65
C ALA C 142 -10.59 -2.55 13.61
N PHE C 143 -9.57 -2.68 12.77
CA PHE C 143 -8.82 -3.93 12.62
C PHE C 143 -7.37 -3.61 12.34
N GLN C 144 -6.52 -4.64 12.24
CA GLN C 144 -5.09 -4.47 12.04
C GLN C 144 -4.41 -5.71 11.47
N ASP C 145 -3.23 -5.49 10.86
CA ASP C 145 -2.33 -6.51 10.38
C ASP C 145 -0.95 -6.15 10.96
N ASP C 146 0.12 -6.83 10.53
CA ASP C 146 1.47 -6.56 11.05
C ASP C 146 2.05 -5.20 10.64
N ARG C 147 1.45 -4.55 9.63
CA ARG C 147 1.93 -3.28 9.10
C ARG C 147 1.10 -2.05 9.45
N TYR C 148 -0.25 -2.19 9.45
CA TYR C 148 -1.15 -1.06 9.67
C TYR C 148 -2.28 -1.29 10.65
N LEU C 149 -2.83 -0.17 11.16
CA LEU C 149 -4.06 -0.09 11.95
C LEU C 149 -5.07 0.42 10.90
N TYR C 150 -6.26 -0.16 10.87
CA TYR C 150 -7.30 0.21 9.90
C TYR C 150 -8.54 0.70 10.62
N MET C 151 -9.09 1.81 10.14
CA MET C 151 -10.28 2.42 10.70
C MET C 151 -11.36 2.61 9.65
N VAL C 152 -12.35 1.70 9.63
CA VAL C 152 -13.47 1.71 8.70
C VAL C 152 -14.52 2.67 9.27
N MET C 153 -14.53 3.91 8.73
CA MET C 153 -15.40 5.01 9.15
C MET C 153 -16.48 5.31 8.12
N GLU C 154 -17.50 6.10 8.52
CA GLU C 154 -18.56 6.51 7.59
C GLU C 154 -18.02 7.53 6.58
N TYR C 155 -18.41 7.37 5.30
CA TYR C 155 -17.99 8.27 4.24
C TYR C 155 -18.78 9.58 4.30
N MET C 156 -18.05 10.70 4.24
CA MET C 156 -18.59 12.05 4.28
C MET C 156 -18.44 12.62 2.85
N PRO C 157 -19.44 12.43 1.96
CA PRO C 157 -19.28 12.83 0.55
C PRO C 157 -19.22 14.33 0.25
N GLY C 158 -19.58 15.18 1.21
CA GLY C 158 -19.57 16.63 1.05
C GLY C 158 -18.20 17.27 1.11
N GLY C 159 -17.19 16.51 1.56
CA GLY C 159 -15.83 16.99 1.70
C GLY C 159 -15.63 17.82 2.94
N ASP C 160 -14.46 18.49 3.04
CA ASP C 160 -14.15 19.34 4.20
C ASP C 160 -14.49 20.82 3.96
N LEU C 161 -14.47 21.62 5.04
CA LEU C 161 -14.80 23.04 5.01
C LEU C 161 -13.70 23.92 4.38
N VAL C 162 -12.46 23.40 4.25
CA VAL C 162 -11.34 24.09 3.59
C VAL C 162 -11.68 24.15 2.08
N ASN C 163 -12.20 23.03 1.56
CA ASN C 163 -12.62 22.87 0.17
C ASN C 163 -13.84 23.75 -0.15
N LEU C 164 -14.77 23.87 0.81
CA LEU C 164 -15.98 24.71 0.69
C LEU C 164 -15.59 26.19 0.62
N MET C 165 -14.69 26.62 1.52
CA MET C 165 -14.19 28.00 1.61
C MET C 165 -13.40 28.42 0.37
N SER C 166 -12.76 27.44 -0.32
CA SER C 166 -11.98 27.68 -1.54
C SER C 166 -12.86 27.71 -2.79
N ASN C 167 -14.02 27.03 -2.75
CA ASN C 167 -14.98 26.95 -3.86
C ASN C 167 -16.14 27.93 -3.75
N TYR C 168 -16.30 28.60 -2.59
CA TYR C 168 -17.40 29.54 -2.37
C TYR C 168 -16.96 30.80 -1.63
N ASP C 169 -17.60 31.93 -1.95
CA ASP C 169 -17.41 33.21 -1.25
C ASP C 169 -18.49 33.15 -0.17
N VAL C 170 -18.13 32.58 1.00
CA VAL C 170 -19.00 32.30 2.13
C VAL C 170 -19.69 33.56 2.72
N PRO C 171 -21.03 33.69 2.56
CA PRO C 171 -21.73 34.82 3.18
C PRO C 171 -21.91 34.59 4.69
N GLU C 172 -22.32 35.64 5.43
CA GLU C 172 -22.49 35.55 6.88
C GLU C 172 -23.55 34.54 7.34
N LYS C 173 -24.62 34.34 6.54
CA LYS C 173 -25.70 33.38 6.83
C LYS C 173 -25.17 31.94 6.86
N TRP C 174 -24.25 31.61 5.93
CA TRP C 174 -23.59 30.31 5.82
C TRP C 174 -22.60 30.15 6.97
N ALA C 175 -21.80 31.20 7.24
CA ALA C 175 -20.83 31.26 8.34
C ALA C 175 -21.52 31.01 9.69
N ARG C 176 -22.72 31.60 9.88
CA ARG C 176 -23.56 31.45 11.09
C ARG C 176 -23.97 29.98 11.28
N PHE C 177 -24.35 29.30 10.18
CA PHE C 177 -24.76 27.90 10.18
C PHE C 177 -23.61 26.96 10.60
N TYR C 178 -22.44 27.05 9.90
CA TYR C 178 -21.29 26.20 10.17
C TYR C 178 -20.67 26.45 11.55
N THR C 179 -20.63 27.72 12.02
CA THR C 179 -20.10 28.07 13.36
C THR C 179 -20.97 27.42 14.45
N ALA C 180 -22.30 27.48 14.30
CA ALA C 180 -23.27 26.90 15.24
C ALA C 180 -23.20 25.37 15.28
N GLU C 181 -22.93 24.73 14.13
CA GLU C 181 -22.78 23.27 14.02
C GLU C 181 -21.49 22.81 14.70
N VAL C 182 -20.41 23.64 14.64
CA VAL C 182 -19.12 23.40 15.30
C VAL C 182 -19.30 23.55 16.82
N VAL C 183 -20.04 24.60 17.26
CA VAL C 183 -20.35 24.88 18.67
C VAL C 183 -21.08 23.67 19.30
N LEU C 184 -22.09 23.12 18.59
CA LEU C 184 -22.86 21.95 19.03
C LEU C 184 -22.01 20.68 19.01
N ALA C 185 -21.16 20.51 17.97
CA ALA C 185 -20.26 19.37 17.82
C ALA C 185 -19.21 19.32 18.93
N LEU C 186 -18.62 20.50 19.27
CA LEU C 186 -17.63 20.64 20.33
C LEU C 186 -18.23 20.45 21.71
N ASP C 187 -19.49 20.89 21.91
CA ASP C 187 -20.20 20.72 23.18
C ASP C 187 -20.47 19.24 23.46
N ALA C 188 -20.71 18.45 22.41
CA ALA C 188 -20.93 17.00 22.51
C ALA C 188 -19.64 16.32 22.98
N ILE C 189 -18.47 16.79 22.47
CA ILE C 189 -17.13 16.29 22.82
C ILE C 189 -16.81 16.64 24.28
N HIS C 190 -17.12 17.90 24.70
CA HIS C 190 -16.92 18.38 26.08
C HIS C 190 -17.76 17.56 27.06
N SER C 191 -19.00 17.21 26.66
CA SER C 191 -19.95 16.40 27.45
C SER C 191 -19.45 14.97 27.64
N MET C 192 -18.59 14.48 26.72
CA MET C 192 -17.96 13.15 26.77
C MET C 192 -16.75 13.16 27.70
N GLY C 193 -16.33 14.35 28.13
CA GLY C 193 -15.20 14.56 29.04
C GLY C 193 -13.89 14.82 28.35
N PHE C 194 -13.93 15.31 27.10
CA PHE C 194 -12.76 15.57 26.28
C PHE C 194 -12.62 17.03 25.84
N ILE C 195 -11.38 17.45 25.58
CA ILE C 195 -11.03 18.75 25.02
C ILE C 195 -10.30 18.42 23.71
N HIS C 196 -10.87 18.89 22.57
CA HIS C 196 -10.40 18.62 21.21
C HIS C 196 -8.95 18.98 20.96
N ARG C 197 -8.57 20.26 21.20
CA ARG C 197 -7.23 20.83 21.06
C ARG C 197 -6.69 20.90 19.60
N ASP C 198 -7.52 20.63 18.58
CA ASP C 198 -7.12 20.71 17.16
C ASP C 198 -8.31 21.04 16.25
N VAL C 199 -9.10 22.04 16.67
CA VAL C 199 -10.29 22.48 15.94
C VAL C 199 -9.84 23.29 14.71
N LYS C 200 -10.00 22.70 13.51
CA LYS C 200 -9.64 23.33 12.24
C LYS C 200 -10.59 22.90 11.11
N PRO C 201 -10.91 23.77 10.09
CA PRO C 201 -11.83 23.35 9.01
C PRO C 201 -11.45 22.09 8.23
N ASP C 202 -10.18 21.65 8.33
CA ASP C 202 -9.66 20.44 7.68
C ASP C 202 -10.31 19.18 8.27
N ASN C 203 -10.59 19.20 9.59
CA ASN C 203 -11.20 18.14 10.40
C ASN C 203 -12.75 18.20 10.45
N MET C 204 -13.34 19.21 9.76
CA MET C 204 -14.79 19.43 9.71
C MET C 204 -15.29 18.93 8.37
N LEU C 205 -16.01 17.79 8.37
CA LEU C 205 -16.53 17.18 7.16
C LEU C 205 -18.05 17.29 7.05
N LEU C 206 -18.57 17.23 5.81
CA LEU C 206 -20.00 17.32 5.52
C LEU C 206 -20.52 16.00 4.95
N ASP C 207 -21.73 15.58 5.41
CA ASP C 207 -22.39 14.35 4.95
C ASP C 207 -23.17 14.55 3.64
N LYS C 208 -23.97 13.55 3.20
CA LYS C 208 -24.78 13.62 1.97
C LYS C 208 -25.85 14.73 1.99
N SER C 209 -26.25 15.20 3.19
CA SER C 209 -27.24 16.27 3.37
C SER C 209 -26.60 17.65 3.58
N GLY C 210 -25.28 17.69 3.71
CA GLY C 210 -24.51 18.91 3.89
C GLY C 210 -24.31 19.34 5.33
N HIS C 211 -24.58 18.45 6.31
CA HIS C 211 -24.42 18.77 7.72
C HIS C 211 -23.05 18.36 8.26
N LEU C 212 -22.49 19.18 9.17
CA LEU C 212 -21.18 19.07 9.77
C LEU C 212 -21.00 17.92 10.76
N LYS C 213 -19.81 17.31 10.73
CA LYS C 213 -19.34 16.25 11.62
C LYS C 213 -17.84 16.42 11.82
N LEU C 214 -17.35 16.22 13.06
CA LEU C 214 -15.91 16.28 13.36
C LEU C 214 -15.33 14.91 12.99
N ALA C 215 -14.19 14.89 12.27
CA ALA C 215 -13.59 13.65 11.73
C ALA C 215 -12.27 13.20 12.32
N ASP C 216 -11.53 14.10 13.01
CA ASP C 216 -10.24 13.74 13.61
C ASP C 216 -10.24 14.06 15.09
N PHE C 217 -9.75 13.11 15.91
CA PHE C 217 -9.70 13.21 17.37
C PHE C 217 -8.35 12.76 17.94
N GLY C 218 -7.30 12.91 17.13
CA GLY C 218 -5.93 12.54 17.47
C GLY C 218 -5.26 13.33 18.59
N THR C 219 -5.82 14.50 18.93
CA THR C 219 -5.30 15.36 20.00
C THR C 219 -6.26 15.49 21.19
N CYS C 220 -7.40 14.76 21.15
CA CYS C 220 -8.40 14.76 22.22
C CYS C 220 -7.83 14.18 23.49
N MET C 221 -7.97 14.93 24.58
CA MET C 221 -7.47 14.53 25.90
C MET C 221 -8.59 14.57 26.91
N LYS C 222 -8.71 13.49 27.70
CA LYS C 222 -9.73 13.37 28.74
C LYS C 222 -9.38 14.28 29.92
N MET C 223 -10.24 15.29 30.16
CA MET C 223 -10.07 16.23 31.26
C MET C 223 -10.44 15.57 32.59
N ASN C 224 -9.89 16.09 33.70
CA ASN C 224 -10.13 15.58 35.05
C ASN C 224 -11.48 16.04 35.65
N LYS C 225 -11.79 15.60 36.89
CA LYS C 225 -13.00 15.94 37.64
C LYS C 225 -13.16 17.45 37.89
N GLU C 226 -12.04 18.20 37.90
CA GLU C 226 -12.00 19.66 38.07
C GLU C 226 -12.03 20.40 36.70
N GLY C 227 -12.47 19.69 35.66
CA GLY C 227 -12.66 20.15 34.28
C GLY C 227 -11.49 20.75 33.55
N MET C 228 -10.26 20.23 33.78
CA MET C 228 -9.07 20.74 33.09
C MET C 228 -8.17 19.64 32.51
N VAL C 229 -7.38 20.00 31.50
CA VAL C 229 -6.42 19.09 30.87
C VAL C 229 -5.01 19.46 31.35
N ARG C 230 -4.33 18.52 32.02
CA ARG C 230 -2.98 18.69 32.55
C ARG C 230 -1.99 18.37 31.42
N CYS C 231 -1.95 19.26 30.42
CA CYS C 231 -1.12 19.15 29.22
C CYS C 231 0.36 19.34 29.53
N ASP C 232 1.21 18.57 28.83
CA ASP C 232 2.66 18.58 28.98
C ASP C 232 3.34 19.20 27.74
N THR C 233 3.01 18.68 26.53
CA THR C 233 3.54 19.13 25.24
C THR C 233 2.47 19.83 24.39
N ALA C 234 2.83 20.96 23.75
CA ALA C 234 1.94 21.75 22.87
C ALA C 234 1.44 20.90 21.70
N VAL C 235 0.12 20.90 21.47
CA VAL C 235 -0.55 20.12 20.43
C VAL C 235 -1.40 21.01 19.51
N GLY C 236 -1.64 20.53 18.30
CA GLY C 236 -2.47 21.22 17.31
C GLY C 236 -1.74 22.01 16.24
N THR C 237 -2.55 22.51 15.29
CA THR C 237 -2.18 23.32 14.12
C THR C 237 -1.61 24.70 14.52
N PRO C 238 -0.61 25.24 13.79
CA PRO C 238 0.00 26.53 14.18
C PRO C 238 -0.89 27.77 14.16
N ASP C 239 -1.90 27.85 13.27
CA ASP C 239 -2.75 29.04 13.14
C ASP C 239 -3.94 29.10 14.11
N TYR C 240 -4.50 27.93 14.48
CA TYR C 240 -5.69 27.80 15.33
C TYR C 240 -5.40 27.60 16.83
N ILE C 241 -4.11 27.45 17.20
CA ILE C 241 -3.67 27.23 18.59
C ILE C 241 -3.92 28.49 19.45
N SER C 242 -4.46 28.27 20.67
CA SER C 242 -4.74 29.31 21.67
C SER C 242 -3.47 29.67 22.46
N PRO C 243 -3.36 30.87 23.08
CA PRO C 243 -2.12 31.20 23.83
C PRO C 243 -1.82 30.35 25.06
N GLU C 244 -2.85 29.76 25.71
CA GLU C 244 -2.67 28.92 26.91
C GLU C 244 -1.94 27.60 26.63
N VAL C 245 -2.10 27.04 25.42
CA VAL C 245 -1.42 25.79 25.00
C VAL C 245 0.09 26.07 24.81
N LEU C 246 0.42 27.30 24.36
CA LEU C 246 1.80 27.76 24.17
C LEU C 246 2.52 27.93 25.51
N ASP C 252 4.02 23.49 28.77
CA ASP C 252 3.47 23.75 30.10
C ASP C 252 2.09 24.42 30.02
N GLY C 253 1.22 24.04 30.95
CA GLY C 253 -0.14 24.57 31.05
C GLY C 253 -1.18 23.57 31.52
N TYR C 254 -2.10 24.03 32.39
CA TYR C 254 -3.21 23.23 32.92
C TYR C 254 -4.49 24.06 32.67
N TYR C 255 -4.96 24.01 31.41
CA TYR C 255 -6.12 24.74 30.87
C TYR C 255 -7.40 23.93 30.75
N GLY C 256 -8.51 24.63 30.54
CA GLY C 256 -9.84 24.06 30.36
C GLY C 256 -10.28 23.99 28.91
N ARG C 257 -11.57 23.73 28.69
CA ARG C 257 -12.20 23.56 27.38
C ARG C 257 -12.26 24.84 26.52
N GLU C 258 -12.08 26.03 27.16
CA GLU C 258 -12.13 27.35 26.50
C GLU C 258 -11.07 27.54 25.39
N CYS C 259 -10.06 26.64 25.33
CA CYS C 259 -9.03 26.68 24.28
C CYS C 259 -9.63 26.29 22.92
N ASP C 260 -10.70 25.48 22.93
CA ASP C 260 -11.43 25.05 21.74
C ASP C 260 -12.30 26.18 21.21
N TRP C 261 -12.77 27.07 22.10
CA TRP C 261 -13.59 28.24 21.73
C TRP C 261 -12.77 29.30 21.03
N TRP C 262 -11.44 29.38 21.34
CA TRP C 262 -10.49 30.28 20.69
C TRP C 262 -10.43 29.90 19.21
N SER C 263 -10.27 28.59 18.91
CA SER C 263 -10.18 28.01 17.57
C SER C 263 -11.45 28.25 16.72
N VAL C 264 -12.62 28.38 17.38
CA VAL C 264 -13.91 28.69 16.73
C VAL C 264 -13.87 30.13 16.22
N GLY C 265 -13.30 31.04 17.00
CA GLY C 265 -13.11 32.44 16.65
C GLY C 265 -12.19 32.62 15.48
N VAL C 266 -11.11 31.79 15.41
CA VAL C 266 -10.12 31.77 14.33
C VAL C 266 -10.81 31.27 13.03
N PHE C 267 -11.62 30.20 13.16
CA PHE C 267 -12.39 29.59 12.06
C PHE C 267 -13.45 30.56 11.50
N LEU C 268 -14.15 31.30 12.39
CA LEU C 268 -15.16 32.28 12.00
C LEU C 268 -14.52 33.47 11.25
N TYR C 269 -13.36 33.93 11.74
CA TYR C 269 -12.57 35.01 11.12
C TYR C 269 -12.14 34.59 9.72
N GLU C 270 -11.56 33.39 9.60
CA GLU C 270 -11.08 32.81 8.34
C GLU C 270 -12.20 32.67 7.30
N MET C 271 -13.41 32.30 7.76
CA MET C 271 -14.58 32.11 6.91
C MET C 271 -15.09 33.41 6.30
N LEU C 272 -15.07 34.50 7.08
CA LEU C 272 -15.56 35.82 6.69
C LEU C 272 -14.51 36.72 6.01
N VAL C 273 -13.22 36.57 6.38
CA VAL C 273 -12.13 37.39 5.84
C VAL C 273 -11.43 36.70 4.64
N GLY C 274 -11.23 35.39 4.73
CA GLY C 274 -10.57 34.61 3.69
C GLY C 274 -9.14 34.26 4.03
N ASP C 275 -8.66 34.74 5.20
CA ASP C 275 -7.31 34.52 5.73
C ASP C 275 -7.42 34.31 7.24
N THR C 276 -6.43 33.61 7.84
CA THR C 276 -6.38 33.38 9.29
C THR C 276 -5.98 34.69 10.00
N PRO C 277 -6.49 34.98 11.22
CA PRO C 277 -6.16 36.26 11.88
C PRO C 277 -4.69 36.47 12.23
N PHE C 278 -3.95 35.39 12.50
CA PHE C 278 -2.54 35.47 12.87
C PHE C 278 -1.62 34.89 11.80
N TYR C 279 -2.02 35.00 10.52
CA TYR C 279 -1.24 34.53 9.39
C TYR C 279 0.07 35.27 9.26
N ALA C 280 1.15 34.51 9.01
CA ALA C 280 2.49 34.99 8.78
C ALA C 280 3.18 33.99 7.86
N ASP C 281 4.02 34.49 6.95
CA ASP C 281 4.79 33.70 5.99
C ASP C 281 5.78 32.76 6.67
N SER C 282 6.30 33.17 7.84
CA SER C 282 7.18 32.38 8.70
C SER C 282 6.31 31.87 9.84
N LEU C 283 6.39 30.56 10.14
CA LEU C 283 5.62 29.90 11.20
C LEU C 283 5.91 30.48 12.58
N VAL C 284 7.14 30.98 12.80
CA VAL C 284 7.60 31.60 14.05
C VAL C 284 6.86 32.94 14.26
N GLY C 285 6.57 33.64 13.17
CA GLY C 285 5.84 34.90 13.14
C GLY C 285 4.41 34.77 13.62
N THR C 286 3.77 33.62 13.30
CA THR C 286 2.40 33.26 13.68
C THR C 286 2.34 33.08 15.20
N TYR C 287 3.34 32.39 15.78
CA TYR C 287 3.48 32.12 17.22
C TYR C 287 3.54 33.40 18.06
N SER C 288 4.24 34.43 17.55
CA SER C 288 4.35 35.75 18.19
C SER C 288 3.03 36.52 18.11
N LYS C 289 2.35 36.47 16.92
CA LYS C 289 1.05 37.11 16.66
C LYS C 289 -0.04 36.59 17.60
N ILE C 290 -0.06 35.26 17.86
CA ILE C 290 -1.02 34.63 18.77
C ILE C 290 -0.84 35.16 20.20
N MET C 291 0.42 35.22 20.69
CA MET C 291 0.76 35.71 22.02
C MET C 291 0.47 37.21 22.18
N ASN C 292 0.66 37.96 21.08
CA ASN C 292 0.42 39.41 21.03
C ASN C 292 -0.92 39.73 20.35
N HIS C 293 -1.94 38.86 20.58
CA HIS C 293 -3.30 39.00 20.01
C HIS C 293 -3.99 40.34 20.33
N LYS C 294 -3.61 40.96 21.47
CA LYS C 294 -4.10 42.26 21.95
C LYS C 294 -3.82 43.38 20.93
N ASN C 295 -2.67 43.29 20.22
CA ASN C 295 -2.24 44.29 19.23
C ASN C 295 -2.19 43.76 17.79
N SER C 296 -2.10 42.43 17.60
CA SER C 296 -2.00 41.80 16.28
C SER C 296 -3.35 41.55 15.57
N LEU C 297 -4.45 41.39 16.34
CA LEU C 297 -5.78 41.16 15.75
C LEU C 297 -6.28 42.43 15.07
N THR C 298 -6.16 42.45 13.73
CA THR C 298 -6.54 43.54 12.84
C THR C 298 -7.65 43.08 11.91
N PHE C 299 -8.51 44.01 11.47
CA PHE C 299 -9.65 43.71 10.59
C PHE C 299 -9.60 44.54 9.29
N PRO C 300 -9.83 43.92 8.10
CA PRO C 300 -9.79 44.70 6.84
C PRO C 300 -10.93 45.70 6.68
N ILE C 305 -18.29 43.03 6.75
CA ILE C 305 -19.10 42.11 7.56
C ILE C 305 -19.69 42.83 8.81
N SER C 306 -20.74 42.25 9.41
CA SER C 306 -21.49 42.78 10.56
C SER C 306 -20.67 43.05 11.84
N LYS C 307 -21.18 44.00 12.65
CA LYS C 307 -20.67 44.44 13.95
C LYS C 307 -20.71 43.27 14.96
N GLU C 308 -21.80 42.49 14.96
CA GLU C 308 -22.00 41.34 15.85
C GLU C 308 -21.11 40.15 15.50
N ALA C 309 -20.68 40.05 14.23
CA ALA C 309 -19.77 39.00 13.75
C ALA C 309 -18.36 39.30 14.29
N LYS C 310 -17.95 40.59 14.23
CA LYS C 310 -16.67 41.09 14.75
C LYS C 310 -16.62 40.94 16.28
N ASN C 311 -17.77 41.19 16.97
CA ASN C 311 -17.92 41.08 18.42
C ASN C 311 -17.70 39.65 18.90
N LEU C 312 -18.20 38.64 18.15
CA LEU C 312 -18.05 37.22 18.47
C LEU C 312 -16.60 36.78 18.34
N ILE C 313 -15.93 37.17 17.21
CA ILE C 313 -14.52 36.87 16.92
C ILE C 313 -13.64 37.42 18.06
N CYS C 314 -13.90 38.68 18.47
CA CYS C 314 -13.18 39.35 19.56
C CYS C 314 -13.48 38.75 20.94
N ALA C 315 -14.70 38.22 21.15
CA ALA C 315 -15.11 37.58 22.41
C ALA C 315 -14.37 36.24 22.61
N PHE C 316 -14.10 35.54 21.50
CA PHE C 316 -13.36 34.26 21.50
C PHE C 316 -11.85 34.49 21.48
N LEU C 317 -11.41 35.61 20.89
CA LEU C 317 -9.99 35.94 20.77
C LEU C 317 -9.52 36.92 21.86
N THR C 318 -9.63 36.45 23.11
CA THR C 318 -9.23 37.10 24.36
C THR C 318 -8.68 36.03 25.32
N ASP C 319 -8.04 36.44 26.43
CA ASP C 319 -7.46 35.54 27.43
C ASP C 319 -8.53 34.64 28.08
N ARG C 320 -8.13 33.41 28.49
CA ARG C 320 -8.96 32.39 29.13
C ARG C 320 -9.71 32.89 30.40
N GLU C 321 -9.34 34.10 30.88
CA GLU C 321 -9.91 34.77 32.05
C GLU C 321 -11.15 35.61 31.69
N VAL C 322 -11.23 36.13 30.45
CA VAL C 322 -12.34 36.98 29.97
C VAL C 322 -12.94 36.47 28.62
N ARG C 323 -12.49 35.29 28.14
CA ARG C 323 -12.96 34.64 26.91
C ARG C 323 -14.41 34.13 27.04
N LEU C 324 -15.19 34.18 25.94
CA LEU C 324 -16.57 33.70 25.87
C LEU C 324 -16.56 32.16 25.84
N GLY C 325 -17.22 31.57 26.84
CA GLY C 325 -17.29 30.12 27.02
C GLY C 325 -16.45 29.64 28.20
N ARG C 326 -16.18 30.57 29.14
CA ARG C 326 -15.40 30.37 30.37
C ARG C 326 -16.17 29.48 31.35
N ASN C 327 -17.51 29.68 31.44
CA ASN C 327 -18.39 28.93 32.34
C ASN C 327 -19.76 28.62 31.69
N GLY C 328 -19.73 27.86 30.60
CA GLY C 328 -20.92 27.44 29.87
C GLY C 328 -21.00 27.78 28.40
N VAL C 329 -21.58 26.85 27.61
CA VAL C 329 -21.82 26.96 26.17
C VAL C 329 -23.05 27.88 25.88
N GLU C 330 -23.92 28.09 26.89
CA GLU C 330 -25.13 28.91 26.79
C GLU C 330 -24.87 30.38 26.48
N GLU C 331 -23.76 30.96 27.01
CA GLU C 331 -23.38 32.35 26.75
C GLU C 331 -22.96 32.57 25.27
N ILE C 332 -22.42 31.50 24.62
CA ILE C 332 -22.02 31.48 23.21
C ILE C 332 -23.30 31.49 22.36
N LYS C 333 -24.26 30.61 22.71
CA LYS C 333 -25.57 30.46 22.05
C LYS C 333 -26.39 31.75 22.10
N ARG C 334 -26.35 32.46 23.24
CA ARG C 334 -27.08 33.71 23.48
C ARG C 334 -26.52 34.95 22.74
N HIS C 335 -25.35 34.82 22.06
CA HIS C 335 -24.75 35.94 21.33
C HIS C 335 -25.63 36.39 20.17
N LEU C 336 -25.66 37.71 19.90
CA LEU C 336 -26.46 38.34 18.83
C LEU C 336 -26.12 37.89 17.41
N PHE C 337 -24.91 37.35 17.19
CA PHE C 337 -24.49 36.85 15.88
C PHE C 337 -25.34 35.65 15.47
N PHE C 338 -25.67 34.77 16.43
CA PHE C 338 -26.49 33.57 16.19
C PHE C 338 -27.99 33.86 16.12
N LYS C 339 -28.41 35.11 16.40
CA LYS C 339 -29.82 35.50 16.32
C LYS C 339 -30.25 35.55 14.86
N ASN C 340 -31.15 34.64 14.48
CA ASN C 340 -31.68 34.49 13.12
C ASN C 340 -33.10 33.91 13.15
N ASP C 341 -33.80 34.01 12.01
CA ASP C 341 -35.17 33.49 11.84
C ASP C 341 -35.23 32.26 10.92
N GLN C 342 -34.05 31.70 10.56
CA GLN C 342 -33.92 30.54 9.68
C GLN C 342 -33.91 29.20 10.44
N TRP C 343 -33.17 29.12 11.57
CA TRP C 343 -33.03 27.91 12.38
C TRP C 343 -33.03 28.16 13.90
N ALA C 344 -33.16 27.07 14.68
CA ALA C 344 -33.08 27.04 16.15
C ALA C 344 -32.01 26.03 16.57
N TRP C 345 -31.30 26.32 17.68
CA TRP C 345 -30.21 25.51 18.22
C TRP C 345 -30.52 24.01 18.41
N GLU C 346 -31.72 23.71 18.91
CA GLU C 346 -32.18 22.34 19.19
C GLU C 346 -32.63 21.55 17.95
N THR C 347 -32.90 22.24 16.83
CA THR C 347 -33.36 21.62 15.58
C THR C 347 -32.50 22.03 14.35
N LEU C 348 -31.28 22.54 14.59
CA LEU C 348 -30.33 23.01 13.57
C LEU C 348 -29.92 21.93 12.55
N ARG C 349 -29.67 20.69 13.01
CA ARG C 349 -29.25 19.59 12.13
C ARG C 349 -30.41 19.00 11.29
N ASP C 350 -31.64 19.48 11.52
CA ASP C 350 -32.84 19.05 10.79
C ASP C 350 -33.19 20.02 9.64
N THR C 351 -32.71 21.28 9.73
CA THR C 351 -32.91 22.33 8.72
C THR C 351 -32.02 22.05 7.49
N VAL C 352 -32.36 22.63 6.32
CA VAL C 352 -31.60 22.43 5.08
C VAL C 352 -30.28 23.21 5.13
N ALA C 353 -29.16 22.50 4.86
CA ALA C 353 -27.80 23.01 4.85
C ALA C 353 -27.58 24.02 3.69
N PRO C 354 -26.62 24.98 3.82
CA PRO C 354 -26.39 25.94 2.73
C PRO C 354 -25.90 25.30 1.43
N VAL C 355 -25.06 24.25 1.54
CA VAL C 355 -24.52 23.49 0.40
C VAL C 355 -24.91 22.03 0.58
N VAL C 356 -25.73 21.52 -0.34
CA VAL C 356 -26.16 20.12 -0.35
C VAL C 356 -25.41 19.44 -1.50
N PRO C 357 -24.61 18.38 -1.22
CA PRO C 357 -23.80 17.75 -2.27
C PRO C 357 -24.59 17.10 -3.41
N ASP C 358 -24.18 17.43 -4.66
CA ASP C 358 -24.74 16.88 -5.89
C ASP C 358 -23.96 15.61 -6.19
N LEU C 359 -24.53 14.45 -5.84
CA LEU C 359 -23.86 13.17 -6.01
C LEU C 359 -24.45 12.32 -7.13
N SER C 360 -23.58 11.84 -8.03
CA SER C 360 -23.94 11.01 -9.19
C SER C 360 -23.95 9.51 -8.87
N SER C 361 -23.11 9.08 -7.90
CA SER C 361 -22.98 7.69 -7.46
C SER C 361 -22.60 7.59 -5.98
N ASP C 362 -22.59 6.37 -5.42
CA ASP C 362 -22.22 6.11 -4.02
C ASP C 362 -20.69 6.20 -3.80
N ILE C 363 -19.92 6.32 -4.91
CA ILE C 363 -18.46 6.44 -4.91
C ILE C 363 -17.99 7.77 -5.55
N ASP C 364 -18.87 8.80 -5.52
CA ASP C 364 -18.60 10.15 -6.05
C ASP C 364 -17.63 10.87 -5.09
N THR C 365 -16.44 11.24 -5.62
CA THR C 365 -15.38 11.92 -4.87
C THR C 365 -15.05 13.32 -5.41
N SER C 366 -16.02 13.97 -6.10
CA SER C 366 -15.87 15.32 -6.68
C SER C 366 -15.56 16.40 -5.65
N ASN C 367 -16.01 16.21 -4.40
CA ASN C 367 -15.80 17.14 -3.29
C ASN C 367 -14.45 16.92 -2.58
N PHE C 368 -13.61 16.02 -3.11
CA PHE C 368 -12.27 15.68 -2.62
C PHE C 368 -11.23 15.87 -3.71
N ASP C 369 -10.15 16.62 -3.40
CA ASP C 369 -9.05 16.89 -4.31
C ASP C 369 -8.22 15.63 -4.57
N ASP C 370 -7.60 15.54 -5.76
CA ASP C 370 -6.76 14.40 -6.15
C ASP C 370 -5.48 14.37 -5.31
N LEU C 371 -5.14 13.20 -4.75
CA LEU C 371 -3.95 13.04 -3.93
C LEU C 371 -2.78 12.48 -4.74
N GLU C 372 -1.58 13.06 -4.55
CA GLU C 372 -0.35 12.67 -5.26
C GLU C 372 0.33 11.43 -4.69
N GLU C 377 9.54 2.05 -1.46
CA GLU C 377 9.71 3.26 -0.65
C GLU C 377 9.07 3.17 0.76
N GLU C 378 8.12 2.22 0.97
CA GLU C 378 7.46 2.02 2.27
C GLU C 378 8.42 1.40 3.29
N GLU C 379 8.68 2.13 4.40
CA GLU C 379 9.55 1.65 5.48
C GLU C 379 8.88 0.52 6.26
N THR C 380 9.66 -0.50 6.62
CA THR C 380 9.20 -1.69 7.33
C THR C 380 10.06 -1.99 8.55
N PHE C 381 9.55 -2.81 9.49
CA PHE C 381 10.27 -3.23 10.70
C PHE C 381 11.38 -4.23 10.32
N PRO C 382 12.65 -4.01 10.72
CA PRO C 382 13.70 -5.00 10.39
C PRO C 382 13.44 -6.34 11.07
N ILE C 383 13.95 -7.45 10.48
CA ILE C 383 13.83 -8.80 11.06
C ILE C 383 14.53 -8.82 12.44
N PRO C 384 13.80 -9.13 13.53
CA PRO C 384 14.41 -9.12 14.87
C PRO C 384 15.42 -10.23 15.11
N LYS C 385 16.49 -9.89 15.85
CA LYS C 385 17.56 -10.81 16.24
C LYS C 385 17.26 -11.38 17.63
N ALA C 386 16.32 -10.73 18.35
CA ALA C 386 15.79 -11.04 19.68
C ALA C 386 14.35 -10.52 19.76
N PHE C 387 13.58 -10.89 20.80
CA PHE C 387 12.19 -10.43 20.96
C PHE C 387 12.13 -8.93 21.20
N VAL C 388 11.41 -8.20 20.33
CA VAL C 388 11.24 -6.74 20.42
C VAL C 388 9.79 -6.38 20.76
N GLY C 389 8.84 -7.20 20.33
CA GLY C 389 7.41 -7.01 20.58
C GLY C 389 6.79 -5.76 19.99
N ASN C 390 7.06 -5.51 18.69
CA ASN C 390 6.57 -4.33 17.95
C ASN C 390 5.04 -4.27 17.78
N GLN C 391 4.36 -5.41 17.95
CA GLN C 391 2.89 -5.51 17.81
C GLN C 391 2.16 -5.28 19.14
N LEU C 392 2.88 -5.34 20.29
CA LEU C 392 2.34 -5.18 21.65
C LEU C 392 1.60 -3.85 21.91
N PRO C 393 2.08 -2.64 21.49
CA PRO C 393 1.30 -1.42 21.77
C PRO C 393 -0.04 -1.27 21.05
N PHE C 394 -0.36 -2.21 20.13
CA PHE C 394 -1.57 -2.20 19.32
C PHE C 394 -2.58 -3.28 19.70
N VAL C 395 -2.24 -4.14 20.69
CA VAL C 395 -3.10 -5.20 21.23
C VAL C 395 -4.33 -4.52 21.87
N GLY C 396 -5.51 -4.93 21.43
CA GLY C 396 -6.77 -4.37 21.90
C GLY C 396 -7.40 -3.31 21.02
N PHE C 397 -6.81 -3.03 19.83
CA PHE C 397 -7.31 -2.03 18.89
C PHE C 397 -8.54 -2.51 18.11
N THR C 398 -8.63 -3.83 17.83
CA THR C 398 -9.74 -4.41 17.07
C THR C 398 -11.10 -4.13 17.73
N TYR C 399 -12.07 -3.70 16.90
CA TYR C 399 -13.43 -3.35 17.25
C TYR C 399 -14.37 -3.70 16.10
N TYR C 400 -15.52 -4.29 16.43
CA TYR C 400 -16.57 -4.64 15.48
C TYR C 400 -17.89 -4.14 16.00
N SER C 401 -18.55 -3.21 15.27
CA SER C 401 -19.86 -2.68 15.67
C SER C 401 -20.95 -3.78 15.55
N ASN C 402 -20.69 -4.79 14.68
CA ASN C 402 -21.39 -6.05 14.37
C ASN C 402 -21.10 -6.54 12.95
N PHE D 7 -19.88 -12.73 4.77
CA PHE D 7 -19.33 -11.91 5.86
C PHE D 7 -19.98 -12.18 7.21
N GLU D 8 -21.32 -12.28 7.25
CA GLU D 8 -22.10 -12.53 8.47
C GLU D 8 -21.88 -13.95 8.98
N THR D 9 -21.64 -14.90 8.06
CA THR D 9 -21.35 -16.30 8.38
C THR D 9 -19.93 -16.44 8.96
N ARG D 10 -18.99 -15.58 8.53
CA ARG D 10 -17.60 -15.52 8.99
C ARG D 10 -17.55 -15.12 10.47
N PHE D 11 -18.45 -14.20 10.88
CA PHE D 11 -18.57 -13.71 12.25
C PHE D 11 -19.11 -14.83 13.16
N GLU D 12 -20.11 -15.60 12.66
CA GLU D 12 -20.74 -16.74 13.35
C GLU D 12 -19.69 -17.83 13.56
N LYS D 13 -18.90 -18.13 12.50
CA LYS D 13 -17.81 -19.12 12.50
C LYS D 13 -16.72 -18.72 13.49
N MET D 14 -16.44 -17.40 13.62
CA MET D 14 -15.47 -16.83 14.55
C MET D 14 -16.00 -16.88 15.99
N ASP D 15 -17.31 -16.61 16.18
CA ASP D 15 -17.97 -16.64 17.48
C ASP D 15 -18.07 -18.08 18.02
N ASN D 16 -18.16 -19.08 17.12
CA ASN D 16 -18.17 -20.49 17.48
C ASN D 16 -16.82 -20.89 18.06
N LEU D 17 -15.73 -20.40 17.46
CA LEU D 17 -14.34 -20.62 17.89
C LEU D 17 -14.07 -20.05 19.28
N LEU D 18 -14.75 -18.94 19.65
CA LEU D 18 -14.59 -18.28 20.95
C LEU D 18 -15.39 -18.92 22.08
N ARG D 19 -16.54 -19.55 21.77
CA ARG D 19 -17.44 -20.17 22.75
C ARG D 19 -17.19 -21.66 22.98
N ASP D 20 -16.83 -22.39 21.90
CA ASP D 20 -16.57 -23.84 21.91
C ASP D 20 -15.53 -24.27 22.97
N PRO D 21 -15.91 -25.12 23.96
CA PRO D 21 -14.94 -25.53 25.00
C PRO D 21 -13.77 -26.37 24.48
N LYS D 22 -13.96 -27.05 23.34
CA LYS D 22 -12.95 -27.89 22.69
C LYS D 22 -12.00 -27.08 21.78
N SER D 23 -12.31 -25.79 21.58
CA SER D 23 -11.53 -24.89 20.75
C SER D 23 -10.23 -24.43 21.44
N GLU D 24 -9.15 -24.30 20.65
CA GLU D 24 -7.84 -23.87 21.11
C GLU D 24 -7.80 -22.35 21.36
N VAL D 25 -8.77 -21.61 20.78
CA VAL D 25 -8.86 -20.16 20.88
C VAL D 25 -10.14 -19.66 21.59
N ASN D 26 -10.65 -20.43 22.57
CA ASN D 26 -11.80 -19.98 23.34
C ASN D 26 -11.34 -18.92 24.37
N SER D 27 -12.30 -18.19 24.98
CA SER D 27 -12.06 -17.11 25.95
C SER D 27 -11.02 -17.44 27.03
N ASP D 28 -11.10 -18.62 27.65
CA ASP D 28 -10.18 -19.06 28.70
C ASP D 28 -8.76 -19.25 28.19
N CYS D 29 -8.61 -19.81 26.97
CA CYS D 29 -7.32 -20.05 26.31
C CYS D 29 -6.66 -18.75 25.91
N LEU D 30 -7.45 -17.76 25.48
CA LEU D 30 -6.98 -16.43 25.09
C LEU D 30 -6.53 -15.64 26.30
N LEU D 31 -7.16 -15.85 27.48
CA LEU D 31 -6.78 -15.23 28.74
C LEU D 31 -5.46 -15.80 29.23
N ASP D 32 -5.17 -17.07 28.90
CA ASP D 32 -3.90 -17.73 29.23
C ASP D 32 -2.73 -17.09 28.48
N GLY D 33 -2.97 -16.71 27.22
CA GLY D 33 -1.99 -16.05 26.36
C GLY D 33 -1.52 -14.74 26.94
N LEU D 34 -2.49 -13.89 27.35
CA LEU D 34 -2.25 -12.59 27.98
C LEU D 34 -1.59 -12.74 29.35
N ASP D 35 -2.07 -13.73 30.15
CA ASP D 35 -1.56 -14.05 31.49
C ASP D 35 -0.09 -14.47 31.41
N ALA D 36 0.25 -15.40 30.47
CA ALA D 36 1.61 -15.90 30.22
C ALA D 36 2.54 -14.77 29.80
N LEU D 37 2.04 -13.88 28.92
CA LEU D 37 2.76 -12.73 28.40
C LEU D 37 3.15 -11.76 29.52
N VAL D 38 2.25 -11.48 30.47
CA VAL D 38 2.48 -10.61 31.64
C VAL D 38 3.54 -11.26 32.57
N TYR D 39 3.47 -12.59 32.79
CA TYR D 39 4.44 -13.32 33.62
C TYR D 39 5.85 -13.30 33.01
N ASP D 40 5.97 -13.62 31.71
CA ASP D 40 7.22 -13.73 30.95
C ASP D 40 7.90 -12.41 30.60
N LEU D 41 7.15 -11.28 30.61
CA LEU D 41 7.70 -9.96 30.25
C LEU D 41 8.01 -9.04 31.42
N ASP D 42 7.36 -9.26 32.59
CA ASP D 42 7.51 -8.39 33.75
C ASP D 42 8.80 -8.63 34.54
N PHE D 43 9.92 -8.15 33.98
CA PHE D 43 11.26 -8.20 34.55
C PHE D 43 11.98 -6.90 34.18
N PRO D 44 12.77 -6.29 35.11
CA PRO D 44 13.40 -4.98 34.81
C PRO D 44 14.24 -4.89 33.54
N ALA D 45 14.96 -5.97 33.17
CA ALA D 45 15.80 -6.03 31.98
C ALA D 45 14.97 -5.94 30.70
N LEU D 46 13.81 -6.62 30.68
CA LEU D 46 12.87 -6.67 29.55
C LEU D 46 12.06 -5.39 29.46
N ARG D 47 11.77 -4.75 30.61
CA ARG D 47 11.02 -3.50 30.72
C ARG D 47 11.77 -2.30 30.14
N LYS D 48 13.07 -2.45 29.81
CA LYS D 48 13.91 -1.43 29.18
C LYS D 48 13.43 -1.14 27.75
N ASN D 49 12.74 -2.15 27.15
CA ASN D 49 12.10 -2.08 25.83
C ASN D 49 10.78 -1.30 26.01
N LYS D 50 10.61 -0.21 25.23
CA LYS D 50 9.44 0.67 25.25
C LYS D 50 8.13 -0.08 24.97
N ASN D 51 8.15 -1.02 24.00
CA ASN D 51 7.00 -1.84 23.61
C ASN D 51 6.54 -2.77 24.73
N ILE D 52 7.50 -3.40 25.43
CA ILE D 52 7.24 -4.31 26.56
C ILE D 52 6.73 -3.54 27.77
N ASP D 53 7.37 -2.40 28.10
CA ASP D 53 7.01 -1.54 29.21
C ASP D 53 5.60 -0.94 29.09
N ASN D 54 5.26 -0.38 27.92
N ASN D 54 5.26 -0.40 27.89
CA ASN D 54 3.96 0.24 27.67
CA ASN D 54 3.95 0.21 27.59
C ASN D 54 2.79 -0.77 27.64
C ASN D 54 2.81 -0.79 27.66
N PHE D 55 3.03 -2.01 27.17
CA PHE D 55 2.04 -3.09 27.15
C PHE D 55 1.73 -3.53 28.60
N LEU D 56 2.78 -3.64 29.44
CA LEU D 56 2.66 -4.04 30.83
C LEU D 56 1.92 -2.98 31.67
N SER D 57 2.20 -1.67 31.43
CA SER D 57 1.53 -0.57 32.14
C SER D 57 0.02 -0.51 31.80
N ARG D 58 -0.33 -0.98 30.58
CA ARG D 58 -1.70 -1.00 30.03
C ARG D 58 -2.49 -2.27 30.42
N TYR D 59 -1.80 -3.40 30.70
CA TYR D 59 -2.50 -4.65 31.01
C TYR D 59 -2.24 -5.28 32.39
N LYS D 60 -1.07 -5.03 33.02
CA LYS D 60 -0.68 -5.64 34.31
C LYS D 60 -1.74 -5.53 35.41
N ASP D 61 -2.36 -4.35 35.56
CA ASP D 61 -3.39 -4.11 36.57
C ASP D 61 -4.68 -4.90 36.32
N THR D 62 -5.15 -4.94 35.05
CA THR D 62 -6.37 -5.65 34.67
C THR D 62 -6.14 -7.19 34.72
N ILE D 63 -4.89 -7.65 34.47
CA ILE D 63 -4.52 -9.07 34.55
C ILE D 63 -4.50 -9.53 36.03
N ASN D 64 -4.14 -8.60 36.95
CA ASN D 64 -4.15 -8.83 38.40
C ASN D 64 -5.59 -9.06 38.90
N LYS D 65 -6.56 -8.32 38.32
CA LYS D 65 -8.00 -8.42 38.61
C LYS D 65 -8.50 -9.79 38.15
N ILE D 66 -8.07 -10.22 36.94
CA ILE D 66 -8.41 -11.49 36.30
C ILE D 66 -7.85 -12.67 37.11
N ARG D 67 -6.61 -12.56 37.59
CA ARG D 67 -5.94 -13.57 38.41
C ARG D 67 -6.68 -13.84 39.73
N ASP D 68 -7.28 -12.78 40.29
CA ASP D 68 -8.08 -12.81 41.53
C ASP D 68 -9.47 -13.38 41.27
N LEU D 69 -10.09 -13.05 40.11
CA LEU D 69 -11.42 -13.53 39.73
C LEU D 69 -11.43 -15.00 39.28
N ARG D 70 -10.41 -15.41 38.50
CA ARG D 70 -10.27 -16.77 37.99
C ARG D 70 -9.90 -17.76 39.09
N MET D 71 -10.13 -19.06 38.84
CA MET D 71 -9.85 -20.13 39.78
C MET D 71 -8.36 -20.18 40.10
N LYS D 72 -8.06 -20.35 41.39
CA LYS D 72 -6.70 -20.39 41.94
C LYS D 72 -6.60 -21.43 43.05
N ALA D 73 -5.37 -21.83 43.41
CA ALA D 73 -5.10 -22.83 44.44
C ALA D 73 -5.66 -22.47 45.82
N GLU D 74 -5.77 -21.15 46.13
CA GLU D 74 -6.29 -20.61 47.39
C GLU D 74 -7.78 -20.91 47.59
N ASP D 75 -8.52 -21.23 46.50
CA ASP D 75 -9.94 -21.57 46.54
C ASP D 75 -10.16 -22.97 47.12
N TYR D 76 -9.09 -23.76 47.25
CA TYR D 76 -9.11 -25.14 47.73
C TYR D 76 -8.37 -25.34 49.04
N GLU D 77 -8.96 -26.16 49.93
CA GLU D 77 -8.43 -26.53 51.23
C GLU D 77 -7.82 -27.94 51.08
N VAL D 78 -6.51 -28.08 51.28
CA VAL D 78 -5.85 -29.39 51.18
C VAL D 78 -6.10 -30.21 52.45
N VAL D 79 -6.68 -31.41 52.26
CA VAL D 79 -7.03 -32.35 53.34
C VAL D 79 -5.87 -33.34 53.57
N LYS D 80 -5.33 -33.96 52.49
CA LYS D 80 -4.26 -34.96 52.55
C LYS D 80 -3.64 -35.19 51.18
N VAL D 81 -2.34 -35.53 51.13
CA VAL D 81 -1.64 -35.90 49.89
C VAL D 81 -1.93 -37.40 49.72
N ILE D 82 -2.65 -37.75 48.64
CA ILE D 82 -3.09 -39.13 48.36
C ILE D 82 -2.34 -39.81 47.20
N GLY D 83 -1.59 -39.02 46.45
CA GLY D 83 -0.81 -39.51 45.33
C GLY D 83 0.44 -38.72 45.04
N ARG D 84 1.36 -39.32 44.30
CA ARG D 84 2.64 -38.71 43.90
C ARG D 84 3.12 -39.31 42.60
N GLY D 85 3.66 -38.45 41.77
CA GLY D 85 4.24 -38.79 40.48
C GLY D 85 5.56 -38.11 40.29
N ALA D 86 6.12 -38.22 39.09
CA ALA D 86 7.42 -37.65 38.74
C ALA D 86 7.47 -36.12 38.81
N PHE D 87 6.45 -35.43 38.25
CA PHE D 87 6.37 -33.97 38.17
C PHE D 87 5.39 -33.33 39.15
N GLY D 88 4.86 -34.09 40.10
CA GLY D 88 3.95 -33.55 41.10
C GLY D 88 3.30 -34.53 42.02
N GLU D 89 2.17 -34.11 42.60
CA GLU D 89 1.38 -34.87 43.55
C GLU D 89 -0.13 -34.67 43.38
N VAL D 90 -0.92 -35.59 43.94
CA VAL D 90 -2.38 -35.54 43.96
C VAL D 90 -2.81 -35.29 45.41
N GLN D 91 -3.61 -34.23 45.62
CA GLN D 91 -4.11 -33.86 46.94
C GLN D 91 -5.62 -34.01 47.01
N LEU D 92 -6.13 -34.50 48.16
CA LEU D 92 -7.57 -34.54 48.41
C LEU D 92 -7.90 -33.11 48.85
N VAL D 93 -8.72 -32.42 48.07
CA VAL D 93 -9.09 -31.02 48.32
C VAL D 93 -10.58 -30.85 48.55
N ARG D 94 -10.94 -29.72 49.16
CA ARG D 94 -12.31 -29.31 49.39
C ARG D 94 -12.39 -27.84 48.94
N HIS D 95 -13.27 -27.55 47.98
CA HIS D 95 -13.47 -26.18 47.48
C HIS D 95 -14.09 -25.38 48.63
N LYS D 96 -13.40 -24.32 49.08
CA LYS D 96 -13.80 -23.49 50.22
C LYS D 96 -15.21 -22.86 50.10
N SER D 97 -15.64 -22.52 48.87
CA SER D 97 -16.93 -21.89 48.59
C SER D 97 -18.08 -22.91 48.43
N THR D 98 -17.92 -23.90 47.53
CA THR D 98 -18.96 -24.90 47.23
C THR D 98 -19.00 -26.06 48.25
N ARG D 99 -17.89 -26.29 48.97
CA ARG D 99 -17.68 -27.36 49.97
C ARG D 99 -17.55 -28.75 49.35
N LYS D 100 -17.48 -28.80 48.00
CA LYS D 100 -17.34 -30.02 47.21
C LYS D 100 -15.94 -30.61 47.34
N VAL D 101 -15.85 -31.95 47.38
CA VAL D 101 -14.61 -32.72 47.55
C VAL D 101 -14.09 -33.27 46.20
N TYR D 102 -12.81 -33.01 45.90
CA TYR D 102 -12.15 -33.43 44.66
C TYR D 102 -10.73 -33.94 44.93
N ALA D 103 -10.10 -34.50 43.88
CA ALA D 103 -8.70 -34.91 43.87
C ALA D 103 -8.01 -33.93 42.92
N MET D 104 -7.04 -33.16 43.42
CA MET D 104 -6.33 -32.16 42.63
C MET D 104 -4.91 -32.57 42.32
N LYS D 105 -4.60 -32.73 41.02
CA LYS D 105 -3.26 -33.08 40.54
C LYS D 105 -2.49 -31.79 40.22
N LEU D 106 -1.26 -31.71 40.73
CA LEU D 106 -0.36 -30.57 40.52
C LEU D 106 0.82 -31.02 39.67
N LEU D 107 1.12 -30.28 38.59
CA LEU D 107 2.25 -30.58 37.71
C LEU D 107 3.20 -29.39 37.70
N SER D 108 4.47 -29.62 38.13
CA SER D 108 5.53 -28.62 38.23
C SER D 108 6.00 -28.12 36.88
N LYS D 109 5.83 -26.81 36.63
CA LYS D 109 6.27 -26.17 35.37
C LYS D 109 7.80 -26.12 35.30
N PHE D 110 8.47 -25.93 36.46
CA PHE D 110 9.93 -25.89 36.56
C PHE D 110 10.53 -27.23 36.09
N GLU D 111 10.01 -28.36 36.59
CA GLU D 111 10.41 -29.71 36.24
C GLU D 111 10.11 -30.06 34.79
N MET D 112 8.95 -29.62 34.27
CA MET D 112 8.54 -29.85 32.88
C MET D 112 9.48 -29.18 31.87
N ILE D 113 9.88 -27.93 32.15
CA ILE D 113 10.81 -27.14 31.33
C ILE D 113 12.25 -27.71 31.48
N LYS D 114 12.65 -28.08 32.72
CA LYS D 114 13.96 -28.64 33.05
C LYS D 114 14.22 -29.96 32.31
N ARG D 115 13.21 -30.85 32.31
CA ARG D 115 13.30 -32.18 31.69
C ARG D 115 12.88 -32.20 30.23
N SER D 116 12.54 -31.03 29.65
CA SER D 116 12.07 -30.85 28.27
C SER D 116 10.88 -31.77 27.97
N ASP D 117 9.92 -31.81 28.92
CA ASP D 117 8.73 -32.64 28.85
C ASP D 117 7.52 -31.84 29.30
N SER D 118 7.07 -30.91 28.42
CA SER D 118 5.97 -29.98 28.68
C SER D 118 4.84 -30.03 27.64
N ALA D 119 4.61 -31.19 27.00
CA ALA D 119 3.53 -31.31 26.01
C ALA D 119 2.75 -32.62 26.09
N PHE D 120 2.95 -33.38 27.17
CA PHE D 120 2.35 -34.70 27.39
C PHE D 120 0.90 -34.70 27.92
N PHE D 121 0.48 -33.61 28.57
CA PHE D 121 -0.80 -33.46 29.27
C PHE D 121 -2.02 -33.08 28.41
N TRP D 122 -1.83 -32.76 27.10
CA TRP D 122 -2.90 -32.29 26.21
C TRP D 122 -4.00 -33.33 25.95
N GLU D 123 -3.61 -34.57 25.69
CA GLU D 123 -4.55 -35.67 25.45
C GLU D 123 -5.34 -35.99 26.72
N GLU D 124 -4.67 -35.99 27.90
CA GLU D 124 -5.27 -36.23 29.22
C GLU D 124 -6.37 -35.23 29.52
N ARG D 125 -6.08 -33.94 29.29
CA ARG D 125 -7.00 -32.82 29.48
C ARG D 125 -8.25 -33.01 28.60
N ASP D 126 -8.04 -33.38 27.33
CA ASP D 126 -9.11 -33.62 26.34
C ASP D 126 -9.98 -34.83 26.70
N ILE D 127 -9.34 -35.97 27.06
CA ILE D 127 -10.02 -37.20 27.44
C ILE D 127 -10.82 -36.98 28.73
N MET D 128 -10.16 -36.58 29.83
CA MET D 128 -10.81 -36.36 31.12
C MET D 128 -11.92 -35.31 31.12
N ALA D 129 -11.76 -34.23 30.33
CA ALA D 129 -12.74 -33.15 30.24
C ALA D 129 -13.92 -33.43 29.32
N PHE D 130 -13.69 -34.14 28.20
CA PHE D 130 -14.76 -34.35 27.21
C PHE D 130 -15.19 -35.81 26.98
N ALA D 131 -14.65 -36.78 27.72
CA ALA D 131 -15.04 -38.19 27.56
C ALA D 131 -16.52 -38.43 27.84
N ASN D 132 -17.03 -37.88 28.99
CA ASN D 132 -18.42 -38.06 29.47
C ASN D 132 -18.76 -39.57 29.51
N SER D 133 -17.81 -40.35 30.06
CA SER D 133 -17.88 -41.81 30.14
C SER D 133 -17.80 -42.28 31.59
N PRO D 134 -18.57 -43.32 31.99
CA PRO D 134 -18.46 -43.83 33.38
C PRO D 134 -17.15 -44.59 33.63
N TRP D 135 -16.33 -44.75 32.58
CA TRP D 135 -15.04 -45.47 32.61
C TRP D 135 -13.83 -44.53 32.72
N VAL D 136 -14.06 -43.23 32.60
CA VAL D 136 -13.01 -42.20 32.63
C VAL D 136 -13.25 -41.27 33.82
N VAL D 137 -12.19 -41.01 34.62
CA VAL D 137 -12.22 -40.08 35.76
C VAL D 137 -12.45 -38.68 35.15
N GLN D 138 -13.49 -37.98 35.62
CA GLN D 138 -13.86 -36.67 35.10
C GLN D 138 -13.00 -35.52 35.59
N LEU D 139 -12.65 -34.60 34.67
CA LEU D 139 -11.94 -33.36 34.93
C LEU D 139 -13.00 -32.26 35.00
N PHE D 140 -13.16 -31.64 36.17
CA PHE D 140 -14.12 -30.57 36.35
C PHE D 140 -13.49 -29.23 36.00
N TYR D 141 -12.25 -29.00 36.45
CA TYR D 141 -11.53 -27.75 36.17
C TYR D 141 -10.05 -27.99 35.98
N ALA D 142 -9.47 -27.23 35.05
CA ALA D 142 -8.03 -27.20 34.79
C ALA D 142 -7.67 -25.72 34.86
N PHE D 143 -6.68 -25.39 35.69
CA PHE D 143 -6.23 -24.03 35.87
C PHE D 143 -4.73 -24.03 36.11
N GLN D 144 -4.11 -22.85 36.23
CA GLN D 144 -2.68 -22.71 36.37
C GLN D 144 -2.25 -21.37 36.95
N ASP D 145 -1.03 -21.34 37.51
CA ASP D 145 -0.32 -20.14 37.97
C ASP D 145 1.07 -20.19 37.33
N ASP D 146 2.00 -19.31 37.73
CA ASP D 146 3.36 -19.29 37.16
C ASP D 146 4.21 -20.52 37.53
N ARG D 147 3.80 -21.29 38.55
CA ARG D 147 4.54 -22.44 39.06
C ARG D 147 3.94 -23.81 38.72
N TYR D 148 2.61 -23.95 38.74
CA TYR D 148 1.96 -25.25 38.51
C TYR D 148 0.80 -25.23 37.56
N LEU D 149 0.47 -26.44 37.04
CA LEU D 149 -0.74 -26.77 36.28
C LEU D 149 -1.57 -27.53 37.32
N TYR D 150 -2.87 -27.22 37.41
CA TYR D 150 -3.77 -27.84 38.38
C TYR D 150 -4.90 -28.55 37.68
N MET D 151 -5.22 -29.78 38.12
CA MET D 151 -6.29 -30.58 37.55
C MET D 151 -7.26 -31.05 38.63
N VAL D 152 -8.42 -30.39 38.70
CA VAL D 152 -9.49 -30.68 39.67
C VAL D 152 -10.34 -31.81 39.09
N MET D 153 -10.09 -33.05 39.56
CA MET D 153 -10.72 -34.28 39.08
C MET D 153 -11.67 -34.87 40.12
N GLU D 154 -12.52 -35.83 39.72
CA GLU D 154 -13.42 -36.51 40.65
C GLU D 154 -12.64 -37.46 41.57
N TYR D 155 -13.00 -37.47 42.86
CA TYR D 155 -12.35 -38.32 43.85
C TYR D 155 -12.84 -39.77 43.73
N MET D 156 -11.88 -40.71 43.69
CA MET D 156 -12.11 -42.15 43.59
C MET D 156 -11.76 -42.76 44.94
N PRO D 157 -12.74 -42.86 45.88
CA PRO D 157 -12.42 -43.30 47.25
C PRO D 157 -12.00 -44.76 47.45
N GLY D 158 -12.19 -45.61 46.45
CA GLY D 158 -11.83 -47.03 46.50
C GLY D 158 -10.36 -47.34 46.35
N GLY D 159 -9.58 -46.34 45.92
CA GLY D 159 -8.15 -46.48 45.69
C GLY D 159 -7.81 -47.17 44.39
N ASP D 160 -6.53 -47.54 44.19
CA ASP D 160 -6.11 -48.21 42.96
C ASP D 160 -6.07 -49.75 43.08
N LEU D 161 -5.93 -50.44 41.94
CA LEU D 161 -5.92 -51.91 41.86
C LEU D 161 -4.62 -52.55 42.37
N VAL D 162 -3.52 -51.76 42.49
CA VAL D 162 -2.24 -52.21 43.05
C VAL D 162 -2.46 -52.44 44.56
N ASN D 163 -3.20 -51.52 45.20
CA ASN D 163 -3.59 -51.56 46.62
C ASN D 163 -4.54 -52.73 46.91
N LEU D 164 -5.47 -53.01 45.96
CA LEU D 164 -6.43 -54.12 46.07
C LEU D 164 -5.70 -55.47 45.99
N MET D 165 -4.78 -55.60 45.01
CA MET D 165 -3.97 -56.81 44.79
C MET D 165 -3.03 -57.11 45.95
N SER D 166 -2.61 -56.07 46.71
CA SER D 166 -1.73 -56.19 47.87
C SER D 166 -2.50 -56.53 49.15
N ASN D 167 -3.79 -56.15 49.21
CA ASN D 167 -4.67 -56.38 50.35
C ASN D 167 -5.57 -57.63 50.21
N TYR D 168 -5.63 -58.22 49.00
CA TYR D 168 -6.48 -59.38 48.73
C TYR D 168 -5.80 -60.43 47.87
N ASP D 169 -6.15 -61.72 48.11
CA ASP D 169 -5.70 -62.85 47.30
C ASP D 169 -6.85 -62.98 46.28
N VAL D 170 -6.69 -62.26 45.15
CA VAL D 170 -7.68 -62.12 44.08
C VAL D 170 -8.09 -63.46 43.42
N PRO D 171 -9.35 -63.91 43.62
CA PRO D 171 -9.81 -65.13 42.93
C PRO D 171 -10.13 -64.84 41.46
N GLU D 172 -10.36 -65.88 40.64
CA GLU D 172 -10.64 -65.74 39.22
C GLU D 172 -11.93 -64.97 38.89
N LYS D 173 -12.95 -65.08 39.75
CA LYS D 173 -14.23 -64.38 39.61
C LYS D 173 -14.05 -62.87 39.68
N TRP D 174 -13.16 -62.40 40.58
CA TRP D 174 -12.81 -60.99 40.78
C TRP D 174 -11.97 -60.52 39.59
N ALA D 175 -10.96 -61.34 39.21
CA ALA D 175 -10.09 -61.07 38.06
C ALA D 175 -10.89 -60.90 36.77
N ARG D 176 -11.95 -61.74 36.58
CA ARG D 176 -12.87 -61.70 35.43
C ARG D 176 -13.62 -60.36 35.39
N PHE D 177 -14.06 -59.86 36.56
CA PHE D 177 -14.79 -58.60 36.71
C PHE D 177 -13.92 -57.40 36.32
N TYR D 178 -12.72 -57.26 36.95
CA TYR D 178 -11.80 -56.14 36.70
C TYR D 178 -11.24 -56.13 35.29
N THR D 179 -10.95 -57.31 34.70
CA THR D 179 -10.44 -57.42 33.33
C THR D 179 -11.50 -56.93 32.33
N ALA D 180 -12.78 -57.31 32.54
CA ALA D 180 -13.92 -56.90 31.70
C ALA D 180 -14.20 -55.40 31.77
N GLU D 181 -14.00 -54.79 32.96
CA GLU D 181 -14.18 -53.35 33.19
C GLU D 181 -13.06 -52.56 32.49
N VAL D 182 -11.84 -53.13 32.42
CA VAL D 182 -10.67 -52.55 31.72
C VAL D 182 -10.90 -52.65 30.21
N VAL D 183 -11.42 -53.80 29.71
CA VAL D 183 -11.76 -54.04 28.30
C VAL D 183 -12.78 -52.99 27.80
N LEU D 184 -13.85 -52.75 28.59
CA LEU D 184 -14.89 -51.77 28.28
C LEU D 184 -14.36 -50.33 28.38
N ALA D 185 -13.51 -50.06 29.40
CA ALA D 185 -12.87 -48.75 29.61
C ALA D 185 -11.93 -48.39 28.46
N LEU D 186 -11.11 -49.36 28.00
CA LEU D 186 -10.18 -49.19 26.89
C LEU D 186 -10.88 -49.04 25.56
N ASP D 187 -12.01 -49.74 25.38
CA ASP D 187 -12.81 -49.64 24.15
C ASP D 187 -13.42 -48.24 24.00
N ALA D 188 -13.78 -47.61 25.14
CA ALA D 188 -14.31 -46.24 25.17
C ALA D 188 -13.23 -45.24 24.72
N ILE D 189 -11.96 -45.48 25.14
CA ILE D 189 -10.79 -44.68 24.78
C ILE D 189 -10.47 -44.83 23.28
N HIS D 190 -10.53 -46.08 22.76
CA HIS D 190 -10.30 -46.40 21.35
C HIS D 190 -11.35 -45.70 20.47
N SER D 191 -12.62 -45.69 20.94
CA SER D 191 -13.76 -45.05 20.27
C SER D 191 -13.59 -43.52 20.17
N MET D 192 -12.81 -42.94 21.09
CA MET D 192 -12.50 -41.51 21.12
C MET D 192 -11.35 -41.16 20.15
N GLY D 193 -10.69 -42.20 19.63
CA GLY D 193 -9.58 -42.07 18.69
C GLY D 193 -8.20 -42.06 19.33
N PHE D 194 -8.06 -42.69 20.51
CA PHE D 194 -6.78 -42.73 21.23
C PHE D 194 -6.35 -44.13 21.57
N ILE D 195 -5.01 -44.32 21.62
CA ILE D 195 -4.35 -45.54 22.07
C ILE D 195 -3.71 -45.11 23.41
N HIS D 196 -3.96 -45.87 24.50
CA HIS D 196 -3.50 -45.55 25.86
C HIS D 196 -1.98 -45.61 26.02
N ARG D 197 -1.35 -46.73 25.61
CA ARG D 197 0.09 -47.05 25.65
C ARG D 197 0.73 -47.12 27.07
N ASP D 198 -0.09 -47.08 28.16
CA ASP D 198 0.39 -47.19 29.55
C ASP D 198 -0.66 -47.80 30.48
N VAL D 199 -1.27 -48.90 30.03
CA VAL D 199 -2.29 -49.65 30.77
C VAL D 199 -1.57 -50.41 31.91
N LYS D 200 -1.92 -50.06 33.15
CA LYS D 200 -1.35 -50.67 34.37
C LYS D 200 -2.29 -50.48 35.57
N PRO D 201 -2.28 -51.40 36.57
CA PRO D 201 -3.21 -51.27 37.72
C PRO D 201 -3.07 -50.02 38.60
N ASP D 202 -1.93 -49.29 38.47
CA ASP D 202 -1.65 -48.05 39.21
C ASP D 202 -2.61 -46.92 38.78
N ASN D 203 -2.97 -46.88 37.48
CA ASN D 203 -3.87 -45.88 36.89
C ASN D 203 -5.34 -46.36 36.82
N MET D 204 -5.64 -47.53 37.42
CA MET D 204 -7.00 -48.08 37.48
C MET D 204 -7.54 -47.81 38.88
N LEU D 205 -8.49 -46.88 38.99
CA LEU D 205 -9.09 -46.49 40.27
C LEU D 205 -10.52 -46.95 40.43
N LEU D 206 -10.97 -47.10 41.68
CA LEU D 206 -12.33 -47.55 42.03
C LEU D 206 -13.11 -46.43 42.70
N ASP D 207 -14.41 -46.28 42.34
CA ASP D 207 -15.31 -45.28 42.91
C ASP D 207 -15.94 -45.77 44.23
N LYS D 208 -16.93 -45.01 44.77
CA LYS D 208 -17.62 -45.36 46.03
C LYS D 208 -18.39 -46.70 45.97
N SER D 209 -18.73 -47.18 44.75
CA SER D 209 -19.45 -48.44 44.55
C SER D 209 -18.52 -49.62 44.20
N GLY D 210 -17.24 -49.31 44.02
CA GLY D 210 -16.21 -50.30 43.70
C GLY D 210 -16.00 -50.58 42.23
N HIS D 211 -16.53 -49.72 41.35
CA HIS D 211 -16.38 -49.89 39.90
C HIS D 211 -15.19 -49.13 39.35
N LEU D 212 -14.52 -49.75 38.38
CA LEU D 212 -13.30 -49.25 37.74
C LEU D 212 -13.50 -48.01 36.86
N LYS D 213 -12.46 -47.16 36.85
CA LYS D 213 -12.29 -45.96 36.03
C LYS D 213 -10.81 -45.79 35.75
N LEU D 214 -10.45 -45.42 34.50
CA LEU D 214 -9.07 -45.14 34.14
C LEU D 214 -8.77 -43.71 34.60
N ALA D 215 -7.62 -43.48 35.23
CA ALA D 215 -7.30 -42.18 35.83
C ALA D 215 -6.10 -41.43 35.26
N ASP D 216 -5.22 -42.11 34.51
CA ASP D 216 -4.04 -41.46 33.91
C ASP D 216 -4.04 -41.71 32.41
N PHE D 217 -3.77 -40.65 31.63
CA PHE D 217 -3.79 -40.67 30.17
C PHE D 217 -2.57 -39.91 29.59
N GLY D 218 -1.48 -39.88 30.34
CA GLY D 218 -0.24 -39.19 30.03
C GLY D 218 0.56 -39.66 28.84
N THR D 219 0.29 -40.88 28.33
CA THR D 219 0.99 -41.43 27.14
C THR D 219 0.04 -41.63 25.94
N CYS D 220 -1.22 -41.15 26.06
CA CYS D 220 -2.24 -41.27 25.00
C CYS D 220 -1.82 -40.58 23.73
N MET D 221 -2.12 -41.20 22.59
CA MET D 221 -1.81 -40.66 21.28
C MET D 221 -2.99 -40.82 20.33
N LYS D 222 -3.32 -39.74 19.59
CA LYS D 222 -4.43 -39.76 18.65
C LYS D 222 -4.10 -40.60 17.41
N MET D 223 -5.05 -41.44 17.01
CA MET D 223 -4.97 -42.33 15.86
C MET D 223 -5.37 -41.56 14.60
N ASN D 224 -5.05 -42.14 13.43
CA ASN D 224 -5.41 -41.58 12.12
C ASN D 224 -6.73 -42.24 11.67
N LYS D 225 -7.10 -42.13 10.37
CA LYS D 225 -8.34 -42.71 9.84
C LYS D 225 -8.34 -44.26 9.90
N GLU D 226 -7.16 -44.88 9.66
CA GLU D 226 -7.00 -46.35 9.68
C GLU D 226 -6.78 -46.93 11.11
N GLY D 227 -6.79 -46.06 12.13
CA GLY D 227 -6.64 -46.42 13.53
C GLY D 227 -5.24 -46.87 13.92
N MET D 228 -4.22 -46.17 13.37
CA MET D 228 -2.79 -46.44 13.56
C MET D 228 -2.06 -45.21 14.05
N VAL D 229 -0.85 -45.40 14.59
CA VAL D 229 0.02 -44.32 15.04
C VAL D 229 1.44 -44.49 14.47
N ARG D 230 2.07 -43.35 14.11
CA ARG D 230 3.45 -43.28 13.63
C ARG D 230 4.26 -42.69 14.77
N CYS D 231 5.09 -43.52 15.41
CA CYS D 231 5.90 -43.11 16.57
C CYS D 231 7.15 -43.94 16.67
N ASP D 232 8.33 -43.28 16.83
CA ASP D 232 9.62 -43.97 16.96
C ASP D 232 10.26 -43.77 18.35
N THR D 233 9.42 -43.64 19.39
CA THR D 233 9.83 -43.48 20.78
C THR D 233 9.07 -44.47 21.66
N ALA D 234 9.80 -45.27 22.46
CA ALA D 234 9.18 -46.24 23.37
C ALA D 234 8.61 -45.49 24.58
N VAL D 235 7.33 -45.78 24.92
CA VAL D 235 6.59 -45.15 26.02
C VAL D 235 5.99 -46.22 26.93
N GLY D 236 5.79 -45.89 28.20
CA GLY D 236 5.14 -46.80 29.13
C GLY D 236 5.90 -47.18 30.39
N THR D 237 5.60 -48.38 30.87
CA THR D 237 6.13 -49.00 32.08
C THR D 237 6.80 -50.29 31.66
N PRO D 238 8.04 -50.62 32.15
CA PRO D 238 8.72 -51.84 31.66
C PRO D 238 7.93 -53.14 31.71
N ASP D 239 7.16 -53.38 32.80
CA ASP D 239 6.40 -54.62 32.97
C ASP D 239 5.26 -54.80 32.00
N TYR D 240 4.62 -53.71 31.57
CA TYR D 240 3.41 -53.75 30.74
C TYR D 240 3.61 -53.36 29.26
N ILE D 241 4.82 -52.88 28.87
CA ILE D 241 5.18 -52.46 27.49
C ILE D 241 5.15 -53.64 26.47
N SER D 242 4.50 -53.40 25.31
CA SER D 242 4.35 -54.38 24.23
C SER D 242 5.60 -54.47 23.33
N PRO D 243 5.83 -55.62 22.61
CA PRO D 243 7.01 -55.73 21.73
C PRO D 243 7.10 -54.68 20.61
N GLU D 244 5.95 -54.27 20.04
CA GLU D 244 5.87 -53.29 18.95
C GLU D 244 6.26 -51.85 19.36
N VAL D 245 6.01 -51.47 20.64
CA VAL D 245 6.35 -50.14 21.18
C VAL D 245 7.85 -50.11 21.53
N LEU D 246 8.38 -51.24 22.03
CA LEU D 246 9.78 -51.43 22.37
C LEU D 246 10.61 -51.43 21.07
N LYS D 247 10.12 -52.13 20.01
CA LYS D 247 10.72 -52.22 18.67
C LYS D 247 10.74 -50.87 17.95
N SER D 248 9.63 -50.09 18.08
CA SER D 248 9.46 -48.77 17.45
C SER D 248 10.59 -47.78 17.75
N GLN D 249 11.27 -47.94 18.91
CA GLN D 249 12.40 -47.12 19.32
C GLN D 249 13.52 -47.12 18.26
N GLY D 250 13.51 -46.06 17.42
CA GLY D 250 14.47 -45.83 16.36
C GLY D 250 14.33 -46.68 15.10
N GLY D 251 14.29 -45.99 13.96
CA GLY D 251 14.21 -46.56 12.61
C GLY D 251 13.03 -47.47 12.31
N ASP D 252 11.91 -47.28 13.04
CA ASP D 252 10.66 -48.05 12.93
C ASP D 252 9.52 -47.26 13.61
N GLY D 253 8.28 -47.78 13.56
CA GLY D 253 7.17 -47.15 14.26
C GLY D 253 5.83 -47.01 13.58
N TYR D 254 5.05 -48.11 13.57
CA TYR D 254 3.69 -48.16 13.01
C TYR D 254 2.91 -49.28 13.68
N TYR D 255 2.00 -48.90 14.59
CA TYR D 255 1.21 -49.85 15.36
C TYR D 255 -0.19 -49.33 15.68
N GLY D 256 -1.08 -50.25 15.99
CA GLY D 256 -2.47 -49.96 16.30
C GLY D 256 -2.80 -50.01 17.78
N ARG D 257 -4.09 -50.17 18.06
CA ARG D 257 -4.65 -50.24 19.41
C ARG D 257 -4.36 -51.55 20.15
N GLU D 258 -3.97 -52.62 19.42
CA GLU D 258 -3.68 -53.95 19.96
C GLU D 258 -2.52 -53.97 20.98
N CYS D 259 -1.74 -52.88 21.09
CA CYS D 259 -0.67 -52.77 22.08
C CYS D 259 -1.24 -52.62 23.50
N ASP D 260 -2.48 -52.07 23.60
CA ASP D 260 -3.21 -51.91 24.86
C ASP D 260 -3.76 -53.24 25.32
N TRP D 261 -4.07 -54.15 24.38
CA TRP D 261 -4.58 -55.49 24.68
C TRP D 261 -3.49 -56.39 25.25
N TRP D 262 -2.23 -56.15 24.86
CA TRP D 262 -1.05 -56.85 25.39
C TRP D 262 -0.98 -56.59 26.90
N SER D 263 -1.07 -55.30 27.29
CA SER D 263 -1.02 -54.85 28.68
C SER D 263 -2.16 -55.40 29.55
N VAL D 264 -3.34 -55.73 28.95
CA VAL D 264 -4.49 -56.36 29.61
C VAL D 264 -4.10 -57.80 30.01
N GLY D 265 -3.39 -58.49 29.12
CA GLY D 265 -2.87 -59.84 29.33
C GLY D 265 -1.87 -59.90 30.46
N VAL D 266 -1.00 -58.87 30.54
CA VAL D 266 0.02 -58.68 31.59
C VAL D 266 -0.70 -58.45 32.94
N PHE D 267 -1.72 -57.58 32.95
CA PHE D 267 -2.53 -57.25 34.13
C PHE D 267 -3.32 -58.46 34.64
N LEU D 268 -3.90 -59.28 33.73
CA LEU D 268 -4.64 -60.49 34.08
C LEU D 268 -3.71 -61.55 34.68
N TYR D 269 -2.50 -61.71 34.11
CA TYR D 269 -1.48 -62.63 34.61
C TYR D 269 -1.07 -62.23 36.02
N GLU D 270 -0.76 -60.93 36.22
CA GLU D 270 -0.33 -60.36 37.50
C GLU D 270 -1.38 -60.54 38.59
N MET D 271 -2.66 -60.42 38.23
CA MET D 271 -3.79 -60.56 39.14
C MET D 271 -3.96 -61.98 39.65
N LEU D 272 -3.75 -62.97 38.77
CA LEU D 272 -3.93 -64.41 39.07
C LEU D 272 -2.67 -65.09 39.63
N VAL D 273 -1.47 -64.65 39.22
CA VAL D 273 -0.20 -65.24 39.64
C VAL D 273 0.40 -64.50 40.86
N GLY D 274 0.30 -63.18 40.88
CA GLY D 274 0.84 -62.36 41.96
C GLY D 274 2.15 -61.68 41.59
N ASP D 275 2.63 -61.95 40.36
CA ASP D 275 3.86 -61.40 39.78
C ASP D 275 3.61 -61.11 38.31
N THR D 276 4.36 -60.16 37.73
CA THR D 276 4.27 -59.81 36.30
C THR D 276 4.90 -60.94 35.47
N PRO D 277 4.40 -61.24 34.25
CA PRO D 277 4.97 -62.36 33.46
C PRO D 277 6.42 -62.22 33.05
N PHE D 278 6.89 -60.99 32.85
CA PHE D 278 8.26 -60.72 32.40
C PHE D 278 9.11 -60.04 33.49
N TYR D 279 8.78 -60.31 34.76
CA TYR D 279 9.50 -59.79 35.92
C TYR D 279 10.93 -60.31 35.96
N ALA D 280 11.84 -59.42 36.32
CA ALA D 280 13.26 -59.70 36.51
C ALA D 280 13.79 -58.75 37.57
N ASP D 281 14.73 -59.22 38.41
CA ASP D 281 15.35 -58.46 39.49
C ASP D 281 16.11 -57.23 38.98
N SER D 282 16.66 -57.31 37.76
CA SER D 282 17.29 -56.18 37.05
C SER D 282 16.25 -55.76 36.00
N LEU D 283 15.82 -54.47 35.97
CA LEU D 283 14.74 -54.03 35.08
C LEU D 283 15.05 -54.23 33.61
N VAL D 284 16.32 -54.19 33.33
CA VAL D 284 16.92 -54.34 32.04
C VAL D 284 16.56 -55.71 31.39
N GLY D 285 16.43 -56.75 32.22
CA GLY D 285 16.06 -58.11 31.80
C GLY D 285 14.64 -58.24 31.29
N THR D 286 13.70 -57.45 31.87
CA THR D 286 12.28 -57.40 31.48
C THR D 286 12.10 -57.13 29.98
N TYR D 287 12.84 -56.16 29.43
CA TYR D 287 12.84 -55.78 28.01
C TYR D 287 13.11 -56.98 27.10
N SER D 288 14.15 -57.79 27.44
CA SER D 288 14.54 -59.00 26.70
C SER D 288 13.47 -60.10 26.81
N LYS D 289 12.88 -60.27 28.00
CA LYS D 289 11.81 -61.23 28.26
C LYS D 289 10.56 -60.94 27.42
N ILE D 290 10.22 -59.65 27.21
CA ILE D 290 9.08 -59.20 26.38
C ILE D 290 9.33 -59.57 24.90
N MET D 291 10.56 -59.31 24.39
CA MET D 291 10.94 -59.63 23.01
C MET D 291 10.96 -61.15 22.78
N ASN D 292 11.37 -61.91 23.81
CA ASN D 292 11.45 -63.37 23.80
C ASN D 292 10.24 -64.01 24.49
N HIS D 293 9.05 -63.38 24.40
CA HIS D 293 7.80 -63.83 25.02
C HIS D 293 7.39 -65.27 24.62
N LYS D 294 7.80 -65.71 23.41
CA LYS D 294 7.55 -67.05 22.87
C LYS D 294 8.14 -68.14 23.76
N ASN D 295 9.30 -67.86 24.42
CA ASN D 295 10.00 -68.80 25.29
C ASN D 295 10.03 -68.39 26.78
N SER D 296 9.84 -67.09 27.08
CA SER D 296 9.89 -66.56 28.44
C SER D 296 8.58 -66.65 29.22
N LEU D 297 7.41 -66.68 28.53
CA LEU D 297 6.12 -66.79 29.20
C LEU D 297 5.89 -68.19 29.77
N THR D 298 5.91 -68.29 31.11
CA THR D 298 5.73 -69.53 31.86
C THR D 298 4.72 -69.36 32.98
N PHE D 299 3.87 -70.37 33.19
CA PHE D 299 2.91 -70.39 34.29
C PHE D 299 3.48 -71.25 35.43
N PRO D 300 3.34 -70.83 36.72
CA PRO D 300 3.94 -71.60 37.82
C PRO D 300 3.42 -73.03 37.96
N ASP D 301 4.32 -73.95 38.38
CA ASP D 301 4.08 -75.38 38.57
C ASP D 301 2.80 -75.69 39.38
N ASP D 302 2.54 -74.90 40.44
CA ASP D 302 1.33 -74.99 41.26
C ASP D 302 0.26 -74.18 40.51
N ASN D 303 -0.24 -74.75 39.39
CA ASN D 303 -1.20 -74.14 38.48
C ASN D 303 -2.66 -74.25 38.97
N ASP D 304 -3.09 -73.22 39.71
CA ASP D 304 -4.46 -73.11 40.24
C ASP D 304 -5.33 -72.37 39.20
N ILE D 305 -4.68 -71.75 38.19
CA ILE D 305 -5.27 -70.97 37.10
C ILE D 305 -6.06 -71.88 36.16
N SER D 306 -7.24 -71.42 35.72
CA SER D 306 -8.11 -72.17 34.81
C SER D 306 -7.54 -72.20 33.40
N LYS D 307 -7.97 -73.20 32.60
CA LYS D 307 -7.51 -73.40 31.22
C LYS D 307 -7.86 -72.20 30.34
N GLU D 308 -9.09 -71.67 30.47
CA GLU D 308 -9.56 -70.52 29.68
C GLU D 308 -8.94 -69.20 30.11
N ALA D 309 -8.46 -69.11 31.38
CA ALA D 309 -7.78 -67.93 31.91
C ALA D 309 -6.38 -67.88 31.30
N LYS D 310 -5.68 -69.04 31.21
CA LYS D 310 -4.36 -69.20 30.60
C LYS D 310 -4.45 -68.92 29.10
N ASN D 311 -5.54 -69.36 28.43
CA ASN D 311 -5.78 -69.17 27.00
C ASN D 311 -5.92 -67.70 26.64
N LEU D 312 -6.58 -66.89 27.50
CA LEU D 312 -6.76 -65.45 27.30
C LEU D 312 -5.42 -64.72 27.42
N ILE D 313 -4.64 -65.03 28.47
CA ILE D 313 -3.32 -64.45 28.74
C ILE D 313 -2.41 -64.71 27.54
N CYS D 314 -2.40 -65.95 27.02
CA CYS D 314 -1.62 -66.36 25.84
C CYS D 314 -2.12 -65.74 24.54
N ALA D 315 -3.44 -65.47 24.42
CA ALA D 315 -4.05 -64.85 23.24
C ALA D 315 -3.62 -63.38 23.12
N PHE D 316 -3.46 -62.70 24.28
CA PHE D 316 -3.02 -61.30 24.35
C PHE D 316 -1.50 -61.19 24.30
N LEU D 317 -0.77 -62.19 24.84
CA LEU D 317 0.68 -62.16 24.91
C LEU D 317 1.36 -62.87 23.74
N THR D 318 1.02 -62.42 22.52
CA THR D 318 1.56 -62.87 21.24
C THR D 318 1.95 -61.65 20.41
N ASP D 319 2.34 -61.87 19.14
CA ASP D 319 2.70 -60.80 18.23
C ASP D 319 1.48 -60.02 17.73
N ARG D 320 1.69 -58.73 17.42
CA ARG D 320 0.75 -57.72 16.93
C ARG D 320 -0.29 -58.22 15.90
N GLU D 321 0.18 -59.00 14.90
CA GLU D 321 -0.62 -59.51 13.79
C GLU D 321 -1.31 -60.88 14.05
N VAL D 322 -1.34 -61.35 15.31
CA VAL D 322 -1.97 -62.62 15.69
C VAL D 322 -2.61 -62.52 17.10
N ARG D 323 -2.53 -61.31 17.70
CA ARG D 323 -3.04 -60.98 19.02
C ARG D 323 -4.56 -60.82 19.02
N LEU D 324 -5.21 -61.21 20.14
CA LEU D 324 -6.66 -61.07 20.31
C LEU D 324 -6.98 -59.59 20.48
N GLY D 325 -7.85 -59.09 19.60
CA GLY D 325 -8.25 -57.68 19.56
C GLY D 325 -7.73 -56.95 18.35
N ARG D 326 -7.08 -57.67 17.42
CA ARG D 326 -6.52 -57.17 16.16
C ARG D 326 -7.66 -56.71 15.24
N ASN D 327 -8.74 -57.52 15.16
CA ASN D 327 -9.92 -57.27 14.33
C ASN D 327 -10.95 -56.37 15.02
N GLY D 328 -11.03 -56.45 16.35
CA GLY D 328 -11.96 -55.67 17.17
C GLY D 328 -12.17 -56.22 18.58
N VAL D 329 -12.90 -55.44 19.41
CA VAL D 329 -13.19 -55.77 20.81
C VAL D 329 -14.19 -56.95 20.96
N GLU D 330 -15.01 -57.23 19.92
CA GLU D 330 -16.00 -58.31 19.96
C GLU D 330 -15.39 -59.69 20.15
N GLU D 331 -14.23 -59.98 19.53
CA GLU D 331 -13.53 -61.26 19.67
C GLU D 331 -12.99 -61.48 21.10
N ILE D 332 -12.65 -60.37 21.82
CA ILE D 332 -12.18 -60.39 23.21
C ILE D 332 -13.38 -60.71 24.11
N LYS D 333 -14.52 -60.02 23.89
CA LYS D 333 -15.76 -60.20 24.63
C LYS D 333 -16.33 -61.61 24.51
N ARG D 334 -16.18 -62.24 23.32
CA ARG D 334 -16.63 -63.60 23.01
C ARG D 334 -15.76 -64.72 23.60
N HIS D 335 -14.62 -64.40 24.24
CA HIS D 335 -13.73 -65.40 24.84
C HIS D 335 -14.42 -66.15 25.98
N LEU D 336 -14.15 -67.46 26.11
CA LEU D 336 -14.72 -68.34 27.13
C LEU D 336 -14.39 -67.95 28.58
N PHE D 337 -13.32 -67.15 28.79
CA PHE D 337 -12.91 -66.67 30.12
C PHE D 337 -13.98 -65.77 30.73
N PHE D 338 -14.57 -64.90 29.89
CA PHE D 338 -15.63 -63.97 30.28
C PHE D 338 -17.02 -64.62 30.39
N LYS D 339 -17.14 -65.91 30.01
CA LYS D 339 -18.41 -66.64 30.13
C LYS D 339 -18.69 -66.93 31.62
N ASN D 340 -19.74 -66.29 32.13
CA ASN D 340 -20.17 -66.39 33.53
C ASN D 340 -21.69 -66.17 33.65
N ASP D 341 -22.24 -66.51 34.83
CA ASP D 341 -23.66 -66.36 35.12
C ASP D 341 -23.95 -65.25 36.14
N GLN D 342 -22.93 -64.44 36.47
CA GLN D 342 -23.01 -63.32 37.43
C GLN D 342 -23.37 -61.99 36.78
N TRP D 343 -22.76 -61.67 35.63
CA TRP D 343 -22.98 -60.40 34.91
C TRP D 343 -23.01 -60.53 33.38
N ALA D 344 -23.44 -59.44 32.70
CA ALA D 344 -23.48 -59.30 31.24
C ALA D 344 -22.69 -58.03 30.86
N TRP D 345 -22.01 -58.06 29.68
CA TRP D 345 -21.17 -56.97 29.16
C TRP D 345 -21.84 -55.59 29.13
N GLU D 346 -23.11 -55.54 28.71
CA GLU D 346 -23.90 -54.31 28.57
C GLU D 346 -24.42 -53.74 29.90
N THR D 347 -24.45 -54.55 30.97
CA THR D 347 -24.95 -54.14 32.30
C THR D 347 -23.95 -54.43 33.44
N LEU D 348 -22.66 -54.63 33.09
CA LEU D 348 -21.57 -54.94 34.02
C LEU D 348 -21.35 -53.87 35.10
N ARG D 349 -21.41 -52.57 34.74
CA ARG D 349 -21.19 -51.48 35.69
C ARG D 349 -22.38 -51.25 36.65
N ASP D 350 -23.49 -51.97 36.44
CA ASP D 350 -24.70 -51.90 37.26
C ASP D 350 -24.74 -53.00 38.32
N THR D 351 -23.99 -54.09 38.11
CA THR D 351 -23.88 -55.24 39.04
C THR D 351 -23.00 -54.86 40.24
N VAL D 352 -23.12 -55.58 41.36
CA VAL D 352 -22.34 -55.32 42.58
C VAL D 352 -20.89 -55.77 42.39
N ALA D 353 -19.96 -54.83 42.67
CA ALA D 353 -18.52 -55.01 42.58
C ALA D 353 -18.00 -56.01 43.63
N PRO D 354 -16.85 -56.71 43.38
CA PRO D 354 -16.33 -57.67 44.38
C PRO D 354 -15.92 -57.02 45.71
N VAL D 355 -15.37 -55.79 45.66
CA VAL D 355 -14.95 -55.01 46.82
C VAL D 355 -15.66 -53.66 46.78
N VAL D 356 -16.53 -53.41 47.77
CA VAL D 356 -17.27 -52.16 47.91
C VAL D 356 -16.62 -51.39 49.08
N PRO D 357 -16.12 -50.15 48.83
CA PRO D 357 -15.47 -49.38 49.89
C PRO D 357 -16.33 -49.01 51.10
N ASP D 358 -15.79 -49.26 52.30
CA ASP D 358 -16.41 -48.92 53.58
C ASP D 358 -15.99 -47.50 53.92
N LEU D 359 -16.87 -46.51 53.65
CA LEU D 359 -16.55 -45.10 53.86
C LEU D 359 -17.30 -44.46 55.03
N SER D 360 -16.54 -43.80 55.92
CA SER D 360 -17.05 -43.13 57.11
C SER D 360 -17.42 -41.65 56.88
N SER D 361 -16.75 -40.99 55.92
CA SER D 361 -16.98 -39.58 55.56
C SER D 361 -16.67 -39.30 54.09
N ASP D 362 -16.95 -38.06 53.62
CA ASP D 362 -16.69 -37.60 52.25
C ASP D 362 -15.19 -37.34 51.98
N ILE D 363 -14.37 -37.37 53.06
CA ILE D 363 -12.92 -37.16 53.03
C ILE D 363 -12.14 -38.40 53.57
N ASP D 364 -12.77 -39.59 53.48
CA ASP D 364 -12.19 -40.87 53.92
C ASP D 364 -11.11 -41.31 52.92
N THR D 365 -9.85 -41.46 53.40
CA THR D 365 -8.69 -41.84 52.58
C THR D 365 -8.04 -43.16 53.03
N SER D 366 -8.81 -44.06 53.68
CA SER D 366 -8.33 -45.35 54.19
C SER D 366 -7.82 -46.30 53.09
N ASN D 367 -8.32 -46.14 51.85
CA ASN D 367 -7.91 -46.95 50.70
C ASN D 367 -6.68 -46.39 49.97
N PHE D 368 -6.07 -45.34 50.55
CA PHE D 368 -4.87 -44.67 50.05
C PHE D 368 -3.79 -44.69 51.14
N ASP D 369 -2.59 -45.17 50.79
CA ASP D 369 -1.46 -45.25 51.70
C ASP D 369 -0.92 -43.85 52.03
N ASP D 370 -0.36 -43.70 53.25
CA ASP D 370 0.17 -42.44 53.76
C ASP D 370 1.39 -41.96 52.99
N LEU D 371 1.45 -40.65 52.75
CA LEU D 371 2.53 -40.01 52.03
C LEU D 371 3.10 -38.83 52.81
N GLU D 372 4.42 -38.57 52.60
CA GLU D 372 5.16 -37.46 53.20
C GLU D 372 4.49 -36.15 52.73
N GLU D 373 3.59 -35.60 53.59
CA GLU D 373 2.78 -34.41 53.36
C GLU D 373 3.61 -33.17 52.99
N ASP D 374 3.88 -33.02 51.68
CA ASP D 374 4.66 -31.91 51.11
C ASP D 374 3.75 -30.99 50.27
N LYS D 375 4.26 -29.78 49.94
CA LYS D 375 3.55 -28.77 49.16
C LYS D 375 4.23 -28.52 47.80
N GLY D 376 5.56 -28.41 47.83
CA GLY D 376 6.38 -28.17 46.65
C GLY D 376 7.00 -26.79 46.54
N GLU D 377 7.13 -26.07 47.69
CA GLU D 377 7.75 -24.74 47.73
C GLU D 377 9.27 -24.91 47.63
N GLU D 378 9.73 -25.30 46.42
CA GLU D 378 11.13 -25.58 46.11
C GLU D 378 11.64 -24.71 44.96
N GLU D 379 12.26 -25.34 43.94
CA GLU D 379 12.89 -24.70 42.79
C GLU D 379 11.94 -23.86 41.94
N THR D 380 12.43 -22.67 41.54
CA THR D 380 11.71 -21.69 40.73
C THR D 380 12.59 -21.25 39.55
N PHE D 381 11.99 -20.65 38.51
CA PHE D 381 12.75 -20.17 37.35
C PHE D 381 13.60 -18.95 37.72
N PRO D 382 14.88 -18.91 37.31
CA PRO D 382 15.72 -17.72 37.60
C PRO D 382 15.23 -16.49 36.81
N ILE D 383 15.56 -15.28 37.28
CA ILE D 383 15.17 -14.03 36.62
C ILE D 383 15.79 -13.95 35.21
N PRO D 384 14.96 -13.86 34.15
CA PRO D 384 15.50 -13.81 32.79
C PRO D 384 16.21 -12.49 32.45
N LYS D 385 17.29 -12.60 31.67
CA LYS D 385 18.10 -11.47 31.19
C LYS D 385 17.62 -11.06 29.78
N ALA D 386 16.80 -11.95 29.16
CA ALA D 386 16.17 -11.81 27.85
C ALA D 386 14.87 -12.65 27.87
N PHE D 387 14.00 -12.48 26.85
CA PHE D 387 12.74 -13.23 26.77
C PHE D 387 13.00 -14.72 26.57
N VAL D 388 12.50 -15.57 27.50
CA VAL D 388 12.64 -17.03 27.44
C VAL D 388 11.29 -17.71 27.14
N GLY D 389 10.20 -17.11 27.59
CA GLY D 389 8.83 -17.60 27.37
C GLY D 389 8.51 -18.94 28.00
N ASN D 390 8.86 -19.11 29.29
CA ASN D 390 8.64 -20.35 30.04
C ASN D 390 7.18 -20.71 30.27
N GLN D 391 6.27 -19.73 30.12
CA GLN D 391 4.82 -19.93 30.30
C GLN D 391 4.10 -20.34 29.01
N LEU D 392 4.74 -20.14 27.85
CA LEU D 392 4.21 -20.45 26.51
C LEU D 392 3.74 -21.90 26.29
N PRO D 393 4.45 -22.97 26.74
CA PRO D 393 3.90 -24.33 26.50
C PRO D 393 2.60 -24.67 27.24
N PHE D 394 2.18 -23.80 28.19
CA PHE D 394 1.03 -24.00 29.07
C PHE D 394 -0.18 -23.10 28.71
N VAL D 395 -0.06 -22.33 27.62
CA VAL D 395 -1.12 -21.47 27.09
C VAL D 395 -2.21 -22.38 26.48
N GLY D 396 -3.45 -22.19 26.93
CA GLY D 396 -4.60 -22.97 26.50
C GLY D 396 -4.97 -24.14 27.39
N PHE D 397 -4.31 -24.30 28.55
CA PHE D 397 -4.56 -25.39 29.49
C PHE D 397 -5.83 -25.18 30.32
N THR D 398 -6.16 -23.93 30.64
CA THR D 398 -7.33 -23.58 31.45
C THR D 398 -8.64 -24.09 30.82
N TYR D 399 -9.48 -24.71 31.67
CA TYR D 399 -10.76 -25.29 31.31
C TYR D 399 -11.72 -25.20 32.48
N TYR D 400 -12.98 -24.84 32.20
CA TYR D 400 -14.05 -24.79 33.18
C TYR D 400 -15.23 -25.61 32.71
N SER D 401 -15.67 -26.56 33.56
CA SER D 401 -16.82 -27.43 33.34
C SER D 401 -18.10 -26.59 33.27
N ASN D 402 -18.13 -25.42 33.99
CA ASN D 402 -19.23 -24.46 34.05
C ASN D 402 -19.44 -23.81 32.68
C1 B4V E . 12.89 -9.68 -19.06
C2 B4V E . 13.93 -9.31 -18.28
C3 B4V E . 13.79 -9.09 -16.78
C4 B4V E . 12.35 -9.36 -16.27
C6 B4V E . 11.49 -9.90 -18.56
C7 B4V E . 19.80 -10.11 -22.95
C8 B4V E . 19.91 -9.89 -24.32
C9 B4V E . 18.81 -9.52 -25.10
C10 B4V E . 17.56 -9.43 -24.49
C11 B4V E . 17.43 -9.68 -23.11
C12 B4V E . 18.56 -10.04 -22.35
C13 B4V E . 16.13 -9.67 -22.43
C14 B4V E . 20.97 -10.52 -22.10
O16 B4V E . 15.13 -9.93 -23.05
C17 B4V E . 15.01 -9.40 -20.26
C20 B4V E . 24.27 -8.90 -23.15
N22 B4V E . 22.12 -9.61 -22.28
O23 B4V E . 23.27 -10.99 -23.63
N5 B4V E . 11.48 -10.21 -17.11
N15 B4V E . 16.12 -9.38 -21.09
N18 B4V E . 15.06 -9.19 -18.96
S19 B4V E . 13.43 -9.85 -20.72
C21 B4V E . 23.19 -9.92 -23.05
C24 B4V E . 25.40 -8.89 -23.96
N25 B4V E . 26.05 -7.71 -23.69
N26 B4V E . 25.28 -7.05 -22.71
N27 B4V E . 24.25 -7.76 -22.43
C28 B4V E . 25.81 -9.96 -24.94
C29 B4V E . 27.26 -7.22 -24.22
C30 B4V E . 27.82 -5.87 -23.99
N31 B4V E . 28.97 -5.80 -24.60
O32 B4V E . 29.23 -7.05 -25.20
N33 B4V E . 28.14 -7.90 -24.90
N34 B4V E . 27.24 -4.82 -23.30
C35 B4V E . 11.71 -11.66 -16.90
C1 GOL F . 38.67 -28.01 -10.77
O1 GOL F . 38.29 -28.74 -11.93
C2 GOL F . 39.10 -26.61 -11.11
O2 GOL F . 39.60 -25.97 -9.93
C3 GOL F . 37.98 -25.76 -11.70
O3 GOL F . 37.52 -26.29 -12.94
C1 GOL G . 33.43 -23.81 -26.38
O1 GOL G . 34.67 -24.08 -25.76
C2 GOL G . 33.11 -22.33 -26.37
O2 GOL G . 33.09 -21.84 -25.03
C3 GOL G . 34.09 -21.53 -27.20
O3 GOL G . 33.76 -20.15 -27.23
C1 B4V H . -15.44 32.07 -33.89
C2 B4V H . -14.75 33.08 -34.48
C3 B4V H . -14.41 33.09 -35.96
C4 B4V H . -14.76 31.74 -36.64
C6 B4V H . -15.93 30.82 -34.59
C7 B4V H . -14.24 38.41 -29.16
C8 B4V H . -14.09 38.31 -27.78
C9 B4V H . -14.16 37.09 -27.14
C10 B4V H . -14.41 35.93 -27.86
C11 B4V H . -14.55 36.01 -29.26
C12 B4V H . -14.48 37.26 -29.90
C13 B4V H . -14.85 34.82 -30.09
C14 B4V H . -14.16 39.73 -29.88
O16 B4V H . -15.39 33.87 -29.57
C17 B4V H . -14.77 33.91 -32.38
C20 B4V H . -11.52 42.19 -28.60
N22 B4V H . -12.90 40.41 -29.55
O23 B4V H . -13.88 42.16 -28.56
N5 B4V H . -15.89 30.98 -36.07
N15 B4V H . -14.53 34.87 -31.41
N18 B4V H . -14.43 34.05 -33.62
S19 B4V H . -15.62 32.44 -32.18
C21 B4V H . -12.85 41.59 -28.88
C24 B4V H . -11.19 43.13 -27.65
N25 B4V H . -9.85 43.33 -27.76
N26 B4V H . -9.41 42.51 -28.82
N27 B4V H . -10.41 41.85 -29.28
C28 B4V H . -12.13 43.79 -26.66
C29 B4V H . -9.01 44.22 -27.05
C30 B4V H . -7.53 44.21 -27.06
N31 B4V H . -7.11 45.21 -26.35
O32 B4V H . -8.23 45.92 -25.87
N33 B4V H . -9.38 45.26 -26.36
N34 B4V H . -6.71 43.28 -27.70
C35 B4V H . -17.19 31.46 -36.58
C1 B4V I . -0.37 11.41 14.64
C2 B4V I . -1.54 12.00 14.97
C3 B4V I . -1.75 12.69 16.33
C4 B4V I . -0.46 12.77 17.18
C6 B4V I . 0.85 11.37 15.54
C7 B4V I . -5.57 11.72 8.53
C8 B4V I . -5.57 10.76 7.52
C9 B4V I . -4.67 9.70 7.53
C10 B4V I . -3.73 9.61 8.55
C11 B4V I . -3.71 10.58 9.57
C12 B4V I . -4.62 11.64 9.54
C13 B4V I . -2.69 10.53 10.64
C14 B4V I . -6.54 12.87 8.55
O16 B4V I . -1.65 9.95 10.42
C17 B4V I . -2.12 11.28 12.92
C20 B4V I . -9.92 12.05 6.97
N22 B4V I . -7.91 12.43 8.31
O23 B4V I . -7.91 13.01 6.14
N5 B4V I . 0.83 12.49 16.51
N15 B4V I . -2.97 11.17 11.81
N18 B4V I . -2.45 11.92 14.01
S19 B4V I . -0.50 10.73 13.03
C21 B4V I . -8.53 12.55 7.10
C24 B4V I . -10.75 12.05 5.86
N25 B4V I . -11.92 11.46 6.24
N26 B4V I . -11.75 11.08 7.59
N27 B4V I . -10.57 11.42 7.97
C28 B4V I . -10.43 12.62 4.49
C29 B4V I . -13.10 11.20 5.49
C30 B4V I . -14.35 10.61 5.99
N31 B4V I . -15.20 10.55 5.01
O32 B4V I . -14.57 11.08 3.85
N33 B4V I . -13.27 11.47 4.23
N34 B4V I . -14.61 10.19 7.28
C35 B4V I . 1.41 13.71 15.90
C1 B4V J . 5.28 -37.48 32.94
C2 B4V J . 4.16 -38.13 32.54
C3 B4V J . 4.02 -38.73 31.14
C4 B4V J . 5.18 -38.28 30.23
C6 B4V J . 6.52 -37.26 32.10
C7 B4V J . 0.37 -38.77 39.07
C8 B4V J . 0.24 -37.86 40.11
C9 B4V J . 0.95 -36.66 40.10
C10 B4V J . 1.82 -36.36 39.07
C11 B4V J . 1.98 -37.29 38.02
C12 B4V J . 1.27 -38.50 38.04
C13 B4V J . 2.95 -37.06 36.92
C14 B4V J . -0.37 -40.09 39.06
O16 B4V J . 3.98 -36.45 37.13
C17 B4V J . 3.48 -37.57 34.60
C20 B4V J . -3.85 -40.06 40.66
N22 B4V J . -1.81 -39.92 39.31
O23 B4V J . -1.69 -40.67 41.42
N5 B4V J . 6.51 -38.10 30.88
N15 B4V J . 2.65 -37.58 35.71
N18 B4V J . 3.23 -38.19 33.49
S19 B4V J . 5.04 -36.91 34.57
C21 B4V J . -2.38 -40.25 40.50
C24 B4V J . -4.64 -40.19 41.80
N25 B4V J . -5.91 -39.87 41.44
N26 B4V J . -5.87 -39.56 40.07
N27 B4V J . -4.65 -39.66 39.65
C28 B4V J . -4.15 -40.60 43.18
C29 B4V J . -7.10 -39.88 42.21
C30 B4V J . -8.44 -39.49 41.75
N31 B4V J . -9.29 -39.68 42.73
O32 B4V J . -8.57 -40.19 43.84
N33 B4V J . -7.22 -40.31 43.44
N34 B4V J . -8.79 -38.96 40.51
C35 B4V J . 7.19 -39.39 31.13
#